data_7QC1
#
_entry.id   7QC1
#
_cell.length_a   207.210
_cell.length_b   207.210
_cell.length_c   115.850
_cell.angle_alpha   90.000
_cell.angle_beta   90.000
_cell.angle_gamma   90.000
#
_symmetry.space_group_name_H-M   'P 43 21 2'
#
loop_
_entity.id
_entity.type
_entity.pdbx_description
1 polymer 'Proline--tRNA ligase'
2 non-polymer '[(2~{R},3~{S})-2-[3-(7-bromanyl-6-chloranyl-4-oxidanylidene-quinazolin-3-yl)-2-oxidanylidene-propyl]piperidin-3-yl] ~{N}-[4-[[3-(2,3-dihydro-1~{H}-inden-2-ylcarbamoyl)pyrazin-2-yl]carbamoyl]piperazin-1-yl]sulfonylcarbamate'
3 non-polymer 1,2-ETHANEDIOL
4 water water
#
_entity_poly.entity_id   1
_entity_poly.type   'polypeptide(L)'
_entity_poly.pdbx_seq_one_letter_code
;SDNAIASNILGITSKKIENFSDWYTQVIVKSELIEYYDISGCYILRPAAYYIWECVQAFFNKEIKKLNVENSYFPLFVTK
NKLEKEKNHIEGFSPEVAWVTKYGDSNLPEEIAIRPTSETIMYSVFPKWIRSYRDLPLKLNQWNTVVRWEFKQPTPFIRT
REFLWQEGHTAHKNEEEAVKLVFDILDLYRRWYEEYLAVPIIKGIKSEGEKFGGANFTSTAEAFISENGRAIQAATSHYL
GTNFAKMFKIEFEDENEVKQYVHQTSWGCTTRSIGIMIMTHGDDKGLVLPPNVSKYKVVIVPIFYKTTDENAIHSYCKDI
EKILKNAQINCVYDDRASYSPGYKFNHWELRGIPIRIEVGPKDLQNNSCVIVRRDNNEKCNVKKESVLLETQQMLVDIHK
NLFLKAKKKLDDSIVQVTSFSEVMNALNKKKMVLAPWCEDIATEEEIKKETQRLSLNQTNSETTLSGAMKPLCIPLDQPP
MPPNMKCFWSGKPAKRWCLFGRSY
;
_entity_poly.pdbx_strand_id   A,D,I
#
loop_
_chem_comp.id
_chem_comp.type
_chem_comp.name
_chem_comp.formula
9XM non-polymer '[(2~{R},3~{S})-2-[3-(7-bromanyl-6-chloranyl-4-oxidanylidene-quinazolin-3-yl)-2-oxidanylidene-propyl]piperidin-3-yl] ~{N}-[4-[[3-(2,3-dihydro-1~{H}-inden-2-ylcarbamoyl)pyrazin-2-yl]carbamoyl]piperazin-1-yl]sulfonylcarbamate' 'C36 H38 Br Cl N10 O8 S'
EDO non-polymer 1,2-ETHANEDIOL 'C2 H6 O2'
#
# COMPACT_ATOMS: atom_id res chain seq x y z
N ASP A 2 -0.22 -39.55 20.54
CA ASP A 2 -0.41 -38.28 21.22
C ASP A 2 0.78 -37.96 22.11
N ASN A 3 1.91 -38.62 21.82
CA ASN A 3 3.17 -38.35 22.52
C ASN A 3 3.78 -37.05 21.99
N ALA A 4 4.21 -36.19 22.91
CA ALA A 4 4.69 -34.86 22.53
C ALA A 4 5.95 -34.95 21.69
N ILE A 5 6.93 -35.76 22.11
CA ILE A 5 8.21 -35.82 21.41
C ILE A 5 8.02 -36.39 20.01
N ALA A 6 7.26 -37.49 19.89
CA ALA A 6 7.06 -38.08 18.57
C ALA A 6 6.32 -37.12 17.65
N SER A 7 5.32 -36.43 18.17
CA SER A 7 4.60 -35.45 17.37
C SER A 7 5.50 -34.26 17.01
N ASN A 8 6.41 -33.90 17.90
CA ASN A 8 7.30 -32.76 17.64
C ASN A 8 8.31 -33.10 16.54
N ILE A 9 8.86 -34.30 16.58
CA ILE A 9 9.83 -34.70 15.58
C ILE A 9 9.17 -34.89 14.23
N LEU A 10 7.90 -35.32 14.22
CA LEU A 10 7.23 -35.60 12.95
C LEU A 10 6.87 -34.31 12.22
N GLY A 11 6.48 -33.27 12.95
CA GLY A 11 6.12 -31.99 12.35
C GLY A 11 5.14 -32.14 11.21
N ILE A 12 5.40 -31.41 10.13
CA ILE A 12 4.66 -31.59 8.88
C ILE A 12 5.20 -32.83 8.18
N THR A 13 4.31 -33.79 7.90
CA THR A 13 4.69 -35.09 7.35
C THR A 13 4.42 -35.22 5.85
N SER A 14 3.78 -34.25 5.24
CA SER A 14 3.60 -34.23 3.79
C SER A 14 4.54 -33.18 3.22
N LYS A 15 5.25 -33.54 2.15
CA LYS A 15 6.12 -32.59 1.50
C LYS A 15 5.30 -31.65 0.63
N LYS A 16 5.57 -30.34 0.78
CA LYS A 16 4.87 -29.31 0.01
C LYS A 16 4.86 -29.61 -1.48
N ILE A 17 5.96 -30.12 -2.02
CA ILE A 17 6.04 -30.33 -3.46
C ILE A 17 5.35 -31.63 -3.87
N GLU A 18 5.29 -32.62 -2.96
CA GLU A 18 4.76 -33.94 -3.30
C GLU A 18 3.26 -34.05 -3.04
N ASN A 19 2.76 -33.51 -1.93
CA ASN A 19 1.33 -33.57 -1.64
C ASN A 19 0.92 -32.20 -1.09
N PHE A 20 0.70 -31.26 -2.00
CA PHE A 20 0.47 -29.87 -1.63
C PHE A 20 -0.80 -29.72 -0.78
N SER A 21 -1.89 -30.38 -1.17
CA SER A 21 -3.16 -30.24 -0.44
C SER A 21 -3.03 -30.71 1.00
N ASP A 22 -2.44 -31.89 1.21
CA ASP A 22 -2.25 -32.36 2.59
C ASP A 22 -1.21 -31.51 3.32
N TRP A 23 -0.19 -31.03 2.60
CA TRP A 23 0.80 -30.16 3.22
C TRP A 23 0.14 -28.90 3.80
N TYR A 24 -0.77 -28.31 3.03
CA TYR A 24 -1.42 -27.06 3.45
C TYR A 24 -2.31 -27.29 4.67
N THR A 25 -3.09 -28.37 4.68
CA THR A 25 -3.97 -28.66 5.82
C THR A 25 -3.17 -28.86 7.10
N GLN A 26 -2.09 -29.64 7.03
CA GLN A 26 -1.28 -29.88 8.22
C GLN A 26 -0.70 -28.57 8.77
N VAL A 27 -0.21 -27.69 7.88
CA VAL A 27 0.42 -26.45 8.33
C VAL A 27 -0.57 -25.57 9.08
N ILE A 28 -1.78 -25.38 8.51
CA ILE A 28 -2.71 -24.44 9.13
C ILE A 28 -3.24 -24.98 10.45
N VAL A 29 -3.29 -26.30 10.60
CA VAL A 29 -3.81 -26.90 11.83
C VAL A 29 -2.73 -27.00 12.90
N LYS A 30 -1.53 -27.45 12.53
CA LYS A 30 -0.47 -27.68 13.51
C LYS A 30 0.24 -26.39 13.92
N SER A 31 0.30 -25.38 13.03
CA SER A 31 0.82 -24.08 13.43
C SER A 31 -0.22 -23.24 14.16
N GLU A 32 -1.39 -23.81 14.45
CA GLU A 32 -2.41 -23.23 15.33
C GLU A 32 -3.04 -21.98 14.70
N LEU A 33 -3.27 -22.03 13.39
CA LEU A 33 -3.90 -20.93 12.65
C LEU A 33 -5.40 -21.12 12.47
N ILE A 34 -5.82 -22.34 12.12
CA ILE A 34 -7.18 -22.65 11.72
C ILE A 34 -7.71 -23.73 12.66
N GLU A 35 -8.99 -23.66 12.98
CA GLU A 35 -9.71 -24.76 13.60
C GLU A 35 -10.99 -25.01 12.80
N TYR A 36 -11.41 -26.26 12.75
CA TYR A 36 -12.56 -26.64 11.95
C TYR A 36 -13.86 -26.45 12.72
N TYR A 37 -14.98 -26.67 12.03
CA TYR A 37 -16.31 -26.34 12.55
C TYR A 37 -17.32 -27.29 11.94
N ASP A 38 -18.47 -27.42 12.62
CA ASP A 38 -19.52 -28.35 12.20
C ASP A 38 -20.44 -27.78 11.11
N ILE A 39 -20.10 -26.65 10.51
CA ILE A 39 -20.76 -26.15 9.31
C ILE A 39 -19.71 -26.10 8.21
N SER A 40 -19.93 -26.86 7.13
CA SER A 40 -18.93 -26.99 6.08
C SER A 40 -18.62 -25.62 5.48
N GLY A 41 -17.34 -25.41 5.16
CA GLY A 41 -16.94 -24.16 4.55
C GLY A 41 -16.79 -23.01 5.51
N CYS A 42 -16.92 -23.25 6.81
CA CYS A 42 -16.70 -22.23 7.84
C CYS A 42 -15.56 -22.69 8.74
N TYR A 43 -14.69 -21.75 9.11
CA TYR A 43 -13.49 -22.07 9.86
C TYR A 43 -13.27 -21.05 10.95
N ILE A 44 -12.62 -21.49 12.03
CA ILE A 44 -12.28 -20.64 13.16
C ILE A 44 -10.91 -20.03 12.90
N LEU A 45 -10.80 -18.72 13.07
CA LEU A 45 -9.50 -18.03 13.07
C LEU A 45 -8.97 -18.01 14.50
N ARG A 46 -7.92 -18.79 14.74
CA ARG A 46 -7.25 -18.79 16.03
C ARG A 46 -6.37 -17.55 16.17
N PRO A 47 -5.89 -17.26 17.37
CA PRO A 47 -5.06 -16.05 17.58
C PRO A 47 -3.93 -15.82 16.56
N ALA A 48 -3.12 -16.82 16.26
CA ALA A 48 -2.00 -16.60 15.35
C ALA A 48 -2.49 -16.18 13.97
N ALA A 49 -3.65 -16.68 13.54
CA ALA A 49 -4.21 -16.25 12.27
C ALA A 49 -4.82 -14.85 12.39
N TYR A 50 -5.58 -14.59 13.45
CA TYR A 50 -6.24 -13.30 13.57
C TYR A 50 -5.23 -12.19 13.81
N TYR A 51 -4.10 -12.51 14.44
CA TYR A 51 -3.04 -11.52 14.59
C TYR A 51 -2.59 -11.00 13.23
N ILE A 52 -2.44 -11.91 12.25
CA ILE A 52 -2.05 -11.50 10.90
C ILE A 52 -3.05 -10.52 10.32
N TRP A 53 -4.35 -10.82 10.49
CA TRP A 53 -5.40 -9.92 9.99
C TRP A 53 -5.33 -8.56 10.68
N GLU A 54 -5.03 -8.54 11.98
CA GLU A 54 -4.88 -7.26 12.67
C GLU A 54 -3.69 -6.46 12.17
N CYS A 55 -2.61 -7.14 11.76
CA CYS A 55 -1.44 -6.41 11.26
C CYS A 55 -1.74 -5.74 9.92
N VAL A 56 -2.29 -6.47 8.95
CA VAL A 56 -2.58 -5.83 7.67
C VAL A 56 -3.71 -4.82 7.82
N GLN A 57 -4.57 -5.00 8.82
CA GLN A 57 -5.66 -4.05 9.02
C GLN A 57 -5.13 -2.72 9.52
N ALA A 58 -4.15 -2.74 10.43
CA ALA A 58 -3.56 -1.50 10.90
C ALA A 58 -2.83 -0.78 9.78
N PHE A 59 -2.17 -1.51 8.89
CA PHE A 59 -1.47 -0.87 7.79
C PHE A 59 -2.45 -0.22 6.82
N PHE A 60 -3.45 -0.99 6.37
CA PHE A 60 -4.40 -0.48 5.40
C PHE A 60 -5.22 0.67 5.97
N ASN A 61 -5.57 0.61 7.26
CA ASN A 61 -6.21 1.76 7.90
C ASN A 61 -5.32 3.00 7.78
N LYS A 62 -4.06 2.89 8.21
CA LYS A 62 -3.16 4.04 8.21
C LYS A 62 -3.05 4.65 6.82
N GLU A 63 -3.15 3.83 5.77
CA GLU A 63 -2.94 4.34 4.42
C GLU A 63 -4.21 4.97 3.86
N ILE A 64 -5.37 4.34 4.05
CA ILE A 64 -6.58 4.92 3.48
C ILE A 64 -7.01 6.18 4.20
N LYS A 65 -6.53 6.41 5.44
CA LYS A 65 -6.75 7.71 6.06
C LYS A 65 -6.05 8.82 5.28
N LYS A 66 -4.87 8.52 4.74
CA LYS A 66 -4.18 9.53 3.93
C LYS A 66 -4.98 9.89 2.69
N LEU A 67 -5.84 8.97 2.24
CA LEU A 67 -6.78 9.25 1.16
C LEU A 67 -8.12 9.78 1.67
N ASN A 68 -8.22 10.07 2.98
CA ASN A 68 -9.44 10.64 3.58
C ASN A 68 -10.61 9.67 3.50
N VAL A 69 -10.30 8.39 3.61
CA VAL A 69 -11.31 7.34 3.66
C VAL A 69 -11.63 7.08 5.13
N GLU A 70 -12.90 7.07 5.47
CA GLU A 70 -13.34 6.89 6.85
C GLU A 70 -14.04 5.56 7.03
N ASN A 71 -13.73 4.88 8.13
CA ASN A 71 -14.39 3.63 8.44
C ASN A 71 -15.82 3.88 8.93
N SER A 72 -16.65 2.85 8.82
CA SER A 72 -18.05 2.91 9.21
C SER A 72 -18.56 1.47 9.33
N TYR A 73 -19.81 1.32 9.76
CA TYR A 73 -20.41 -0.01 9.82
C TYR A 73 -21.88 0.07 9.38
N PHE A 74 -22.26 -0.83 8.47
CA PHE A 74 -23.60 -0.94 7.93
C PHE A 74 -24.20 -2.29 8.33
N PRO A 75 -25.54 -2.40 8.31
CA PRO A 75 -26.18 -3.61 8.84
C PRO A 75 -25.78 -4.90 8.13
N LEU A 76 -25.77 -5.98 8.91
CA LEU A 76 -25.48 -7.30 8.35
C LEU A 76 -26.55 -7.76 7.36
N PHE A 77 -27.77 -7.24 7.47
CA PHE A 77 -28.96 -7.77 6.79
C PHE A 77 -29.43 -6.86 5.66
N VAL A 78 -29.90 -7.47 4.56
CA VAL A 78 -30.56 -6.77 3.47
C VAL A 78 -31.96 -7.36 3.30
N THR A 79 -32.96 -6.48 3.22
CA THR A 79 -34.30 -6.94 2.92
C THR A 79 -34.37 -7.44 1.48
N LYS A 80 -35.19 -8.47 1.25
CA LYS A 80 -35.42 -8.97 -0.10
C LYS A 80 -35.81 -7.82 -1.03
N ASN A 81 -36.63 -6.89 -0.54
CA ASN A 81 -37.07 -5.76 -1.36
C ASN A 81 -35.88 -4.94 -1.85
N LYS A 82 -34.90 -4.70 -0.97
CA LYS A 82 -33.79 -3.82 -1.28
C LYS A 82 -32.68 -4.54 -2.06
N LEU A 83 -32.40 -5.79 -1.71
CA LEU A 83 -31.38 -6.56 -2.41
C LEU A 83 -31.74 -6.76 -3.87
N GLU A 84 -33.02 -7.05 -4.15
CA GLU A 84 -33.47 -7.35 -5.51
C GLU A 84 -33.79 -6.10 -6.32
N LYS A 85 -33.00 -5.05 -6.12
CA LYS A 85 -33.02 -3.85 -6.95
C LYS A 85 -31.67 -3.65 -7.62
N GLU A 86 -31.11 -4.74 -8.16
CA GLU A 86 -29.79 -4.72 -8.80
C GLU A 86 -29.77 -5.58 -10.07
N PRO A 95 -27.89 -15.05 -6.64
CA PRO A 95 -28.90 -15.91 -6.01
C PRO A 95 -28.27 -17.08 -5.26
N GLU A 96 -27.18 -16.79 -4.56
CA GLU A 96 -26.54 -17.72 -3.65
C GLU A 96 -26.42 -17.11 -2.26
N VAL A 97 -27.34 -16.19 -1.95
CA VAL A 97 -27.33 -15.53 -0.65
C VAL A 97 -27.94 -16.46 0.39
N ALA A 98 -27.50 -16.29 1.64
CA ALA A 98 -28.10 -16.97 2.77
C ALA A 98 -29.30 -16.16 3.25
N TRP A 99 -30.45 -16.84 3.42
CA TRP A 99 -31.73 -16.19 3.71
C TRP A 99 -32.19 -16.49 5.12
N VAL A 100 -32.36 -15.45 5.93
CA VAL A 100 -33.06 -15.56 7.21
C VAL A 100 -34.55 -15.43 6.94
N THR A 101 -35.31 -16.46 7.34
CA THR A 101 -36.73 -16.49 7.05
C THR A 101 -37.62 -16.51 8.29
N LYS A 102 -37.08 -16.77 9.47
CA LYS A 102 -37.91 -16.80 10.67
C LYS A 102 -37.09 -16.44 11.91
N TYR A 103 -37.77 -15.91 12.91
CA TYR A 103 -37.23 -15.65 14.24
C TYR A 103 -37.93 -16.55 15.24
N GLY A 104 -37.16 -17.31 16.01
CA GLY A 104 -37.77 -18.32 16.84
C GLY A 104 -38.53 -19.35 16.02
N ASP A 105 -39.85 -19.37 16.15
CA ASP A 105 -40.69 -20.35 15.46
C ASP A 105 -41.70 -19.69 14.52
N SER A 106 -41.58 -18.39 14.27
CA SER A 106 -42.56 -17.67 13.47
C SER A 106 -41.88 -17.09 12.24
N ASN A 107 -42.53 -17.24 11.10
CA ASN A 107 -41.94 -16.81 9.83
C ASN A 107 -41.96 -15.29 9.72
N LEU A 108 -40.90 -14.76 9.11
CA LEU A 108 -40.87 -13.34 8.76
C LEU A 108 -41.77 -13.09 7.56
N PRO A 109 -42.54 -12.00 7.58
CA PRO A 109 -43.34 -11.66 6.39
C PRO A 109 -42.49 -11.34 5.17
N GLU A 110 -41.27 -10.83 5.36
CA GLU A 110 -40.34 -10.61 4.27
C GLU A 110 -38.98 -11.18 4.65
N GLU A 111 -38.46 -12.10 3.83
CA GLU A 111 -37.19 -12.76 4.12
C GLU A 111 -36.03 -11.76 4.14
N ILE A 112 -34.94 -12.18 4.75
CA ILE A 112 -33.81 -11.31 5.09
C ILE A 112 -32.51 -12.00 4.67
N ALA A 113 -31.66 -11.29 3.94
CA ALA A 113 -30.42 -11.86 3.41
C ALA A 113 -29.22 -11.40 4.20
N ILE A 114 -28.27 -12.32 4.42
CA ILE A 114 -26.96 -11.96 4.94
C ILE A 114 -26.18 -11.27 3.84
N ARG A 115 -25.56 -10.16 4.15
CA ARG A 115 -24.85 -9.40 3.11
C ARG A 115 -23.79 -10.29 2.45
N PRO A 116 -23.79 -10.43 1.13
CA PRO A 116 -22.62 -10.99 0.45
C PRO A 116 -21.61 -9.91 0.07
N THR A 117 -22.00 -8.65 0.23
CA THR A 117 -21.32 -7.39 -0.07
C THR A 117 -22.40 -6.33 0.11
N SER A 118 -21.95 -5.11 0.36
CA SER A 118 -22.78 -4.07 0.91
C SER A 118 -23.21 -3.01 -0.11
N GLU A 119 -23.13 -3.34 -1.41
CA GLU A 119 -23.52 -2.39 -2.46
C GLU A 119 -24.93 -1.84 -2.24
N THR A 120 -25.93 -2.73 -2.18
CA THR A 120 -27.31 -2.28 -2.00
C THR A 120 -27.53 -1.66 -0.64
N ILE A 121 -26.86 -2.16 0.41
CA ILE A 121 -27.02 -1.61 1.75
C ILE A 121 -26.57 -0.16 1.80
N MET A 122 -25.43 0.15 1.17
CA MET A 122 -24.86 1.48 1.27
C MET A 122 -25.42 2.42 0.21
N TYR A 123 -25.36 2.01 -1.06
CA TYR A 123 -25.76 2.92 -2.12
C TYR A 123 -27.23 3.34 -1.99
N SER A 124 -28.02 2.58 -1.24
CA SER A 124 -29.42 2.95 -1.01
C SER A 124 -29.56 4.17 -0.11
N VAL A 125 -28.54 4.47 0.69
CA VAL A 125 -28.55 5.65 1.55
C VAL A 125 -27.73 6.80 0.97
N PHE A 126 -26.81 6.52 0.04
CA PHE A 126 -25.98 7.58 -0.53
C PHE A 126 -26.77 8.80 -1.01
N PRO A 127 -27.93 8.68 -1.66
CA PRO A 127 -28.62 9.90 -2.09
C PRO A 127 -28.98 10.84 -0.96
N LYS A 128 -29.19 10.31 0.25
CA LYS A 128 -29.49 11.19 1.38
C LYS A 128 -28.27 11.99 1.82
N TRP A 129 -27.07 11.48 1.56
CA TRP A 129 -25.83 12.12 1.99
C TRP A 129 -25.19 13.03 0.94
N ILE A 130 -25.60 12.91 -0.32
CA ILE A 130 -24.98 13.64 -1.43
C ILE A 130 -26.03 14.55 -2.04
N ARG A 131 -25.85 15.85 -1.89
CA ARG A 131 -26.79 16.83 -2.46
C ARG A 131 -26.15 17.71 -3.52
N SER A 132 -24.95 18.23 -3.26
CA SER A 132 -24.24 19.05 -4.23
C SER A 132 -22.77 18.64 -4.23
N TYR A 133 -21.99 19.30 -5.10
CA TYR A 133 -20.56 18.98 -5.19
C TYR A 133 -19.86 19.17 -3.85
N ARG A 134 -20.39 20.05 -2.98
CA ARG A 134 -19.76 20.28 -1.69
C ARG A 134 -19.73 19.04 -0.83
N ASP A 135 -20.57 18.06 -1.10
CA ASP A 135 -20.61 16.82 -0.36
C ASP A 135 -19.69 15.76 -0.95
N LEU A 136 -18.93 16.10 -1.97
CA LEU A 136 -18.10 15.10 -2.60
C LEU A 136 -16.61 15.43 -2.39
N PRO A 137 -15.73 14.42 -2.41
CA PRO A 137 -16.06 13.00 -2.58
C PRO A 137 -16.49 12.38 -1.26
N LEU A 138 -17.29 11.32 -1.36
CA LEU A 138 -17.70 10.51 -0.22
C LEU A 138 -16.87 9.23 -0.23
N LYS A 139 -16.17 8.95 0.85
CA LYS A 139 -15.20 7.85 0.90
C LYS A 139 -15.44 7.03 2.16
N LEU A 140 -15.91 5.80 2.00
CA LEU A 140 -16.26 4.98 3.15
C LEU A 140 -15.62 3.61 3.05
N ASN A 141 -15.35 3.01 4.21
CA ASN A 141 -14.81 1.66 4.28
C ASN A 141 -15.46 0.91 5.44
N GLN A 142 -15.56 -0.41 5.30
CA GLN A 142 -16.04 -1.28 6.36
C GLN A 142 -15.06 -2.40 6.59
N TRP A 143 -14.98 -2.87 7.83
CA TRP A 143 -14.30 -4.11 8.17
C TRP A 143 -15.39 -5.03 8.72
N ASN A 144 -15.84 -6.00 7.92
CA ASN A 144 -16.96 -6.84 8.31
C ASN A 144 -16.75 -8.26 7.77
N THR A 145 -17.77 -9.08 7.86
CA THR A 145 -17.79 -10.38 7.21
C THR A 145 -18.90 -10.41 6.17
N VAL A 146 -18.72 -11.24 5.16
CA VAL A 146 -19.77 -11.47 4.18
C VAL A 146 -19.96 -12.96 4.02
N VAL A 147 -21.17 -13.35 3.63
CA VAL A 147 -21.54 -14.75 3.50
C VAL A 147 -21.98 -14.99 2.07
N ARG A 148 -21.45 -16.05 1.46
CA ARG A 148 -21.85 -16.47 0.12
C ARG A 148 -21.93 -17.98 0.14
N TRP A 149 -23.16 -18.52 0.05
CA TRP A 149 -23.40 -19.94 0.31
C TRP A 149 -23.24 -20.70 -1.01
N GLU A 150 -22.01 -21.06 -1.32
CA GLU A 150 -21.71 -21.90 -2.47
C GLU A 150 -21.42 -23.32 -2.03
N PHE A 151 -21.58 -24.26 -2.96
CA PHE A 151 -21.33 -25.66 -2.66
C PHE A 151 -20.09 -26.20 -3.36
N LYS A 152 -19.31 -25.32 -3.96
CA LYS A 152 -17.98 -25.72 -4.39
C LYS A 152 -17.14 -26.13 -3.18
N GLN A 153 -16.12 -26.94 -3.45
CA GLN A 153 -15.24 -27.42 -2.39
C GLN A 153 -14.55 -26.25 -1.71
N PRO A 154 -14.69 -26.09 -0.40
CA PRO A 154 -14.05 -24.98 0.31
C PRO A 154 -12.59 -25.27 0.61
N THR A 155 -11.87 -24.21 0.94
CA THR A 155 -10.47 -24.27 1.28
C THR A 155 -10.21 -23.18 2.30
N PRO A 156 -9.61 -23.50 3.44
CA PRO A 156 -9.39 -22.48 4.48
C PRO A 156 -8.69 -21.24 3.93
N PHE A 157 -9.04 -20.10 4.52
CA PHE A 157 -8.56 -18.78 4.13
C PHE A 157 -9.02 -18.33 2.74
N ILE A 158 -8.73 -19.10 1.69
CA ILE A 158 -8.89 -18.55 0.35
C ILE A 158 -10.28 -18.74 -0.27
N ARG A 159 -11.07 -19.71 0.20
CA ARG A 159 -12.36 -20.02 -0.45
C ARG A 159 -13.34 -20.57 0.60
N THR A 160 -14.04 -19.68 1.28
CA THR A 160 -14.87 -20.02 2.41
C THR A 160 -16.24 -19.35 2.30
N ARG A 161 -17.26 -19.98 2.93
CA ARG A 161 -18.63 -19.47 2.84
C ARG A 161 -18.79 -18.15 3.60
N GLU A 162 -18.10 -18.00 4.73
CA GLU A 162 -17.99 -16.74 5.43
C GLU A 162 -16.52 -16.35 5.48
N PHE A 163 -16.23 -15.07 5.28
CA PHE A 163 -14.85 -14.63 5.38
C PHE A 163 -14.78 -13.17 5.79
N LEU A 164 -13.74 -12.82 6.52
CA LEU A 164 -13.47 -11.44 6.88
C LEU A 164 -12.88 -10.70 5.69
N TRP A 165 -13.18 -9.41 5.60
CA TRP A 165 -12.58 -8.58 4.55
C TRP A 165 -12.74 -7.12 4.95
N GLN A 166 -12.21 -6.24 4.10
CA GLN A 166 -12.64 -4.85 4.07
C GLN A 166 -13.30 -4.61 2.72
N GLU A 167 -14.34 -3.78 2.71
CA GLU A 167 -14.91 -3.28 1.47
C GLU A 167 -14.97 -1.76 1.58
N GLY A 168 -14.36 -1.07 0.61
CA GLY A 168 -14.38 0.37 0.53
C GLY A 168 -15.21 0.80 -0.67
N HIS A 169 -15.94 1.91 -0.49
CA HIS A 169 -16.83 2.47 -1.51
C HIS A 169 -16.67 3.98 -1.51
N THR A 170 -16.45 4.56 -2.69
CA THR A 170 -16.31 6.00 -2.83
C THR A 170 -17.21 6.51 -3.95
N ALA A 171 -17.51 7.80 -3.88
CA ALA A 171 -18.26 8.49 -4.92
C ALA A 171 -17.59 9.83 -5.17
N HIS A 172 -17.44 10.19 -6.45
CA HIS A 172 -16.68 11.36 -6.87
C HIS A 172 -17.49 12.19 -7.85
N LYS A 173 -17.08 13.46 -7.99
CA LYS A 173 -17.77 14.39 -8.87
C LYS A 173 -17.50 14.17 -10.36
N ASN A 174 -16.43 13.47 -10.73
CA ASN A 174 -16.16 13.17 -12.14
C ASN A 174 -15.47 11.81 -12.25
N GLU A 175 -15.13 11.46 -13.49
CA GLU A 175 -14.55 10.15 -13.79
C GLU A 175 -13.07 10.09 -13.44
N GLU A 176 -12.29 11.12 -13.77
CA GLU A 176 -10.85 11.02 -13.60
C GLU A 176 -10.48 10.92 -12.13
N GLU A 177 -11.17 11.65 -11.27
CA GLU A 177 -10.83 11.60 -9.86
C GLU A 177 -11.16 10.24 -9.25
N ALA A 178 -12.19 9.56 -9.77
CA ALA A 178 -12.48 8.20 -9.32
C ALA A 178 -11.50 7.19 -9.90
N VAL A 179 -11.17 7.33 -11.19
CA VAL A 179 -10.24 6.39 -11.81
C VAL A 179 -8.88 6.49 -11.16
N LYS A 180 -8.48 7.70 -10.76
CA LYS A 180 -7.22 7.83 -10.04
C LYS A 180 -7.28 7.10 -8.71
N LEU A 181 -8.40 7.21 -7.98
CA LEU A 181 -8.51 6.54 -6.70
C LEU A 181 -8.47 5.03 -6.87
N VAL A 182 -9.09 4.51 -7.94
CA VAL A 182 -9.08 3.06 -8.18
C VAL A 182 -7.65 2.53 -8.19
N PHE A 183 -6.75 3.19 -8.93
CA PHE A 183 -5.39 2.71 -9.03
C PHE A 183 -4.55 3.08 -7.81
N ASP A 184 -4.86 4.18 -7.15
CA ASP A 184 -4.21 4.47 -5.87
C ASP A 184 -4.49 3.37 -4.86
N ILE A 185 -5.74 2.90 -4.79
CA ILE A 185 -6.04 1.82 -3.88
C ILE A 185 -5.33 0.54 -4.30
N LEU A 186 -5.30 0.27 -5.61
CA LEU A 186 -4.65 -0.94 -6.12
C LEU A 186 -3.20 -1.04 -5.65
N ASP A 187 -2.47 0.09 -5.66
CA ASP A 187 -1.09 0.03 -5.21
C ASP A 187 -0.98 -0.19 -3.70
N LEU A 188 -1.98 0.26 -2.94
CA LEU A 188 -2.01 -0.09 -1.51
C LEU A 188 -2.18 -1.59 -1.33
N TYR A 189 -2.94 -2.24 -2.22
CA TYR A 189 -3.03 -3.69 -2.16
C TYR A 189 -1.67 -4.32 -2.47
N ARG A 190 -0.96 -3.76 -3.44
CA ARG A 190 0.40 -4.20 -3.71
C ARG A 190 1.24 -4.14 -2.44
N ARG A 191 1.27 -2.97 -1.80
CA ARG A 191 2.07 -2.80 -0.59
C ARG A 191 1.57 -3.71 0.53
N TRP A 192 0.26 -3.91 0.63
CA TRP A 192 -0.29 -4.89 1.56
C TRP A 192 0.39 -6.24 1.37
N TYR A 193 0.51 -6.71 0.12
CA TYR A 193 1.09 -8.02 -0.13
C TYR A 193 2.62 -8.00 -0.06
N GLU A 194 3.28 -7.02 -0.66
N GLU A 194 3.29 -7.01 -0.67
CA GLU A 194 4.73 -7.01 -0.71
CA GLU A 194 4.75 -7.06 -0.69
C GLU A 194 5.33 -6.67 0.65
C GLU A 194 5.36 -6.66 0.64
N GLU A 195 4.95 -5.51 1.20
CA GLU A 195 5.59 -4.99 2.40
C GLU A 195 5.20 -5.74 3.67
N TYR A 196 4.11 -6.49 3.67
CA TYR A 196 3.68 -7.17 4.89
C TYR A 196 3.64 -8.68 4.76
N LEU A 197 3.20 -9.21 3.62
CA LEU A 197 3.14 -10.66 3.44
C LEU A 197 4.30 -11.16 2.57
N ALA A 198 5.13 -10.27 2.04
CA ALA A 198 6.25 -10.65 1.17
C ALA A 198 5.77 -11.47 -0.02
N VAL A 199 4.57 -11.19 -0.50
CA VAL A 199 3.97 -11.88 -1.63
C VAL A 199 3.97 -10.93 -2.83
N PRO A 200 4.55 -11.31 -3.96
CA PRO A 200 4.47 -10.48 -5.17
C PRO A 200 3.20 -10.72 -5.95
N ILE A 201 2.57 -9.62 -6.40
CA ILE A 201 1.35 -9.67 -7.18
C ILE A 201 1.58 -8.96 -8.51
N ILE A 202 0.65 -9.19 -9.44
CA ILE A 202 0.74 -8.64 -10.79
C ILE A 202 -0.51 -7.79 -11.01
N LYS A 203 -0.34 -6.47 -11.07
CA LYS A 203 -1.46 -5.58 -11.33
C LYS A 203 -1.91 -5.72 -12.77
N GLY A 204 -3.22 -5.65 -12.98
CA GLY A 204 -3.77 -5.79 -14.32
C GLY A 204 -5.21 -5.35 -14.36
N ILE A 205 -5.75 -5.38 -15.58
CA ILE A 205 -7.16 -5.14 -15.83
C ILE A 205 -7.81 -6.48 -16.16
N LYS A 206 -8.97 -6.74 -15.58
CA LYS A 206 -9.66 -7.98 -15.89
C LYS A 206 -10.15 -7.96 -17.32
N SER A 207 -10.35 -9.14 -17.90
CA SER A 207 -10.96 -9.18 -19.22
C SER A 207 -12.44 -8.82 -19.12
N GLU A 208 -13.03 -8.46 -20.25
CA GLU A 208 -14.44 -8.07 -20.26
C GLU A 208 -15.32 -9.16 -19.66
N GLY A 209 -15.00 -10.42 -19.92
CA GLY A 209 -15.77 -11.53 -19.41
C GLY A 209 -15.50 -11.92 -17.98
N GLU A 210 -14.51 -11.32 -17.33
CA GLU A 210 -14.18 -11.68 -15.95
C GLU A 210 -14.29 -10.51 -14.99
N LYS A 211 -14.65 -9.33 -15.45
CA LYS A 211 -14.76 -8.18 -14.57
C LYS A 211 -16.06 -8.25 -13.77
N PHE A 212 -16.15 -7.42 -12.74
CA PHE A 212 -17.38 -7.24 -11.99
C PHE A 212 -18.47 -6.66 -12.89
N GLY A 213 -19.61 -7.34 -12.97
CA GLY A 213 -20.72 -6.94 -13.81
C GLY A 213 -21.17 -5.50 -13.67
N GLY A 214 -21.02 -4.89 -12.49
CA GLY A 214 -21.36 -3.49 -12.33
C GLY A 214 -20.28 -2.47 -12.63
N ALA A 215 -19.08 -2.89 -13.02
CA ALA A 215 -17.95 -1.98 -13.20
C ALA A 215 -17.76 -1.62 -14.67
N ASN A 216 -17.23 -0.41 -14.89
CA ASN A 216 -16.73 -0.08 -16.23
C ASN A 216 -15.49 -0.89 -16.55
N PHE A 217 -14.53 -0.90 -15.63
CA PHE A 217 -13.43 -1.85 -15.70
C PHE A 217 -13.11 -2.32 -14.29
N THR A 218 -12.51 -3.49 -14.20
CA THR A 218 -12.01 -4.04 -12.94
C THR A 218 -10.48 -4.09 -13.01
N SER A 219 -9.82 -3.43 -12.07
CA SER A 219 -8.39 -3.63 -11.89
C SER A 219 -8.18 -4.66 -10.77
N THR A 220 -7.12 -5.45 -10.89
CA THR A 220 -6.95 -6.61 -10.04
C THR A 220 -5.48 -6.77 -9.68
N ALA A 221 -5.25 -7.45 -8.56
CA ALA A 221 -3.92 -7.92 -8.19
C ALA A 221 -3.97 -9.45 -8.22
N GLU A 222 -3.21 -10.04 -9.14
CA GLU A 222 -3.19 -11.50 -9.32
C GLU A 222 -1.98 -12.10 -8.64
N ALA A 223 -2.20 -13.23 -7.96
CA ALA A 223 -1.13 -14.04 -7.40
C ALA A 223 -1.13 -15.39 -8.09
N PHE A 224 -0.06 -16.15 -7.88
CA PHE A 224 0.06 -17.46 -8.53
C PHE A 224 0.61 -18.48 -7.53
N ILE A 225 -0.07 -19.61 -7.42
CA ILE A 225 0.34 -20.71 -6.54
C ILE A 225 1.10 -21.69 -7.42
N SER A 226 2.43 -21.59 -7.41
CA SER A 226 3.20 -22.33 -8.40
C SER A 226 3.20 -23.83 -8.13
N GLU A 227 2.89 -24.26 -6.91
CA GLU A 227 3.01 -25.68 -6.60
C GLU A 227 1.87 -26.49 -7.23
N ASN A 228 0.69 -25.90 -7.37
CA ASN A 228 -0.39 -26.56 -8.07
C ASN A 228 -0.70 -25.92 -9.42
N GLY A 229 -0.04 -24.82 -9.75
CA GLY A 229 -0.23 -24.18 -11.04
C GLY A 229 -1.48 -23.34 -11.16
N ARG A 230 -2.06 -22.91 -10.04
CA ARG A 230 -3.33 -22.19 -10.02
C ARG A 230 -3.10 -20.71 -9.76
N ALA A 231 -3.68 -19.87 -10.61
CA ALA A 231 -3.73 -18.44 -10.33
C ALA A 231 -4.89 -18.13 -9.39
N ILE A 232 -4.73 -17.06 -8.61
CA ILE A 232 -5.75 -16.71 -7.62
C ILE A 232 -5.78 -15.18 -7.46
N GLN A 233 -6.97 -14.60 -7.58
CA GLN A 233 -7.11 -13.16 -7.48
C GLN A 233 -6.86 -12.71 -6.04
N ALA A 234 -5.92 -11.80 -5.86
CA ALA A 234 -5.44 -11.44 -4.52
C ALA A 234 -6.18 -10.25 -3.93
N ALA A 235 -6.62 -9.32 -4.78
CA ALA A 235 -7.35 -8.13 -4.35
C ALA A 235 -7.90 -7.49 -5.60
N THR A 236 -8.87 -6.60 -5.42
CA THR A 236 -9.58 -6.08 -6.57
C THR A 236 -10.01 -4.65 -6.30
N SER A 237 -10.14 -3.86 -7.37
CA SER A 237 -10.46 -2.44 -7.25
C SER A 237 -11.19 -1.99 -8.51
N HIS A 238 -12.48 -1.67 -8.39
CA HIS A 238 -13.35 -1.43 -9.55
C HIS A 238 -13.63 0.05 -9.74
N TYR A 239 -13.69 0.47 -11.00
CA TYR A 239 -14.25 1.76 -11.36
C TYR A 239 -15.66 1.51 -11.89
N LEU A 240 -16.66 1.94 -11.11
CA LEU A 240 -18.07 1.64 -11.38
C LEU A 240 -18.72 2.64 -12.31
N GLY A 241 -18.11 3.80 -12.53
CA GLY A 241 -18.72 4.79 -13.40
C GLY A 241 -19.97 5.34 -12.77
N THR A 242 -20.99 5.52 -13.61
CA THR A 242 -22.29 5.97 -13.15
C THR A 242 -23.32 4.85 -13.15
N ASN A 243 -22.88 3.60 -13.23
CA ASN A 243 -23.82 2.49 -13.32
C ASN A 243 -24.67 2.41 -12.07
N PHE A 244 -24.04 2.45 -10.89
CA PHE A 244 -24.81 2.41 -9.67
C PHE A 244 -25.47 3.74 -9.35
N ALA A 245 -24.98 4.85 -9.91
CA ALA A 245 -25.65 6.11 -9.69
C ALA A 245 -26.98 6.16 -10.43
N LYS A 246 -27.09 5.47 -11.55
CA LYS A 246 -28.38 5.42 -12.24
C LYS A 246 -29.36 4.49 -11.54
N MET A 247 -28.89 3.34 -11.04
CA MET A 247 -29.78 2.41 -10.34
C MET A 247 -30.37 3.05 -9.09
N PHE A 248 -29.55 3.74 -8.30
CA PHE A 248 -29.97 4.26 -7.02
C PHE A 248 -30.23 5.76 -7.02
N LYS A 249 -30.17 6.41 -8.19
CA LYS A 249 -30.41 7.85 -8.33
C LYS A 249 -29.52 8.67 -7.39
N ILE A 250 -28.20 8.43 -7.49
CA ILE A 250 -27.21 9.16 -6.69
C ILE A 250 -26.76 10.34 -7.54
N GLU A 251 -27.44 11.46 -7.39
CA GLU A 251 -27.21 12.67 -8.16
C GLU A 251 -26.65 13.76 -7.27
N PHE A 252 -26.08 14.79 -7.89
CA PHE A 252 -25.63 15.97 -7.18
C PHE A 252 -25.67 17.17 -8.11
N GLU A 253 -25.78 18.36 -7.52
CA GLU A 253 -25.65 19.60 -8.27
C GLU A 253 -24.18 20.00 -8.32
N ASP A 254 -23.67 20.27 -9.51
CA ASP A 254 -22.25 20.52 -9.69
C ASP A 254 -21.96 22.02 -9.53
N GLU A 255 -20.74 22.41 -9.88
CA GLU A 255 -20.32 23.81 -9.77
C GLU A 255 -21.08 24.74 -10.71
N ASN A 256 -21.83 24.20 -11.67
CA ASN A 256 -22.61 25.01 -12.59
C ASN A 256 -24.11 24.96 -12.28
N GLU A 257 -24.50 24.39 -11.13
CA GLU A 257 -25.90 24.23 -10.75
C GLU A 257 -26.65 23.27 -11.67
N VAL A 258 -25.96 22.26 -12.19
CA VAL A 258 -26.52 21.27 -13.11
C VAL A 258 -26.46 19.90 -12.42
N LYS A 259 -27.54 19.13 -12.56
CA LYS A 259 -27.60 17.83 -11.90
C LYS A 259 -26.73 16.82 -12.64
N GLN A 260 -25.88 16.09 -11.92
CA GLN A 260 -25.01 15.09 -12.50
C GLN A 260 -25.08 13.81 -11.67
N TYR A 261 -24.67 12.71 -12.28
CA TYR A 261 -24.47 11.46 -11.57
C TYR A 261 -23.07 11.43 -10.95
N VAL A 262 -22.97 10.80 -9.79
CA VAL A 262 -21.65 10.56 -9.22
C VAL A 262 -20.94 9.45 -9.99
N HIS A 263 -19.62 9.43 -9.87
CA HIS A 263 -18.78 8.34 -10.37
C HIS A 263 -18.23 7.58 -9.17
N GLN A 264 -18.39 6.26 -9.18
CA GLN A 264 -18.15 5.47 -7.98
C GLN A 264 -17.03 4.47 -8.19
N THR A 265 -16.42 4.09 -7.06
CA THR A 265 -15.48 2.98 -7.01
C THR A 265 -15.81 2.07 -5.83
N SER A 266 -15.34 0.83 -5.91
CA SER A 266 -15.37 -0.09 -4.78
C SER A 266 -14.18 -1.04 -4.90
N TRP A 267 -13.73 -1.56 -3.76
CA TRP A 267 -12.48 -2.29 -3.68
C TRP A 267 -12.49 -3.13 -2.41
N GLY A 268 -11.86 -4.31 -2.48
CA GLY A 268 -11.85 -5.22 -1.34
C GLY A 268 -10.64 -6.13 -1.36
N CYS A 269 -10.32 -6.63 -0.17
CA CYS A 269 -9.25 -7.61 0.04
C CYS A 269 -9.63 -8.44 1.26
N THR A 270 -9.50 -9.76 1.16
CA THR A 270 -10.02 -10.66 2.17
C THR A 270 -8.88 -11.37 2.90
N THR A 271 -9.28 -12.25 3.82
CA THR A 271 -8.31 -13.12 4.46
C THR A 271 -7.67 -14.09 3.50
N ARG A 272 -8.12 -14.15 2.25
CA ARG A 272 -7.43 -14.94 1.24
C ARG A 272 -5.95 -14.55 1.18
N SER A 273 -5.64 -13.27 1.45
CA SER A 273 -4.26 -12.82 1.47
C SER A 273 -3.42 -13.66 2.43
N ILE A 274 -3.97 -13.99 3.61
CA ILE A 274 -3.24 -14.84 4.54
C ILE A 274 -2.98 -16.21 3.93
N GLY A 275 -4.02 -16.81 3.33
CA GLY A 275 -3.83 -18.09 2.68
C GLY A 275 -2.76 -18.05 1.61
N ILE A 276 -2.74 -16.98 0.81
CA ILE A 276 -1.72 -16.86 -0.23
C ILE A 276 -0.34 -16.79 0.41
N MET A 277 -0.22 -16.04 1.52
CA MET A 277 1.07 -15.91 2.17
C MET A 277 1.57 -17.24 2.70
N ILE A 278 0.67 -18.05 3.28
CA ILE A 278 1.08 -19.38 3.76
C ILE A 278 1.58 -20.23 2.61
N MET A 279 0.85 -20.23 1.48
CA MET A 279 1.24 -21.07 0.36
C MET A 279 2.53 -20.61 -0.30
N THR A 280 2.90 -19.32 -0.14
CA THR A 280 4.14 -18.83 -0.72
C THR A 280 5.35 -19.26 0.10
N HIS A 281 5.39 -18.89 1.39
CA HIS A 281 6.60 -19.01 2.19
C HIS A 281 6.71 -20.31 2.98
N GLY A 282 5.60 -21.00 3.25
CA GLY A 282 5.67 -22.21 4.04
C GLY A 282 6.53 -23.28 3.37
N ASP A 283 7.26 -24.03 4.19
CA ASP A 283 8.15 -25.07 3.71
C ASP A 283 7.80 -26.39 4.39
N ASP A 284 8.70 -27.37 4.26
CA ASP A 284 8.45 -28.69 4.83
C ASP A 284 8.61 -28.73 6.35
N LYS A 285 9.06 -27.63 6.96
CA LYS A 285 9.16 -27.55 8.42
C LYS A 285 7.90 -26.98 9.05
N GLY A 286 7.02 -26.35 8.29
CA GLY A 286 5.85 -25.71 8.86
C GLY A 286 5.64 -24.30 8.36
N LEU A 287 4.97 -23.48 9.17
CA LEU A 287 4.68 -22.10 8.82
C LEU A 287 5.98 -21.29 8.69
N VAL A 288 5.94 -20.27 7.85
CA VAL A 288 7.03 -19.29 7.72
C VAL A 288 6.39 -17.91 7.68
N LEU A 289 6.67 -17.10 8.69
CA LEU A 289 5.97 -15.83 8.81
C LEU A 289 6.90 -14.67 8.50
N PRO A 290 6.51 -13.77 7.62
CA PRO A 290 7.21 -12.49 7.51
C PRO A 290 7.19 -11.77 8.85
N PRO A 291 8.30 -11.19 9.28
CA PRO A 291 8.35 -10.57 10.61
C PRO A 291 7.19 -9.63 10.91
N ASN A 292 6.71 -8.88 9.92
CA ASN A 292 5.68 -7.88 10.17
C ASN A 292 4.30 -8.47 10.48
N VAL A 293 4.11 -9.78 10.49
CA VAL A 293 2.81 -10.35 10.81
C VAL A 293 2.98 -11.48 11.81
N SER A 294 4.12 -11.50 12.50
CA SER A 294 4.38 -12.46 13.55
C SER A 294 4.41 -11.75 14.90
N LYS A 295 3.66 -12.26 15.87
CA LYS A 295 3.64 -11.63 17.18
C LYS A 295 5.02 -11.64 17.82
N TYR A 296 5.64 -12.81 17.90
CA TYR A 296 7.01 -12.94 18.37
C TYR A 296 7.95 -12.86 17.18
N LYS A 297 8.86 -11.88 17.19
CA LYS A 297 9.89 -11.81 16.16
C LYS A 297 11.05 -12.76 16.46
N VAL A 298 11.32 -13.01 17.74
CA VAL A 298 12.46 -13.81 18.18
C VAL A 298 11.99 -14.84 19.21
N VAL A 299 12.62 -16.01 19.19
CA VAL A 299 12.50 -17.01 20.24
C VAL A 299 13.89 -17.22 20.84
N ILE A 300 14.00 -17.08 22.16
CA ILE A 300 15.24 -17.33 22.88
C ILE A 300 15.13 -18.73 23.49
N VAL A 301 16.06 -19.60 23.13
CA VAL A 301 16.07 -20.98 23.61
C VAL A 301 17.34 -21.18 24.44
N PRO A 302 17.25 -21.66 25.66
CA PRO A 302 18.45 -21.97 26.46
C PRO A 302 18.95 -23.39 26.22
N ILE A 303 20.27 -23.54 26.33
CA ILE A 303 20.94 -24.83 26.18
C ILE A 303 21.83 -25.05 27.40
N PHE A 304 21.71 -26.22 28.03
CA PHE A 304 22.44 -26.51 29.25
C PHE A 304 23.32 -27.74 29.05
N TYR A 305 24.64 -27.57 29.22
CA TYR A 305 25.54 -28.70 29.15
C TYR A 305 25.59 -29.44 30.49
N LYS A 306 25.79 -28.71 31.58
CA LYS A 306 25.77 -29.24 32.94
C LYS A 306 24.63 -28.61 33.72
N THR A 307 24.54 -28.94 35.00
CA THR A 307 23.54 -28.35 35.87
C THR A 307 24.05 -27.10 36.59
N THR A 308 25.35 -26.82 36.52
CA THR A 308 25.93 -25.68 37.22
C THR A 308 25.69 -24.38 36.46
N ASP A 309 25.91 -24.38 35.16
CA ASP A 309 25.70 -23.19 34.34
C ASP A 309 24.22 -22.87 34.13
N GLU A 310 23.31 -23.45 34.92
CA GLU A 310 21.88 -23.26 34.66
C GLU A 310 21.42 -21.87 35.08
N ASN A 311 21.85 -21.41 36.26
CA ASN A 311 21.40 -20.12 36.76
C ASN A 311 21.96 -18.96 35.94
N ALA A 312 23.13 -19.14 35.33
CA ALA A 312 23.75 -18.06 34.56
C ALA A 312 23.10 -17.91 33.19
N ILE A 313 22.93 -19.02 32.46
CA ILE A 313 22.33 -18.96 31.12
C ILE A 313 20.91 -18.46 31.20
N HIS A 314 20.16 -18.89 32.23
CA HIS A 314 18.81 -18.38 32.41
C HIS A 314 18.81 -16.86 32.57
N SER A 315 19.77 -16.33 33.36
CA SER A 315 19.88 -14.89 33.54
C SER A 315 20.34 -14.21 32.25
N TYR A 316 21.24 -14.86 31.51
CA TYR A 316 21.75 -14.30 30.26
C TYR A 316 20.65 -14.23 29.21
N CYS A 317 19.75 -15.21 29.18
CA CYS A 317 18.64 -15.16 28.24
C CYS A 317 17.64 -14.09 28.64
N LYS A 318 17.45 -13.88 29.95
CA LYS A 318 16.57 -12.80 30.39
C LYS A 318 17.16 -11.43 30.10
N ASP A 319 18.48 -11.33 29.96
CA ASP A 319 19.10 -10.07 29.56
C ASP A 319 18.84 -9.76 28.08
N ILE A 320 18.90 -10.78 27.23
CA ILE A 320 18.63 -10.58 25.82
C ILE A 320 17.15 -10.25 25.60
N GLU A 321 16.27 -10.90 26.38
CA GLU A 321 14.85 -10.59 26.30
C GLU A 321 14.58 -9.12 26.64
N LYS A 322 15.26 -8.60 27.66
CA LYS A 322 15.08 -7.19 28.00
C LYS A 322 15.67 -6.29 26.92
N ILE A 323 16.77 -6.71 26.29
CA ILE A 323 17.39 -5.91 25.23
C ILE A 323 16.44 -5.76 24.05
N LEU A 324 15.78 -6.84 23.66
CA LEU A 324 14.86 -6.79 22.53
C LEU A 324 13.56 -6.07 22.89
N LYS A 325 12.99 -6.36 24.06
CA LYS A 325 11.70 -5.77 24.40
C LYS A 325 11.81 -4.28 24.69
N ASN A 326 12.97 -3.82 25.16
CA ASN A 326 13.15 -2.38 25.34
C ASN A 326 13.14 -1.64 24.01
N ALA A 327 13.50 -2.33 22.93
CA ALA A 327 13.43 -1.75 21.59
C ALA A 327 12.10 -2.05 20.91
N GLN A 328 11.08 -2.44 21.69
CA GLN A 328 9.75 -2.74 21.16
C GLN A 328 9.79 -3.91 20.16
N ILE A 329 10.74 -4.83 20.34
CA ILE A 329 10.85 -6.03 19.52
C ILE A 329 10.33 -7.18 20.36
N ASN A 330 9.07 -7.56 20.16
CA ASN A 330 8.46 -8.59 20.97
C ASN A 330 9.11 -9.94 20.71
N CYS A 331 9.23 -10.75 21.76
CA CYS A 331 9.92 -12.03 21.69
C CYS A 331 9.33 -12.95 22.75
N VAL A 332 9.87 -14.18 22.82
CA VAL A 332 9.45 -15.17 23.80
C VAL A 332 10.65 -16.01 24.20
N TYR A 333 10.84 -16.22 25.51
CA TYR A 333 11.97 -16.95 26.05
C TYR A 333 11.45 -18.29 26.61
N ASP A 334 11.55 -19.33 25.79
CA ASP A 334 11.05 -20.65 26.15
C ASP A 334 11.94 -21.24 27.24
N ASP A 335 11.68 -20.84 28.48
CA ASP A 335 12.40 -21.37 29.63
C ASP A 335 11.77 -22.63 30.20
N ARG A 336 10.91 -23.31 29.44
CA ARG A 336 10.26 -24.51 29.95
C ARG A 336 11.29 -25.58 30.23
N ALA A 337 11.22 -26.17 31.42
CA ALA A 337 12.20 -27.15 31.85
C ALA A 337 11.85 -28.57 31.44
N SER A 338 10.67 -28.78 30.84
CA SER A 338 10.24 -30.13 30.49
C SER A 338 10.62 -30.53 29.06
N TYR A 339 11.27 -29.64 28.30
CA TYR A 339 11.56 -29.91 26.90
C TYR A 339 13.01 -29.56 26.58
N SER A 340 13.60 -30.33 25.68
CA SER A 340 14.97 -30.15 25.24
C SER A 340 15.08 -28.96 24.28
N PRO A 341 16.29 -28.44 24.06
CA PRO A 341 16.46 -27.39 23.04
C PRO A 341 16.03 -27.82 21.66
N GLY A 342 16.38 -29.05 21.26
CA GLY A 342 15.95 -29.54 19.96
C GLY A 342 14.44 -29.56 19.80
N TYR A 343 13.73 -29.90 20.87
CA TYR A 343 12.27 -29.85 20.83
C TYR A 343 11.78 -28.44 20.54
N LYS A 344 12.30 -27.46 21.28
CA LYS A 344 11.87 -26.08 21.10
C LYS A 344 12.22 -25.59 19.70
N PHE A 345 13.31 -26.07 19.11
CA PHE A 345 13.68 -25.68 17.74
C PHE A 345 12.57 -26.04 16.76
N ASN A 346 12.16 -27.31 16.74
CA ASN A 346 11.06 -27.71 15.87
C ASN A 346 9.77 -26.98 16.24
N HIS A 347 9.54 -26.79 17.55
CA HIS A 347 8.29 -26.19 18.01
C HIS A 347 8.06 -24.81 17.37
N TRP A 348 9.05 -23.92 17.48
CA TRP A 348 8.86 -22.57 16.97
C TRP A 348 9.19 -22.44 15.50
N GLU A 349 9.98 -23.36 14.94
CA GLU A 349 10.14 -23.37 13.49
C GLU A 349 8.82 -23.68 12.81
N LEU A 350 8.08 -24.67 13.31
CA LEU A 350 6.80 -25.03 12.71
C LEU A 350 5.76 -23.92 12.87
N ARG A 351 5.91 -23.08 13.89
CA ARG A 351 5.03 -21.95 14.08
C ARG A 351 5.53 -20.67 13.40
N GLY A 352 6.65 -20.73 12.68
CA GLY A 352 7.05 -19.63 11.82
C GLY A 352 7.69 -18.43 12.48
N ILE A 353 8.39 -18.62 13.59
CA ILE A 353 9.10 -17.48 14.19
C ILE A 353 10.28 -17.10 13.31
N PRO A 354 10.43 -15.83 12.93
CA PRO A 354 11.51 -15.46 12.00
C PRO A 354 12.91 -15.79 12.50
N ILE A 355 13.20 -15.55 13.78
CA ILE A 355 14.57 -15.59 14.29
C ILE A 355 14.60 -16.40 15.58
N ARG A 356 15.59 -17.28 15.70
CA ARG A 356 15.83 -18.03 16.92
C ARG A 356 17.21 -17.66 17.46
N ILE A 357 17.27 -17.33 18.75
CA ILE A 357 18.53 -17.02 19.42
C ILE A 357 18.83 -18.15 20.39
N GLU A 358 20.00 -18.76 20.22
CA GLU A 358 20.46 -19.83 21.09
C GLU A 358 21.53 -19.30 22.01
N VAL A 359 21.46 -19.68 23.28
CA VAL A 359 22.42 -19.28 24.29
C VAL A 359 22.89 -20.55 24.99
N GLY A 360 24.16 -20.90 24.82
CA GLY A 360 24.75 -22.04 25.47
C GLY A 360 25.89 -21.66 26.39
N PRO A 361 26.59 -22.68 26.93
CA PRO A 361 27.69 -22.40 27.86
C PRO A 361 28.87 -21.70 27.20
N LYS A 362 29.26 -22.17 26.01
CA LYS A 362 30.34 -21.51 25.28
C LYS A 362 29.93 -20.12 24.82
N ASP A 363 28.66 -19.96 24.42
CA ASP A 363 28.19 -18.63 24.03
C ASP A 363 28.22 -17.66 25.20
N LEU A 364 28.03 -18.17 26.42
CA LEU A 364 28.13 -17.31 27.60
C LEU A 364 29.59 -17.03 27.96
N GLN A 365 30.49 -17.98 27.73
CA GLN A 365 31.91 -17.74 27.99
C GLN A 365 32.51 -16.78 26.98
N ASN A 366 31.95 -16.73 25.77
CA ASN A 366 32.36 -15.79 24.73
C ASN A 366 31.56 -14.48 24.77
N ASN A 367 30.60 -14.36 25.68
CA ASN A 367 29.69 -13.22 25.74
C ASN A 367 29.03 -12.99 24.37
N SER A 368 28.47 -14.06 23.83
CA SER A 368 27.88 -14.03 22.50
C SER A 368 26.64 -14.93 22.49
N CYS A 369 26.12 -15.17 21.29
CA CYS A 369 24.99 -16.08 21.12
C CYS A 369 24.93 -16.46 19.65
N VAL A 370 24.08 -17.43 19.33
CA VAL A 370 23.85 -17.89 17.97
C VAL A 370 22.47 -17.41 17.52
N ILE A 371 22.41 -16.81 16.35
CA ILE A 371 21.17 -16.28 15.80
C ILE A 371 20.88 -17.04 14.50
N VAL A 372 19.77 -17.78 14.50
CA VAL A 372 19.39 -18.64 13.38
C VAL A 372 18.22 -18.01 12.65
N ARG A 373 18.30 -17.98 11.31
CA ARG A 373 17.21 -17.50 10.48
C ARG A 373 16.23 -18.62 10.19
N ARG A 374 14.96 -18.27 10.03
CA ARG A 374 13.94 -19.27 9.77
C ARG A 374 13.82 -19.62 8.30
N ASP A 375 14.05 -18.65 7.40
CA ASP A 375 13.81 -18.88 5.99
C ASP A 375 14.86 -19.81 5.37
N ASN A 376 16.13 -19.67 5.75
CA ASN A 376 17.18 -20.51 5.20
C ASN A 376 18.03 -21.25 6.23
N ASN A 377 17.71 -21.14 7.52
CA ASN A 377 18.37 -21.86 8.59
C ASN A 377 19.83 -21.46 8.77
N GLU A 378 20.23 -20.31 8.23
CA GLU A 378 21.61 -19.88 8.35
C GLU A 378 21.86 -19.29 9.74
N LYS A 379 22.99 -19.69 10.33
CA LYS A 379 23.38 -19.32 11.68
C LYS A 379 24.59 -18.39 11.65
N CYS A 380 24.75 -17.63 12.73
CA CYS A 380 25.91 -16.76 12.88
C CYS A 380 26.09 -16.41 14.35
N ASN A 381 27.35 -16.24 14.75
CA ASN A 381 27.68 -15.81 16.11
C ASN A 381 27.63 -14.29 16.20
N VAL A 382 27.10 -13.78 17.30
CA VAL A 382 26.88 -12.36 17.50
C VAL A 382 27.21 -11.99 18.94
N LYS A 383 28.00 -10.93 19.11
CA LYS A 383 28.30 -10.43 20.45
C LYS A 383 27.06 -9.86 21.11
N LYS A 384 27.01 -9.96 22.44
CA LYS A 384 25.80 -9.61 23.18
C LYS A 384 25.38 -8.16 22.95
N GLU A 385 26.34 -7.24 22.88
CA GLU A 385 26.02 -5.84 22.64
C GLU A 385 25.61 -5.57 21.20
N SER A 386 25.82 -6.54 20.30
CA SER A 386 25.38 -6.43 18.93
C SER A 386 24.06 -7.14 18.67
N VAL A 387 23.48 -7.78 19.69
CA VAL A 387 22.28 -8.58 19.47
C VAL A 387 21.15 -7.72 18.93
N LEU A 388 21.00 -6.49 19.45
CA LEU A 388 19.89 -5.65 19.04
C LEU A 388 20.05 -5.19 17.59
N LEU A 389 21.26 -4.77 17.21
CA LEU A 389 21.45 -4.27 15.85
C LEU A 389 21.40 -5.41 14.84
N GLU A 390 22.00 -6.55 15.16
CA GLU A 390 21.97 -7.68 14.24
C GLU A 390 20.56 -8.22 14.06
N THR A 391 19.77 -8.23 15.14
CA THR A 391 18.38 -8.68 15.06
C THR A 391 17.55 -7.76 14.15
N GLN A 392 17.73 -6.45 14.30
CA GLN A 392 16.96 -5.51 13.49
C GLN A 392 17.25 -5.68 12.00
N GLN A 393 18.53 -5.71 11.64
CA GLN A 393 18.88 -5.86 10.23
C GLN A 393 18.52 -7.24 9.69
N MET A 394 18.52 -8.26 10.54
CA MET A 394 18.20 -9.61 10.05
C MET A 394 16.71 -9.75 9.78
N LEU A 395 15.86 -9.15 10.63
CA LEU A 395 14.43 -9.16 10.38
C LEU A 395 14.10 -8.48 9.06
N VAL A 396 14.85 -7.44 8.70
CA VAL A 396 14.63 -6.77 7.42
C VAL A 396 15.12 -7.66 6.28
N ASP A 397 16.25 -8.33 6.45
N ASP A 397 16.27 -8.32 6.45
CA ASP A 397 16.77 -9.17 5.38
CA ASP A 397 16.80 -9.17 5.39
C ASP A 397 15.95 -10.45 5.21
C ASP A 397 15.96 -10.44 5.21
N ILE A 398 15.37 -10.97 6.29
CA ILE A 398 14.51 -12.15 6.16
C ILE A 398 13.29 -11.81 5.30
N HIS A 399 12.72 -10.63 5.50
CA HIS A 399 11.59 -10.20 4.67
C HIS A 399 12.01 -10.06 3.21
N LYS A 400 13.09 -9.33 2.96
CA LYS A 400 13.55 -9.11 1.59
C LYS A 400 13.86 -10.43 0.90
N ASN A 401 14.48 -11.36 1.61
CA ASN A 401 14.81 -12.67 1.03
C ASN A 401 13.55 -13.44 0.69
N LEU A 402 12.58 -13.46 1.62
CA LEU A 402 11.32 -14.12 1.36
C LEU A 402 10.65 -13.55 0.13
N PHE A 403 10.65 -12.22 0.00
CA PHE A 403 9.95 -11.60 -1.12
C PHE A 403 10.69 -11.85 -2.42
N LEU A 404 12.01 -11.69 -2.43
CA LEU A 404 12.77 -11.87 -3.66
C LEU A 404 12.71 -13.31 -4.14
N LYS A 405 12.80 -14.28 -3.23
CA LYS A 405 12.66 -15.68 -3.64
C LYS A 405 11.27 -15.93 -4.21
N ALA A 406 10.25 -15.31 -3.63
CA ALA A 406 8.89 -15.50 -4.15
C ALA A 406 8.74 -14.85 -5.52
N LYS A 407 9.28 -13.65 -5.69
CA LYS A 407 9.19 -12.99 -6.99
C LYS A 407 9.90 -13.79 -8.07
N LYS A 408 10.99 -14.48 -7.70
CA LYS A 408 11.66 -15.37 -8.64
C LYS A 408 10.73 -16.49 -9.07
N LYS A 409 10.05 -17.14 -8.11
CA LYS A 409 9.14 -18.24 -8.46
C LYS A 409 7.98 -17.74 -9.32
N LEU A 410 7.51 -16.51 -9.07
CA LEU A 410 6.43 -15.96 -9.88
C LEU A 410 6.91 -15.70 -11.32
N ASP A 411 8.02 -14.98 -11.48
CA ASP A 411 8.53 -14.67 -12.82
C ASP A 411 8.79 -15.95 -13.62
N ASP A 412 9.41 -16.95 -12.99
CA ASP A 412 9.66 -18.22 -13.67
C ASP A 412 8.39 -19.02 -13.92
N SER A 413 7.24 -18.59 -13.42
CA SER A 413 5.98 -19.28 -13.67
C SER A 413 5.25 -18.72 -14.89
N ILE A 414 5.84 -17.77 -15.59
CA ILE A 414 5.21 -17.11 -16.73
C ILE A 414 5.98 -17.47 -17.98
N VAL A 415 5.29 -18.09 -18.93
CA VAL A 415 5.87 -18.47 -20.22
C VAL A 415 5.26 -17.58 -21.28
N GLN A 416 6.08 -16.70 -21.87
CA GLN A 416 5.61 -15.82 -22.92
C GLN A 416 5.49 -16.61 -24.21
N VAL A 417 4.29 -16.67 -24.79
CA VAL A 417 4.04 -17.45 -25.98
C VAL A 417 3.46 -16.55 -27.06
N THR A 418 3.54 -17.01 -28.31
CA THR A 418 2.96 -16.29 -29.43
C THR A 418 1.98 -17.10 -30.26
N SER A 419 1.83 -18.39 -30.00
CA SER A 419 0.85 -19.23 -30.68
C SER A 419 0.22 -20.18 -29.67
N PHE A 420 -0.99 -20.65 -29.99
CA PHE A 420 -1.67 -21.59 -29.12
C PHE A 420 -0.99 -22.96 -29.11
N SER A 421 -0.20 -23.29 -30.14
CA SER A 421 0.44 -24.59 -30.20
C SER A 421 1.42 -24.83 -29.05
N GLU A 422 1.79 -23.79 -28.31
CA GLU A 422 2.69 -23.92 -27.17
C GLU A 422 1.99 -23.66 -25.85
N VAL A 423 0.67 -23.54 -25.85
CA VAL A 423 -0.06 -23.22 -24.63
C VAL A 423 -0.18 -24.43 -23.72
N MET A 424 -0.64 -25.57 -24.28
CA MET A 424 -0.86 -26.75 -23.45
C MET A 424 0.42 -27.23 -22.78
N ASN A 425 1.56 -27.08 -23.45
CA ASN A 425 2.82 -27.49 -22.83
C ASN A 425 3.19 -26.59 -21.66
N ALA A 426 2.86 -25.30 -21.72
CA ALA A 426 3.14 -24.42 -20.61
C ALA A 426 2.18 -24.65 -19.45
N LEU A 427 0.92 -24.99 -19.74
CA LEU A 427 -0.04 -25.27 -18.68
C LEU A 427 0.33 -26.53 -17.91
N ASN A 428 0.64 -27.61 -18.63
CA ASN A 428 0.95 -28.88 -17.98
C ASN A 428 2.23 -28.82 -17.16
N LYS A 429 3.03 -27.77 -17.29
CA LYS A 429 4.20 -27.57 -16.46
C LYS A 429 3.91 -26.65 -15.29
N LYS A 430 2.63 -26.50 -14.92
CA LYS A 430 2.19 -25.67 -13.79
C LYS A 430 2.61 -24.21 -13.95
N LYS A 431 2.43 -23.67 -15.15
CA LYS A 431 2.77 -22.29 -15.45
C LYS A 431 1.54 -21.59 -16.02
N MET A 432 1.65 -20.27 -16.18
CA MET A 432 0.68 -19.49 -16.92
C MET A 432 1.35 -18.88 -18.14
N VAL A 433 0.56 -18.59 -19.17
CA VAL A 433 1.07 -18.06 -20.43
C VAL A 433 0.81 -16.57 -20.51
N LEU A 434 1.77 -15.83 -21.03
CA LEU A 434 1.60 -14.41 -21.34
C LEU A 434 1.48 -14.34 -22.87
N ALA A 435 0.26 -14.12 -23.35
CA ALA A 435 0.01 -14.22 -24.79
C ALA A 435 -0.53 -12.91 -25.35
N PRO A 436 -0.20 -12.59 -26.60
CA PRO A 436 -0.83 -11.43 -27.25
C PRO A 436 -2.25 -11.78 -27.67
N TRP A 437 -3.20 -10.91 -27.33
CA TRP A 437 -4.60 -11.28 -27.42
C TRP A 437 -5.39 -10.12 -28.03
N CYS A 438 -6.41 -10.46 -28.82
CA CYS A 438 -7.25 -9.44 -29.44
C CYS A 438 -8.30 -8.86 -28.49
N GLU A 439 -8.42 -9.42 -27.28
CA GLU A 439 -9.34 -8.99 -26.22
C GLU A 439 -10.80 -8.98 -26.65
N ASP A 440 -11.16 -9.82 -27.62
CA ASP A 440 -12.54 -9.99 -28.02
C ASP A 440 -13.25 -10.92 -27.05
N ILE A 441 -14.40 -10.47 -26.54
CA ILE A 441 -15.05 -11.19 -25.44
C ILE A 441 -15.49 -12.58 -25.88
N ALA A 442 -15.85 -12.73 -27.16
CA ALA A 442 -16.33 -14.02 -27.66
C ALA A 442 -15.25 -15.10 -27.53
N THR A 443 -13.98 -14.72 -27.64
CA THR A 443 -12.90 -15.70 -27.61
C THR A 443 -12.64 -16.24 -26.21
N GLU A 444 -13.11 -15.57 -25.16
CA GLU A 444 -12.82 -16.00 -23.79
C GLU A 444 -13.37 -17.39 -23.51
N GLU A 445 -14.63 -17.64 -23.90
CA GLU A 445 -15.21 -18.97 -23.69
C GLU A 445 -14.62 -20.00 -24.65
N GLU A 446 -14.29 -19.58 -25.88
CA GLU A 446 -13.65 -20.48 -26.82
C GLU A 446 -12.33 -21.02 -26.27
N ILE A 447 -11.53 -20.16 -25.65
CA ILE A 447 -10.27 -20.57 -25.08
C ILE A 447 -10.48 -21.49 -23.89
N LYS A 448 -11.53 -21.25 -23.10
CA LYS A 448 -11.83 -22.13 -21.98
C LYS A 448 -12.21 -23.52 -22.47
N LYS A 449 -13.13 -23.59 -23.44
CA LYS A 449 -13.62 -24.89 -23.89
C LYS A 449 -12.51 -25.73 -24.49
N GLU A 450 -11.60 -25.09 -25.25
CA GLU A 450 -10.56 -25.84 -25.95
C GLU A 450 -9.43 -26.26 -25.02
N THR A 451 -9.01 -25.38 -24.10
CA THR A 451 -7.94 -25.75 -23.19
C THR A 451 -8.36 -26.86 -22.25
N GLN A 452 -9.64 -26.89 -21.83
CA GLN A 452 -10.11 -28.00 -21.00
C GLN A 452 -10.35 -29.27 -21.80
N ARG A 453 -10.78 -29.13 -23.05
CA ARG A 453 -10.89 -30.30 -23.93
C ARG A 453 -9.54 -31.00 -24.06
N LEU A 454 -8.47 -30.22 -24.31
CA LEU A 454 -7.13 -30.76 -24.45
C LEU A 454 -6.50 -31.17 -23.11
N SER A 455 -7.22 -31.02 -22.00
CA SER A 455 -6.74 -31.46 -20.70
C SER A 455 -7.31 -32.85 -20.42
N LEU A 456 -6.44 -33.80 -20.14
CA LEU A 456 -6.87 -35.16 -19.84
C LEU A 456 -5.99 -35.79 -18.76
N THR A 464 -13.12 -32.20 -8.18
CA THR A 464 -11.79 -31.83 -8.65
C THR A 464 -11.81 -30.44 -9.30
N LEU A 465 -10.62 -29.89 -9.54
CA LEU A 465 -10.51 -28.58 -10.17
C LEU A 465 -10.60 -28.73 -11.70
N SER A 466 -10.85 -27.61 -12.37
CA SER A 466 -11.01 -27.59 -13.82
C SER A 466 -9.66 -27.45 -14.52
N GLY A 467 -9.59 -27.97 -15.74
CA GLY A 467 -8.42 -27.84 -16.58
C GLY A 467 -8.48 -26.71 -17.59
N ALA A 468 -9.56 -25.93 -17.60
CA ALA A 468 -9.71 -24.86 -18.57
C ALA A 468 -8.80 -23.68 -18.22
N MET A 469 -8.52 -22.87 -19.23
CA MET A 469 -7.69 -21.68 -19.12
C MET A 469 -8.57 -20.46 -19.29
N LYS A 470 -8.38 -19.47 -18.43
CA LYS A 470 -9.20 -18.27 -18.49
C LYS A 470 -8.32 -17.03 -18.48
N PRO A 471 -8.81 -15.91 -18.99
CA PRO A 471 -8.03 -14.67 -18.91
C PRO A 471 -7.88 -14.18 -17.47
N LEU A 472 -6.66 -14.27 -16.94
CA LEU A 472 -6.37 -13.82 -15.59
C LEU A 472 -6.41 -12.29 -15.50
N CYS A 473 -5.46 -11.61 -16.11
CA CYS A 473 -5.50 -10.15 -16.20
C CYS A 473 -4.64 -9.69 -17.35
N ILE A 474 -4.93 -8.49 -17.83
CA ILE A 474 -4.13 -7.81 -18.83
C ILE A 474 -3.17 -6.90 -18.08
N PRO A 475 -1.88 -7.25 -17.97
CA PRO A 475 -1.00 -6.55 -17.02
C PRO A 475 -0.83 -5.08 -17.34
N LEU A 476 -0.72 -4.28 -16.28
CA LEU A 476 -0.37 -2.87 -16.46
C LEU A 476 1.02 -2.72 -17.05
N ASP A 477 1.97 -3.54 -16.60
CA ASP A 477 3.35 -3.51 -17.12
C ASP A 477 3.40 -4.31 -18.41
N GLN A 478 3.08 -3.64 -19.53
CA GLN A 478 2.97 -4.32 -20.81
C GLN A 478 4.34 -4.53 -21.45
N PRO A 479 4.66 -5.73 -21.89
CA PRO A 479 5.85 -5.94 -22.71
C PRO A 479 5.67 -5.25 -24.05
N PRO A 480 6.76 -5.00 -24.77
CA PRO A 480 6.64 -4.41 -26.11
C PRO A 480 5.73 -5.24 -27.00
N MET A 481 4.84 -4.57 -27.70
CA MET A 481 3.96 -5.21 -28.67
C MET A 481 4.32 -4.75 -30.08
N PRO A 482 5.00 -5.58 -30.88
CA PRO A 482 5.23 -5.22 -32.29
C PRO A 482 3.91 -4.95 -33.00
N PRO A 483 3.84 -3.85 -33.75
CA PRO A 483 2.55 -3.40 -34.31
C PRO A 483 1.90 -4.38 -35.27
N ASN A 484 2.60 -5.42 -35.70
CA ASN A 484 2.03 -6.40 -36.62
C ASN A 484 1.72 -7.72 -35.93
N MET A 485 1.88 -7.79 -34.60
CA MET A 485 1.65 -9.02 -33.88
C MET A 485 0.17 -9.39 -33.94
N LYS A 486 -0.11 -10.69 -34.07
CA LYS A 486 -1.47 -11.18 -34.18
C LYS A 486 -1.89 -11.92 -32.92
N CYS A 487 -3.20 -12.11 -32.75
CA CYS A 487 -3.72 -12.82 -31.59
C CYS A 487 -3.25 -14.27 -31.61
N PHE A 488 -2.74 -14.73 -30.46
CA PHE A 488 -2.33 -16.12 -30.32
C PHE A 488 -3.47 -17.10 -30.54
N TRP A 489 -4.71 -16.65 -30.49
CA TRP A 489 -5.86 -17.52 -30.65
C TRP A 489 -6.57 -17.30 -31.98
N SER A 490 -7.11 -16.12 -32.22
CA SER A 490 -7.93 -15.92 -33.41
C SER A 490 -7.09 -15.59 -34.65
N GLY A 491 -5.86 -15.12 -34.47
CA GLY A 491 -5.06 -14.65 -35.58
C GLY A 491 -5.34 -13.23 -36.01
N LYS A 492 -6.32 -12.57 -35.37
CA LYS A 492 -6.62 -11.18 -35.65
C LYS A 492 -5.55 -10.31 -35.00
N PRO A 493 -5.47 -9.02 -35.36
CA PRO A 493 -4.48 -8.14 -34.73
C PRO A 493 -4.59 -8.17 -33.21
N ALA A 494 -3.45 -8.40 -32.56
CA ALA A 494 -3.39 -8.39 -31.11
C ALA A 494 -3.45 -6.95 -30.60
N LYS A 495 -4.05 -6.78 -29.42
CA LYS A 495 -4.11 -5.48 -28.77
C LYS A 495 -3.06 -5.36 -27.67
N ARG A 496 -3.10 -6.27 -26.68
CA ARG A 496 -2.15 -6.23 -25.57
C ARG A 496 -1.77 -7.65 -25.19
N TRP A 497 -0.70 -7.76 -24.41
CA TRP A 497 -0.33 -9.04 -23.82
C TRP A 497 -1.25 -9.34 -22.65
N CYS A 498 -1.69 -10.59 -22.55
CA CYS A 498 -2.62 -11.00 -21.51
C CYS A 498 -2.13 -12.27 -20.85
N LEU A 499 -2.26 -12.34 -19.52
CA LEU A 499 -1.98 -13.55 -18.78
C LEU A 499 -3.19 -14.48 -18.82
N PHE A 500 -2.96 -15.72 -19.18
CA PHE A 500 -3.97 -16.77 -19.14
C PHE A 500 -3.46 -17.89 -18.26
N GLY A 501 -4.36 -18.53 -17.53
CA GLY A 501 -3.92 -19.61 -16.68
C GLY A 501 -5.09 -20.40 -16.14
N ARG A 502 -4.75 -21.43 -15.37
CA ARG A 502 -5.72 -22.18 -14.61
C ARG A 502 -5.93 -21.52 -13.25
N SER A 503 -7.16 -21.60 -12.75
CA SER A 503 -7.56 -20.92 -11.53
C SER A 503 -8.29 -21.90 -10.63
N TYR A 504 -8.73 -21.40 -9.48
CA TYR A 504 -9.59 -22.18 -8.61
C TYR A 504 -11.04 -22.24 -9.15
N ASP B 2 -7.70 1.14 -26.29
CA ASP B 2 -7.95 1.14 -24.85
C ASP B 2 -8.52 2.50 -24.40
N ASN B 3 -8.87 2.58 -23.12
CA ASN B 3 -9.46 3.79 -22.57
C ASN B 3 -8.41 4.88 -22.43
N ALA B 4 -8.71 6.07 -22.95
CA ALA B 4 -7.75 7.16 -22.95
C ALA B 4 -7.54 7.72 -21.54
N ILE B 5 -8.63 7.94 -20.80
CA ILE B 5 -8.52 8.57 -19.48
C ILE B 5 -7.71 7.68 -18.54
N ALA B 6 -7.99 6.37 -18.54
CA ALA B 6 -7.26 5.46 -17.67
C ALA B 6 -5.78 5.41 -18.01
N SER B 7 -5.44 5.44 -19.30
CA SER B 7 -4.03 5.37 -19.70
C SER B 7 -3.30 6.66 -19.35
N ASN B 8 -3.97 7.80 -19.55
CA ASN B 8 -3.42 9.08 -19.14
C ASN B 8 -3.10 9.11 -17.64
N ILE B 9 -3.94 8.49 -16.82
CA ILE B 9 -3.74 8.48 -15.37
C ILE B 9 -2.63 7.50 -14.97
N LEU B 10 -2.51 6.36 -15.66
CA LEU B 10 -1.44 5.43 -15.35
C LEU B 10 -0.09 6.00 -15.77
N GLY B 11 0.01 6.46 -17.01
CA GLY B 11 1.27 7.01 -17.49
C GLY B 11 2.39 5.97 -17.47
N ILE B 12 3.47 6.29 -16.76
CA ILE B 12 4.56 5.35 -16.55
C ILE B 12 4.28 4.59 -15.26
N THR B 13 4.12 3.27 -15.37
CA THR B 13 3.72 2.41 -14.26
C THR B 13 4.87 1.64 -13.63
N SER B 14 6.11 1.96 -13.98
CA SER B 14 7.29 1.36 -13.38
C SER B 14 8.20 2.46 -12.90
N LYS B 15 8.62 2.39 -11.64
CA LYS B 15 9.54 3.38 -11.12
C LYS B 15 10.93 3.18 -11.74
N LYS B 16 11.55 4.30 -12.12
CA LYS B 16 12.86 4.26 -12.76
C LYS B 16 13.92 3.61 -11.86
N ILE B 17 13.78 3.74 -10.54
CA ILE B 17 14.72 3.13 -9.61
C ILE B 17 14.41 1.66 -9.32
N GLU B 18 13.15 1.24 -9.41
CA GLU B 18 12.79 -0.15 -9.12
C GLU B 18 12.95 -1.06 -10.33
N ASN B 19 12.33 -0.72 -11.47
CA ASN B 19 12.39 -1.55 -12.68
C ASN B 19 12.90 -0.68 -13.83
N PHE B 20 14.22 -0.44 -13.85
CA PHE B 20 14.79 0.48 -14.83
C PHE B 20 14.50 0.04 -16.26
N SER B 21 14.63 -1.26 -16.54
CA SER B 21 14.40 -1.75 -17.89
C SER B 21 12.94 -1.56 -18.31
N ASP B 22 12.00 -1.90 -17.43
CA ASP B 22 10.59 -1.67 -17.74
C ASP B 22 10.28 -0.18 -17.82
N TRP B 23 10.85 0.62 -16.92
CA TRP B 23 10.64 2.07 -16.97
C TRP B 23 11.07 2.64 -18.30
N TYR B 24 12.21 2.16 -18.84
CA TYR B 24 12.75 2.70 -20.08
C TYR B 24 11.86 2.33 -21.27
N THR B 25 11.45 1.07 -21.34
CA THR B 25 10.55 0.63 -22.42
C THR B 25 9.27 1.44 -22.43
N GLN B 26 8.70 1.71 -21.25
CA GLN B 26 7.43 2.43 -21.20
C GLN B 26 7.61 3.88 -21.64
N VAL B 27 8.73 4.51 -21.28
CA VAL B 27 8.94 5.91 -21.65
C VAL B 27 9.12 6.06 -23.16
N ILE B 28 9.95 5.21 -23.77
CA ILE B 28 10.27 5.43 -25.18
C ILE B 28 9.05 5.16 -26.06
N VAL B 29 8.14 4.29 -25.63
CA VAL B 29 6.93 4.01 -26.39
C VAL B 29 5.82 5.02 -26.09
N LYS B 30 5.56 5.30 -24.81
CA LYS B 30 4.44 6.19 -24.49
C LYS B 30 4.71 7.64 -24.86
N SER B 31 5.97 8.05 -24.99
CA SER B 31 6.28 9.41 -25.41
C SER B 31 6.39 9.55 -26.92
N GLU B 32 6.12 8.48 -27.67
CA GLU B 32 6.01 8.52 -29.13
C GLU B 32 7.39 8.78 -29.76
N LEU B 33 8.41 8.21 -29.15
CA LEU B 33 9.77 8.20 -29.67
C LEU B 33 10.04 6.95 -30.52
N ILE B 34 9.81 5.78 -29.93
CA ILE B 34 10.16 4.49 -30.51
C ILE B 34 8.89 3.72 -30.80
N GLU B 35 8.86 3.04 -31.93
CA GLU B 35 7.91 1.97 -32.17
C GLU B 35 8.69 0.69 -32.39
N TYR B 36 8.16 -0.43 -31.91
CA TYR B 36 8.89 -1.70 -32.06
C TYR B 36 8.67 -2.26 -33.45
N TYR B 37 9.34 -3.37 -33.74
CA TYR B 37 9.41 -3.87 -35.10
C TYR B 37 9.52 -5.38 -35.07
N ASP B 38 9.08 -6.02 -36.16
CA ASP B 38 9.06 -7.47 -36.23
C ASP B 38 10.39 -8.08 -36.61
N ILE B 39 11.47 -7.32 -36.52
CA ILE B 39 12.83 -7.82 -36.66
C ILE B 39 13.60 -7.42 -35.41
N SER B 40 14.08 -8.41 -34.66
CA SER B 40 14.78 -8.13 -33.41
C SER B 40 15.96 -7.20 -33.64
N GLY B 41 16.15 -6.27 -32.70
CA GLY B 41 17.24 -5.32 -32.79
C GLY B 41 17.02 -4.14 -33.70
N CYS B 42 15.84 -4.00 -34.30
CA CYS B 42 15.55 -2.89 -35.20
C CYS B 42 14.32 -2.15 -34.68
N TYR B 43 14.35 -0.83 -34.77
CA TYR B 43 13.32 -0.02 -34.17
C TYR B 43 12.97 1.13 -35.09
N ILE B 44 11.75 1.65 -34.94
CA ILE B 44 11.27 2.78 -35.73
C ILE B 44 11.51 4.05 -34.95
N LEU B 45 12.08 5.06 -35.61
CA LEU B 45 12.25 6.39 -35.03
C LEU B 45 11.06 7.25 -35.44
N ARG B 46 10.17 7.51 -34.51
CA ARG B 46 9.02 8.37 -34.75
C ARG B 46 9.45 9.83 -34.78
N PRO B 47 8.60 10.73 -35.34
CA PRO B 47 8.94 12.15 -35.38
C PRO B 47 9.65 12.70 -34.16
N ALA B 48 9.13 12.44 -32.95
CA ALA B 48 9.71 13.06 -31.76
C ALA B 48 11.15 12.61 -31.55
N ALA B 49 11.50 11.40 -31.96
CA ALA B 49 12.87 10.93 -31.84
C ALA B 49 13.73 11.46 -32.98
N TYR B 50 13.24 11.35 -34.22
CA TYR B 50 14.03 11.84 -35.34
C TYR B 50 14.22 13.34 -35.26
N TYR B 51 13.35 14.06 -34.54
CA TYR B 51 13.56 15.49 -34.36
C TYR B 51 14.81 15.75 -33.54
N ILE B 52 15.03 14.96 -32.49
CA ILE B 52 16.26 15.11 -31.70
C ILE B 52 17.49 14.90 -32.57
N TRP B 53 17.46 13.85 -33.39
CA TRP B 53 18.60 13.56 -34.26
C TRP B 53 18.87 14.71 -35.21
N GLU B 54 17.82 15.33 -35.74
CA GLU B 54 18.01 16.47 -36.64
C GLU B 54 18.62 17.67 -35.92
N CYS B 55 18.29 17.87 -34.65
CA CYS B 55 18.85 18.98 -33.90
C CYS B 55 20.35 18.85 -33.71
N VAL B 56 20.80 17.67 -33.26
CA VAL B 56 22.23 17.47 -33.07
C VAL B 56 22.94 17.37 -34.42
N GLN B 57 22.23 16.89 -35.44
CA GLN B 57 22.79 16.87 -36.78
C GLN B 57 23.09 18.27 -37.28
N ALA B 58 22.14 19.18 -37.12
CA ALA B 58 22.35 20.55 -37.56
C ALA B 58 23.53 21.19 -36.82
N PHE B 59 23.64 20.93 -35.52
CA PHE B 59 24.74 21.48 -34.74
C PHE B 59 26.08 20.95 -35.24
N PHE B 60 26.20 19.62 -35.37
CA PHE B 60 27.47 19.04 -35.79
C PHE B 60 27.86 19.49 -37.20
N ASN B 61 26.90 19.50 -38.13
CA ASN B 61 27.21 19.97 -39.48
C ASN B 61 27.74 21.40 -39.48
N LYS B 62 27.14 22.28 -38.66
CA LYS B 62 27.63 23.66 -38.60
C LYS B 62 29.07 23.70 -38.07
N GLU B 63 29.40 22.83 -37.13
CA GLU B 63 30.71 22.92 -36.51
C GLU B 63 31.79 22.25 -37.35
N ILE B 64 31.50 21.11 -37.99
CA ILE B 64 32.54 20.50 -38.79
C ILE B 64 32.74 21.26 -40.09
N LYS B 65 31.71 21.99 -40.56
CA LYS B 65 31.91 22.91 -41.68
C LYS B 65 32.94 23.99 -41.34
N LYS B 66 33.01 24.42 -40.07
CA LYS B 66 34.07 25.33 -39.67
C LYS B 66 35.45 24.70 -39.74
N LEU B 67 35.55 23.37 -39.67
CA LEU B 67 36.82 22.67 -39.83
C LEU B 67 37.07 22.24 -41.27
N ASN B 68 36.30 22.74 -42.22
CA ASN B 68 36.40 22.39 -43.63
C ASN B 68 36.12 20.90 -43.90
N VAL B 69 35.32 20.26 -43.06
CA VAL B 69 34.86 18.90 -43.31
C VAL B 69 33.67 18.94 -44.25
N GLU B 70 33.65 18.04 -45.24
CA GLU B 70 32.60 18.02 -46.25
C GLU B 70 31.79 16.73 -46.17
N ASN B 71 30.49 16.85 -46.34
CA ASN B 71 29.61 15.69 -46.34
C ASN B 71 29.62 14.99 -47.68
N SER B 72 29.41 13.67 -47.65
CA SER B 72 29.47 12.84 -48.84
C SER B 72 28.60 11.61 -48.59
N TYR B 73 28.47 10.76 -49.61
CA TYR B 73 27.78 9.48 -49.43
C TYR B 73 28.52 8.41 -50.22
N PHE B 74 28.83 7.32 -49.54
CA PHE B 74 29.47 6.15 -50.14
C PHE B 74 28.49 4.99 -50.16
N PRO B 75 28.72 3.98 -51.00
CA PRO B 75 27.74 2.90 -51.12
C PRO B 75 27.49 2.17 -49.80
N LEU B 76 26.31 1.56 -49.73
CA LEU B 76 25.92 0.76 -48.60
C LEU B 76 26.58 -0.62 -48.61
N PHE B 77 27.00 -1.11 -49.77
CA PHE B 77 27.50 -2.46 -49.92
C PHE B 77 29.02 -2.49 -50.05
N VAL B 78 29.59 -3.62 -49.63
CA VAL B 78 31.01 -3.91 -49.72
C VAL B 78 31.16 -5.27 -50.37
N THR B 79 32.08 -5.39 -51.33
CA THR B 79 32.41 -6.72 -51.82
C THR B 79 33.18 -7.49 -50.77
N LYS B 80 33.02 -8.82 -50.79
CA LYS B 80 33.79 -9.68 -49.90
C LYS B 80 35.28 -9.48 -50.09
N ASN B 81 35.71 -9.32 -51.34
CA ASN B 81 37.13 -9.12 -51.62
C ASN B 81 37.64 -7.83 -50.99
N LYS B 82 36.87 -6.75 -51.10
CA LYS B 82 37.32 -5.48 -50.55
C LYS B 82 37.20 -5.47 -49.03
N LEU B 83 36.30 -6.27 -48.47
CA LEU B 83 36.18 -6.32 -47.01
C LEU B 83 37.31 -7.12 -46.38
N GLU B 84 37.83 -8.13 -47.09
CA GLU B 84 38.99 -8.87 -46.62
C GLU B 84 40.24 -8.00 -46.63
N LYS B 85 41.34 -8.56 -46.16
CA LYS B 85 42.63 -7.87 -46.04
C LYS B 85 42.46 -6.55 -45.27
N GLU B 86 42.16 -6.71 -43.98
CA GLU B 86 41.93 -5.56 -43.09
C GLU B 86 42.08 -5.96 -41.61
N SER B 94 34.89 -11.30 -35.48
CA SER B 94 35.14 -10.19 -36.40
C SER B 94 34.07 -10.08 -37.50
N PRO B 95 33.81 -11.16 -38.28
CA PRO B 95 32.90 -11.00 -39.43
C PRO B 95 31.44 -11.28 -39.11
N GLU B 96 30.84 -10.45 -38.25
CA GLU B 96 29.41 -10.52 -37.95
C GLU B 96 28.60 -9.57 -38.80
N VAL B 97 28.99 -9.42 -40.07
CA VAL B 97 28.31 -8.54 -41.01
C VAL B 97 27.14 -9.28 -41.64
N ALA B 98 26.22 -8.52 -42.22
CA ALA B 98 25.10 -9.09 -42.97
C ALA B 98 25.47 -9.19 -44.45
N TRP B 99 25.23 -10.37 -45.04
CA TRP B 99 25.61 -10.67 -46.41
C TRP B 99 24.37 -10.78 -47.29
N VAL B 100 24.29 -9.95 -48.32
CA VAL B 100 23.30 -10.12 -49.38
C VAL B 100 23.80 -11.17 -50.35
N THR B 101 22.97 -12.16 -50.63
CA THR B 101 23.41 -13.27 -51.46
C THR B 101 22.46 -13.59 -52.62
N LYS B 102 21.35 -12.89 -52.75
CA LYS B 102 20.35 -13.27 -53.73
C LYS B 102 19.62 -12.04 -54.25
N TYR B 103 19.29 -12.08 -55.54
CA TYR B 103 18.46 -11.07 -56.19
C TYR B 103 17.23 -11.81 -56.71
N GLY B 104 16.07 -11.57 -56.10
CA GLY B 104 14.92 -12.37 -56.42
C GLY B 104 15.12 -13.79 -55.94
N ASP B 105 15.14 -14.76 -56.85
CA ASP B 105 15.38 -16.15 -56.51
C ASP B 105 16.68 -16.69 -57.07
N SER B 106 17.56 -15.81 -57.56
CA SER B 106 18.82 -16.21 -58.17
C SER B 106 19.99 -15.68 -57.36
N ASN B 107 21.01 -16.50 -57.20
CA ASN B 107 22.18 -16.12 -56.41
C ASN B 107 23.01 -15.08 -57.14
N LEU B 108 23.50 -14.09 -56.40
CA LEU B 108 24.45 -13.16 -56.96
C LEU B 108 25.75 -13.89 -57.29
N PRO B 109 26.51 -13.39 -58.28
CA PRO B 109 27.80 -14.03 -58.55
C PRO B 109 28.72 -14.04 -57.34
N GLU B 110 28.84 -12.93 -56.64
CA GLU B 110 29.65 -12.83 -55.43
C GLU B 110 28.83 -12.19 -54.33
N GLU B 111 28.95 -12.72 -53.10
CA GLU B 111 28.25 -12.15 -51.97
C GLU B 111 28.74 -10.75 -51.68
N ILE B 112 27.84 -9.87 -51.29
CA ILE B 112 28.21 -8.51 -50.89
C ILE B 112 27.66 -8.25 -49.48
N ALA B 113 28.39 -7.45 -48.72
CA ALA B 113 28.09 -7.21 -47.32
C ALA B 113 27.55 -5.80 -47.12
N ILE B 114 26.64 -5.65 -46.18
CA ILE B 114 26.13 -4.34 -45.80
C ILE B 114 27.13 -3.69 -44.86
N ARG B 115 27.38 -2.40 -45.06
CA ARG B 115 28.47 -1.74 -44.37
C ARG B 115 28.27 -1.79 -42.85
N PRO B 116 29.24 -2.28 -42.08
CA PRO B 116 29.23 -2.01 -40.63
C PRO B 116 29.87 -0.68 -40.28
N THR B 117 30.58 -0.07 -41.23
CA THR B 117 31.43 1.12 -41.17
C THR B 117 32.14 1.16 -42.51
N SER B 118 32.62 2.33 -42.90
CA SER B 118 33.03 2.60 -44.27
C SER B 118 34.54 2.75 -44.45
N GLU B 119 35.36 2.08 -43.63
CA GLU B 119 36.81 2.17 -43.75
C GLU B 119 37.29 1.56 -45.07
N THR B 120 36.98 0.29 -45.30
CA THR B 120 37.33 -0.35 -46.57
C THR B 120 36.58 0.25 -47.75
N ILE B 121 35.52 1.03 -47.54
CA ILE B 121 34.82 1.65 -48.65
C ILE B 121 35.50 2.94 -49.07
N MET B 122 35.87 3.76 -48.10
CA MET B 122 36.42 5.07 -48.36
C MET B 122 37.92 5.03 -48.60
N TYR B 123 38.66 4.32 -47.74
CA TYR B 123 40.12 4.29 -47.86
C TYR B 123 40.57 3.58 -49.12
N SER B 124 39.73 2.72 -49.69
CA SER B 124 39.99 2.10 -50.98
C SER B 124 40.02 3.13 -52.10
N VAL B 125 39.47 4.32 -51.88
CA VAL B 125 39.44 5.38 -52.88
C VAL B 125 40.44 6.49 -52.58
N PHE B 126 40.89 6.61 -51.35
CA PHE B 126 41.80 7.71 -50.99
C PHE B 126 43.06 7.78 -51.87
N PRO B 127 43.71 6.67 -52.25
CA PRO B 127 44.90 6.80 -53.11
C PRO B 127 44.66 7.57 -54.39
N LYS B 128 43.51 7.37 -55.05
CA LYS B 128 43.23 8.08 -56.29
C LYS B 128 43.02 9.57 -56.05
N TRP B 129 42.56 9.95 -54.86
CA TRP B 129 42.24 11.34 -54.56
C TRP B 129 43.39 12.09 -53.91
N ILE B 130 44.37 11.37 -53.35
CA ILE B 130 45.51 11.99 -52.66
C ILE B 130 46.75 11.65 -53.46
N ARG B 131 47.24 12.62 -54.22
CA ARG B 131 48.46 12.44 -54.99
C ARG B 131 49.62 13.29 -54.50
N SER B 132 49.35 14.48 -53.93
CA SER B 132 50.40 15.36 -53.45
C SER B 132 49.90 16.14 -52.24
N TYR B 133 50.80 16.96 -51.68
CA TYR B 133 50.44 17.82 -50.56
C TYR B 133 49.37 18.84 -50.92
N ARG B 134 49.17 19.11 -52.21
CA ARG B 134 48.12 20.04 -52.64
C ARG B 134 46.72 19.50 -52.39
N ASP B 135 46.59 18.20 -52.12
CA ASP B 135 45.31 17.56 -51.89
C ASP B 135 45.03 17.35 -50.42
N LEU B 136 45.95 17.72 -49.53
CA LEU B 136 45.72 17.54 -48.11
C LEU B 136 45.49 18.89 -47.44
N PRO B 137 44.70 18.92 -46.36
CA PRO B 137 44.04 17.73 -45.79
C PRO B 137 42.79 17.34 -46.56
N LEU B 138 42.50 16.04 -46.56
CA LEU B 138 41.22 15.52 -47.03
C LEU B 138 40.32 15.29 -45.81
N LYS B 139 39.11 15.85 -45.84
CA LYS B 139 38.19 15.77 -44.73
C LYS B 139 36.80 15.39 -45.23
N LEU B 140 36.34 14.19 -44.89
CA LEU B 140 35.04 13.71 -45.35
C LEU B 140 34.19 13.26 -44.17
N ASN B 141 32.88 13.39 -44.32
CA ASN B 141 31.90 12.90 -43.35
C ASN B 141 30.72 12.28 -44.09
N GLN B 142 30.09 11.29 -43.43
CA GLN B 142 28.86 10.68 -43.91
C GLN B 142 27.81 10.69 -42.81
N TRP B 143 26.55 10.97 -43.20
CA TRP B 143 25.37 10.69 -42.39
C TRP B 143 24.67 9.48 -43.01
N ASN B 144 24.72 8.34 -42.31
CA ASN B 144 24.17 7.11 -42.90
C ASN B 144 23.76 6.15 -41.78
N THR B 145 23.32 4.94 -42.17
CA THR B 145 23.10 3.86 -41.23
C THR B 145 24.14 2.77 -41.48
N VAL B 146 24.45 2.02 -40.42
CA VAL B 146 25.33 0.85 -40.51
C VAL B 146 24.62 -0.30 -39.82
N VAL B 147 25.07 -1.51 -40.12
CA VAL B 147 24.42 -2.73 -39.65
C VAL B 147 25.48 -3.64 -39.07
N ARG B 148 25.30 -4.05 -37.82
CA ARG B 148 26.14 -5.04 -37.18
C ARG B 148 25.20 -6.07 -36.57
N TRP B 149 25.24 -7.30 -37.09
CA TRP B 149 24.20 -8.27 -36.76
C TRP B 149 24.61 -9.14 -35.58
N GLU B 150 24.88 -8.48 -34.46
CA GLU B 150 25.17 -9.19 -33.23
C GLU B 150 23.89 -9.78 -32.64
N PHE B 151 24.04 -10.80 -31.82
CA PHE B 151 22.89 -11.45 -31.20
C PHE B 151 22.80 -11.16 -29.70
N LYS B 152 23.61 -10.25 -29.18
CA LYS B 152 23.50 -9.82 -27.79
C LYS B 152 22.15 -9.14 -27.55
N GLN B 153 21.84 -8.90 -26.27
CA GLN B 153 20.57 -8.30 -25.90
C GLN B 153 20.45 -6.89 -26.49
N PRO B 154 19.53 -6.68 -27.42
CA PRO B 154 19.38 -5.35 -28.02
C PRO B 154 18.62 -4.42 -27.09
N THR B 155 19.02 -3.15 -27.09
CA THR B 155 18.32 -2.12 -26.33
C THR B 155 18.06 -0.94 -27.25
N PRO B 156 16.83 -0.43 -27.32
CA PRO B 156 16.55 0.68 -28.24
C PRO B 156 17.46 1.86 -27.99
N PHE B 157 17.83 2.53 -29.10
CA PHE B 157 18.73 3.69 -29.15
C PHE B 157 20.19 3.35 -28.92
N ILE B 158 20.49 2.41 -28.04
CA ILE B 158 21.81 2.25 -27.48
C ILE B 158 22.55 1.04 -28.04
N ARG B 159 21.83 -0.06 -28.28
CA ARG B 159 22.44 -1.32 -28.73
C ARG B 159 21.49 -1.97 -29.75
N THR B 160 21.53 -1.48 -30.99
CA THR B 160 20.64 -1.95 -32.03
C THR B 160 21.42 -2.49 -33.22
N ARG B 161 20.77 -3.37 -34.00
CA ARG B 161 21.45 -3.96 -35.15
C ARG B 161 21.64 -2.95 -36.26
N GLU B 162 20.65 -2.09 -36.49
CA GLU B 162 20.82 -0.96 -37.39
C GLU B 162 20.73 0.32 -36.58
N PHE B 163 21.62 1.28 -36.88
CA PHE B 163 21.52 2.58 -36.24
C PHE B 163 22.09 3.66 -37.15
N LEU B 164 21.53 4.86 -37.00
CA LEU B 164 22.02 6.04 -37.67
C LEU B 164 23.24 6.60 -36.93
N TRP B 165 24.18 7.16 -37.70
CA TRP B 165 25.31 7.87 -37.10
C TRP B 165 25.88 8.84 -38.13
N GLN B 166 26.81 9.66 -37.66
CA GLN B 166 27.75 10.33 -38.53
C GLN B 166 29.10 9.60 -38.45
N GLU B 167 29.85 9.71 -39.54
CA GLU B 167 31.06 8.93 -39.76
C GLU B 167 32.07 9.87 -40.41
N GLY B 168 33.07 10.31 -39.66
CA GLY B 168 34.04 11.28 -40.14
C GLY B 168 35.39 10.63 -40.41
N HIS B 169 36.01 11.02 -41.53
CA HIS B 169 37.29 10.46 -41.95
C HIS B 169 38.15 11.58 -42.52
N THR B 170 39.35 11.74 -41.98
CA THR B 170 40.29 12.75 -42.44
C THR B 170 41.66 12.11 -42.66
N ALA B 171 42.49 12.83 -43.43
CA ALA B 171 43.85 12.42 -43.75
C ALA B 171 44.71 13.67 -43.85
N HIS B 172 45.89 13.63 -43.24
CA HIS B 172 46.70 14.83 -43.08
C HIS B 172 48.14 14.57 -43.50
N LYS B 173 48.93 15.64 -43.52
CA LYS B 173 50.32 15.53 -43.96
C LYS B 173 51.26 15.11 -42.83
N ASN B 174 50.86 15.27 -41.57
CA ASN B 174 51.69 14.90 -40.43
C ASN B 174 50.81 14.45 -39.27
N GLU B 175 51.48 14.01 -38.20
CA GLU B 175 50.78 13.55 -37.00
C GLU B 175 50.15 14.71 -36.24
N GLU B 176 50.85 15.84 -36.15
CA GLU B 176 50.41 16.96 -35.32
C GLU B 176 49.05 17.49 -35.79
N GLU B 177 48.91 17.70 -37.09
CA GLU B 177 47.65 18.22 -37.61
C GLU B 177 46.51 17.24 -37.36
N ALA B 178 46.79 15.93 -37.48
CA ALA B 178 45.76 14.92 -37.26
C ALA B 178 45.35 14.83 -35.80
N VAL B 179 46.33 14.76 -34.89
CA VAL B 179 46.03 14.65 -33.47
C VAL B 179 45.23 15.86 -33.01
N LYS B 180 45.52 17.03 -33.57
CA LYS B 180 44.74 18.21 -33.19
C LYS B 180 43.28 18.05 -33.58
N LEU B 181 43.03 17.52 -34.78
CA LEU B 181 41.64 17.33 -35.21
C LEU B 181 40.93 16.28 -34.36
N VAL B 182 41.66 15.22 -33.95
CA VAL B 182 41.06 14.21 -33.09
C VAL B 182 40.44 14.84 -31.85
N PHE B 183 41.17 15.76 -31.20
CA PHE B 183 40.65 16.32 -29.96
C PHE B 183 39.74 17.51 -30.18
N ASP B 184 39.84 18.18 -31.33
CA ASP B 184 38.83 19.18 -31.68
C ASP B 184 37.46 18.53 -31.87
N ILE B 185 37.44 17.37 -32.54
CA ILE B 185 36.20 16.62 -32.71
C ILE B 185 35.71 16.11 -31.36
N LEU B 186 36.62 15.63 -30.51
CA LEU B 186 36.22 15.09 -29.21
C LEU B 186 35.51 16.16 -28.39
N ASP B 187 35.96 17.40 -28.50
CA ASP B 187 35.29 18.46 -27.76
C ASP B 187 33.95 18.83 -28.40
N LEU B 188 33.83 18.71 -29.72
CA LEU B 188 32.53 18.89 -30.37
C LEU B 188 31.53 17.85 -29.84
N TYR B 189 31.99 16.62 -29.60
CA TYR B 189 31.15 15.64 -28.95
C TYR B 189 30.75 16.09 -27.55
N ARG B 190 31.68 16.70 -26.81
CA ARG B 190 31.33 17.22 -25.48
C ARG B 190 30.21 18.24 -25.59
N ARG B 191 30.31 19.18 -26.53
CA ARG B 191 29.26 20.17 -26.71
C ARG B 191 27.98 19.53 -27.23
N TRP B 192 28.11 18.46 -28.03
CA TRP B 192 26.94 17.72 -28.50
C TRP B 192 26.12 17.21 -27.32
N TYR B 193 26.78 16.56 -26.37
CA TYR B 193 26.07 16.04 -25.21
C TYR B 193 25.70 17.14 -24.23
N GLU B 194 26.63 18.06 -23.94
CA GLU B 194 26.37 19.07 -22.92
C GLU B 194 25.39 20.14 -23.40
N GLU B 195 25.72 20.80 -24.51
CA GLU B 195 24.94 21.97 -24.92
C GLU B 195 23.58 21.60 -25.51
N TYR B 196 23.42 20.37 -26.01
CA TYR B 196 22.16 19.98 -26.63
C TYR B 196 21.41 18.88 -25.90
N LEU B 197 22.10 17.94 -25.25
CA LEU B 197 21.42 16.89 -24.50
C LEU B 197 21.53 17.06 -22.98
N ALA B 198 22.21 18.10 -22.51
CA ALA B 198 22.45 18.34 -21.08
C ALA B 198 23.09 17.14 -20.38
N VAL B 199 23.82 16.31 -21.11
CA VAL B 199 24.47 15.12 -20.58
C VAL B 199 25.95 15.41 -20.36
N PRO B 200 26.48 15.19 -19.15
CA PRO B 200 27.93 15.32 -18.96
C PRO B 200 28.66 14.05 -19.39
N ILE B 201 29.91 14.23 -19.84
CA ILE B 201 30.73 13.11 -20.28
C ILE B 201 32.10 13.22 -19.63
N ILE B 202 32.91 12.19 -19.85
CA ILE B 202 34.28 12.15 -19.35
C ILE B 202 35.20 11.83 -20.51
N LYS B 203 36.17 12.71 -20.78
CA LYS B 203 37.13 12.47 -21.84
C LYS B 203 38.22 11.52 -21.36
N GLY B 204 38.59 10.56 -22.22
CA GLY B 204 39.65 9.62 -21.88
C GLY B 204 40.28 8.96 -23.08
N ILE B 205 41.23 8.07 -22.79
CA ILE B 205 41.92 7.27 -23.79
C ILE B 205 41.61 5.80 -23.50
N LYS B 206 41.19 5.07 -24.53
CA LYS B 206 40.82 3.67 -24.33
C LYS B 206 42.04 2.83 -23.98
N SER B 207 41.82 1.78 -23.21
CA SER B 207 42.91 0.84 -22.94
C SER B 207 43.26 0.08 -24.22
N GLU B 208 44.40 -0.61 -24.18
CA GLU B 208 44.86 -1.35 -25.36
C GLU B 208 43.82 -2.38 -25.80
N GLY B 209 43.21 -3.08 -24.85
CA GLY B 209 42.23 -4.10 -25.21
C GLY B 209 40.90 -3.56 -25.68
N GLU B 210 40.64 -2.26 -25.53
CA GLU B 210 39.34 -1.69 -25.83
C GLU B 210 39.35 -0.68 -26.97
N LYS B 211 40.52 -0.32 -27.50
CA LYS B 211 40.65 0.66 -28.57
C LYS B 211 40.31 0.03 -29.93
N PHE B 212 40.16 0.90 -30.93
CA PHE B 212 39.96 0.43 -32.30
C PHE B 212 41.24 -0.26 -32.79
N GLY B 213 41.06 -1.39 -33.49
CA GLY B 213 42.22 -2.18 -33.88
C GLY B 213 43.16 -1.45 -34.81
N GLY B 214 42.62 -0.66 -35.72
CA GLY B 214 43.47 0.07 -36.65
C GLY B 214 43.90 1.44 -36.18
N ALA B 215 43.66 1.77 -34.92
CA ALA B 215 43.96 3.10 -34.40
C ALA B 215 45.26 3.08 -33.62
N ASN B 216 46.02 4.18 -33.74
CA ASN B 216 47.18 4.39 -32.88
C ASN B 216 46.74 4.59 -31.44
N PHE B 217 45.76 5.47 -31.22
CA PHE B 217 45.08 5.59 -29.94
C PHE B 217 43.64 6.00 -30.20
N THR B 218 42.75 5.61 -29.28
CA THR B 218 41.32 5.90 -29.34
C THR B 218 40.95 6.83 -28.19
N SER B 219 40.54 8.06 -28.52
CA SER B 219 39.95 8.95 -27.54
C SER B 219 38.46 8.68 -27.47
N THR B 220 37.90 8.84 -26.27
CA THR B 220 36.51 8.47 -26.05
C THR B 220 35.88 9.48 -25.10
N ALA B 221 34.56 9.60 -25.21
CA ALA B 221 33.73 10.33 -24.27
C ALA B 221 32.81 9.32 -23.58
N GLU B 222 32.99 9.18 -22.27
CA GLU B 222 32.26 8.17 -21.49
C GLU B 222 31.14 8.81 -20.70
N ALA B 223 29.98 8.15 -20.69
CA ALA B 223 28.82 8.53 -19.90
C ALA B 223 28.47 7.40 -18.93
N PHE B 224 27.63 7.71 -17.93
CA PHE B 224 27.30 6.75 -16.89
C PHE B 224 25.83 6.85 -16.50
N ILE B 225 25.14 5.72 -16.51
CA ILE B 225 23.73 5.66 -16.13
C ILE B 225 23.67 5.25 -14.65
N SER B 226 23.53 6.25 -13.77
CA SER B 226 23.69 5.96 -12.35
C SER B 226 22.55 5.15 -11.76
N GLU B 227 21.44 4.99 -12.49
CA GLU B 227 20.28 4.27 -11.96
C GLU B 227 20.49 2.76 -11.97
N ASN B 228 21.25 2.22 -12.93
CA ASN B 228 21.61 0.81 -12.89
C ASN B 228 23.11 0.58 -12.82
N GLY B 229 23.90 1.61 -12.57
CA GLY B 229 25.35 1.46 -12.45
C GLY B 229 26.07 1.01 -13.70
N ARG B 230 25.64 1.48 -14.87
CA ARG B 230 26.22 1.06 -16.13
C ARG B 230 26.89 2.24 -16.83
N ALA B 231 28.15 2.06 -17.21
CA ALA B 231 28.86 3.01 -18.06
C ALA B 231 28.52 2.76 -19.53
N ILE B 232 28.71 3.80 -20.34
CA ILE B 232 28.37 3.67 -21.75
C ILE B 232 29.19 4.64 -22.60
N GLN B 233 29.78 4.13 -23.68
CA GLN B 233 30.59 4.95 -24.57
C GLN B 233 29.67 5.89 -25.36
N ALA B 234 29.89 7.19 -25.23
CA ALA B 234 28.99 8.19 -25.82
C ALA B 234 29.42 8.62 -27.21
N ALA B 235 30.72 8.59 -27.50
CA ALA B 235 31.28 9.06 -28.76
C ALA B 235 32.76 8.70 -28.79
N THR B 236 33.34 8.71 -29.99
CA THR B 236 34.68 8.19 -30.18
C THR B 236 35.40 8.98 -31.25
N SER B 237 36.71 9.15 -31.07
CA SER B 237 37.55 9.88 -32.02
C SER B 237 38.93 9.23 -32.05
N HIS B 238 39.35 8.73 -33.21
CA HIS B 238 40.58 7.93 -33.32
C HIS B 238 41.70 8.70 -34.02
N TYR B 239 42.92 8.52 -33.54
CA TYR B 239 44.10 8.84 -34.33
C TYR B 239 44.62 7.54 -34.92
N LEU B 240 44.59 7.44 -36.24
CA LEU B 240 44.96 6.22 -36.93
C LEU B 240 46.41 6.21 -37.37
N GLY B 241 47.11 7.35 -37.27
CA GLY B 241 48.49 7.39 -37.69
C GLY B 241 48.65 6.99 -39.14
N THR B 242 49.69 6.21 -39.41
CA THR B 242 49.96 5.75 -40.77
C THR B 242 49.50 4.31 -40.98
N ASN B 243 48.59 3.82 -40.13
CA ASN B 243 48.25 2.40 -40.17
C ASN B 243 47.43 2.06 -41.41
N PHE B 244 46.39 2.83 -41.69
CA PHE B 244 45.61 2.58 -42.90
C PHE B 244 46.35 3.03 -44.15
N ALA B 245 47.21 4.05 -44.03
CA ALA B 245 48.01 4.46 -45.18
C ALA B 245 48.94 3.34 -45.64
N LYS B 246 49.46 2.56 -44.70
CA LYS B 246 50.25 1.38 -45.06
C LYS B 246 49.36 0.26 -45.60
N MET B 247 48.18 0.04 -44.99
CA MET B 247 47.30 -1.01 -45.49
C MET B 247 46.84 -0.73 -46.92
N PHE B 248 46.40 0.50 -47.19
CA PHE B 248 45.78 0.84 -48.47
C PHE B 248 46.71 1.57 -49.42
N LYS B 249 47.96 1.81 -49.03
CA LYS B 249 48.95 2.50 -49.87
C LYS B 249 48.48 3.92 -50.22
N ILE B 250 48.14 4.68 -49.18
CA ILE B 250 47.68 6.05 -49.33
C ILE B 250 48.88 6.96 -49.14
N GLU B 251 49.51 7.35 -50.24
CA GLU B 251 50.71 8.15 -50.26
C GLU B 251 50.45 9.50 -50.91
N PHE B 252 51.43 10.39 -50.79
CA PHE B 252 51.37 11.72 -51.38
C PHE B 252 52.77 12.27 -51.52
N GLU B 253 53.00 13.01 -52.61
CA GLU B 253 54.26 13.72 -52.82
C GLU B 253 54.25 15.00 -51.99
N ASP B 254 55.24 15.15 -51.13
CA ASP B 254 55.33 16.34 -50.28
C ASP B 254 55.92 17.49 -51.08
N GLU B 255 56.24 18.60 -50.38
CA GLU B 255 56.74 19.81 -51.02
C GLU B 255 58.10 19.64 -51.68
N ASN B 256 58.75 18.50 -51.49
CA ASN B 256 60.03 18.22 -52.14
C ASN B 256 59.95 17.04 -53.09
N GLU B 257 58.74 16.70 -53.56
CA GLU B 257 58.49 15.60 -54.50
C GLU B 257 58.84 14.23 -53.91
N VAL B 258 58.79 14.12 -52.58
CA VAL B 258 59.09 12.87 -51.89
C VAL B 258 57.78 12.28 -51.40
N LYS B 259 57.54 11.00 -51.71
CA LYS B 259 56.30 10.36 -51.28
C LYS B 259 56.33 10.04 -49.78
N GLN B 260 55.24 10.39 -49.10
CA GLN B 260 55.08 10.15 -47.67
C GLN B 260 53.76 9.43 -47.43
N TYR B 261 53.60 8.87 -46.23
CA TYR B 261 52.30 8.35 -45.81
C TYR B 261 51.45 9.48 -45.23
N VAL B 262 50.14 9.34 -45.37
CA VAL B 262 49.21 10.26 -44.72
C VAL B 262 49.00 9.84 -43.27
N HIS B 263 48.52 10.77 -42.46
CA HIS B 263 48.10 10.50 -41.09
C HIS B 263 46.59 10.72 -41.00
N GLN B 264 45.86 9.67 -40.61
CA GLN B 264 44.41 9.66 -40.71
C GLN B 264 43.74 9.69 -39.35
N THR B 265 42.48 10.13 -39.35
CA THR B 265 41.62 10.10 -38.17
C THR B 265 40.23 9.61 -38.58
N SER B 266 39.53 8.97 -37.63
CA SER B 266 38.12 8.64 -37.82
C SER B 266 37.38 8.84 -36.50
N TRP B 267 36.11 9.25 -36.62
CA TRP B 267 35.32 9.63 -35.45
C TRP B 267 33.84 9.44 -35.76
N GLY B 268 33.06 9.07 -34.74
CA GLY B 268 31.63 8.84 -34.94
C GLY B 268 30.83 9.01 -33.66
N CYS B 269 29.58 9.44 -33.83
CA CYS B 269 28.58 9.48 -32.77
C CYS B 269 27.26 8.99 -33.34
N THR B 270 26.49 8.26 -32.55
CA THR B 270 25.31 7.58 -33.06
C THR B 270 24.05 8.07 -32.34
N THR B 271 22.92 7.46 -32.70
CA THR B 271 21.68 7.74 -32.00
C THR B 271 21.74 7.29 -30.54
N ARG B 272 22.78 6.55 -30.15
CA ARG B 272 22.99 6.24 -28.75
C ARG B 272 22.95 7.49 -27.89
N SER B 273 23.39 8.63 -28.44
CA SER B 273 23.31 9.88 -27.71
C SER B 273 21.88 10.17 -27.22
N ILE B 274 20.89 9.84 -28.04
CA ILE B 274 19.50 10.05 -27.64
C ILE B 274 19.12 9.16 -26.46
N GLY B 275 19.43 7.86 -26.56
CA GLY B 275 19.17 6.95 -25.47
C GLY B 275 19.84 7.37 -24.18
N ILE B 276 21.07 7.90 -24.27
CA ILE B 276 21.75 8.36 -23.07
C ILE B 276 21.00 9.55 -22.47
N MET B 277 20.51 10.45 -23.32
CA MET B 277 19.74 11.57 -22.81
C MET B 277 18.47 11.09 -22.08
N ILE B 278 17.73 10.17 -22.70
CA ILE B 278 16.50 9.64 -22.10
C ILE B 278 16.78 9.04 -20.74
N MET B 279 17.80 8.19 -20.65
CA MET B 279 18.11 7.51 -19.40
C MET B 279 18.60 8.48 -18.34
N THR B 280 19.21 9.59 -18.74
CA THR B 280 19.74 10.52 -17.75
C THR B 280 18.65 11.37 -17.12
N HIS B 281 17.80 12.01 -17.94
CA HIS B 281 16.88 13.02 -17.44
C HIS B 281 15.47 12.52 -17.20
N GLY B 282 15.09 11.39 -17.78
CA GLY B 282 13.74 10.89 -17.60
C GLY B 282 13.44 10.61 -16.14
N ASP B 283 12.16 10.77 -15.77
CA ASP B 283 11.71 10.51 -14.42
C ASP B 283 10.47 9.62 -14.40
N ASP B 284 9.81 9.51 -13.24
CA ASP B 284 8.69 8.59 -13.14
C ASP B 284 7.46 9.10 -13.86
N LYS B 285 7.40 10.40 -14.16
CA LYS B 285 6.31 10.94 -14.95
C LYS B 285 6.52 10.74 -16.44
N GLY B 286 7.73 10.41 -16.87
CA GLY B 286 7.96 10.18 -18.29
C GLY B 286 9.20 10.86 -18.86
N LEU B 287 9.12 11.25 -20.13
CA LEU B 287 10.25 11.86 -20.81
C LEU B 287 10.54 13.25 -20.25
N VAL B 288 11.80 13.63 -20.29
CA VAL B 288 12.23 14.98 -19.95
C VAL B 288 13.18 15.43 -21.05
N LEU B 289 12.82 16.51 -21.73
CA LEU B 289 13.60 16.96 -22.88
C LEU B 289 14.33 18.24 -22.56
N PRO B 290 15.64 18.32 -22.80
CA PRO B 290 16.30 19.62 -22.83
C PRO B 290 15.68 20.48 -23.90
N PRO B 291 15.30 21.73 -23.57
CA PRO B 291 14.57 22.56 -24.54
C PRO B 291 15.16 22.57 -25.95
N ASN B 292 16.48 22.45 -26.10
CA ASN B 292 17.11 22.52 -27.42
C ASN B 292 16.75 21.35 -28.34
N VAL B 293 16.21 20.25 -27.81
CA VAL B 293 15.86 19.11 -28.65
C VAL B 293 14.37 18.78 -28.58
N SER B 294 13.56 19.74 -28.14
CA SER B 294 12.11 19.58 -28.08
C SER B 294 11.47 20.47 -29.14
N LYS B 295 10.61 19.89 -29.98
CA LYS B 295 9.92 20.67 -31.02
C LYS B 295 9.07 21.77 -30.39
N TYR B 296 8.40 21.46 -29.29
CA TYR B 296 7.57 22.44 -28.59
C TYR B 296 8.29 22.86 -27.32
N LYS B 297 8.53 24.16 -27.17
CA LYS B 297 9.17 24.64 -25.95
C LYS B 297 8.16 24.81 -24.82
N VAL B 298 6.91 25.14 -25.15
CA VAL B 298 5.88 25.46 -24.17
C VAL B 298 4.56 24.81 -24.59
N VAL B 299 3.80 24.33 -23.60
CA VAL B 299 2.41 23.90 -23.78
C VAL B 299 1.51 24.87 -23.04
N ILE B 300 0.49 25.39 -23.72
CA ILE B 300 -0.50 26.27 -23.11
C ILE B 300 -1.76 25.45 -22.89
N VAL B 301 -2.17 25.35 -21.63
CA VAL B 301 -3.35 24.59 -21.25
C VAL B 301 -4.39 25.56 -20.70
N PRO B 302 -5.58 25.63 -21.30
CA PRO B 302 -6.64 26.46 -20.73
C PRO B 302 -7.40 25.72 -19.63
N ILE B 303 -7.86 26.49 -18.66
CA ILE B 303 -8.60 25.96 -17.52
C ILE B 303 -9.97 26.64 -17.51
N PHE B 304 -11.01 25.91 -17.92
CA PHE B 304 -12.36 26.45 -18.04
C PHE B 304 -13.16 26.04 -16.81
N TYR B 305 -13.32 26.97 -15.87
CA TYR B 305 -14.14 26.77 -14.68
C TYR B 305 -15.41 27.58 -14.81
N LYS B 306 -16.55 26.91 -14.78
CA LYS B 306 -17.88 27.53 -14.71
C LYS B 306 -18.24 28.30 -15.99
N THR B 307 -17.57 27.97 -17.10
CA THR B 307 -17.79 28.62 -18.40
C THR B 307 -17.97 30.12 -18.24
N THR B 308 -17.01 30.74 -17.56
CA THR B 308 -17.02 32.18 -17.36
C THR B 308 -17.05 32.90 -18.71
N ASP B 309 -16.03 32.64 -19.52
CA ASP B 309 -15.97 33.14 -20.90
C ASP B 309 -14.90 32.30 -21.59
N GLU B 310 -15.33 31.14 -22.12
CA GLU B 310 -14.39 30.27 -22.83
C GLU B 310 -13.64 31.03 -23.91
N ASN B 311 -14.32 31.94 -24.61
CA ASN B 311 -13.66 32.71 -25.66
C ASN B 311 -12.67 33.73 -25.10
N ALA B 312 -12.89 34.20 -23.86
CA ALA B 312 -11.91 35.11 -23.26
C ALA B 312 -10.66 34.36 -22.84
N ILE B 313 -10.82 33.18 -22.24
CA ILE B 313 -9.67 32.32 -21.97
C ILE B 313 -9.01 31.90 -23.28
N HIS B 314 -9.82 31.59 -24.29
CA HIS B 314 -9.29 31.20 -25.61
C HIS B 314 -8.40 32.29 -26.20
N SER B 315 -8.90 33.52 -26.26
CA SER B 315 -8.11 34.61 -26.83
C SER B 315 -6.89 34.91 -25.98
N TYR B 316 -7.03 34.88 -24.66
CA TYR B 316 -5.88 35.13 -23.80
C TYR B 316 -4.80 34.10 -24.03
N CYS B 317 -5.19 32.82 -24.14
CA CYS B 317 -4.24 31.78 -24.50
C CYS B 317 -3.63 32.03 -25.87
N LYS B 318 -4.47 32.40 -26.84
CA LYS B 318 -3.96 32.65 -28.19
C LYS B 318 -3.04 33.86 -28.23
N ASP B 319 -3.24 34.84 -27.33
CA ASP B 319 -2.31 35.95 -27.21
C ASP B 319 -0.94 35.47 -26.77
N ILE B 320 -0.90 34.55 -25.81
CA ILE B 320 0.39 34.04 -25.33
C ILE B 320 1.06 33.20 -26.41
N GLU B 321 0.28 32.41 -27.15
CA GLU B 321 0.85 31.65 -28.26
C GLU B 321 1.46 32.58 -29.30
N LYS B 322 0.76 33.68 -29.62
CA LYS B 322 1.26 34.62 -30.61
C LYS B 322 2.55 35.29 -30.13
N ILE B 323 2.64 35.61 -28.84
CA ILE B 323 3.83 36.24 -28.31
C ILE B 323 5.03 35.31 -28.45
N LEU B 324 4.89 34.06 -28.01
CA LEU B 324 6.01 33.12 -28.07
C LEU B 324 6.43 32.86 -29.52
N LYS B 325 5.47 32.68 -30.42
CA LYS B 325 5.82 32.29 -31.78
C LYS B 325 6.43 33.46 -32.56
N ASN B 326 6.06 34.71 -32.24
CA ASN B 326 6.71 35.85 -32.85
C ASN B 326 8.14 36.04 -32.33
N ALA B 327 8.51 35.35 -31.27
CA ALA B 327 9.88 35.33 -30.77
C ALA B 327 10.61 34.04 -31.14
N GLN B 328 10.08 33.28 -32.11
CA GLN B 328 10.67 32.02 -32.57
C GLN B 328 10.81 31.01 -31.43
N ILE B 329 9.82 30.97 -30.55
CA ILE B 329 9.70 29.97 -29.50
C ILE B 329 8.49 29.13 -29.88
N ASN B 330 8.72 28.01 -30.54
CA ASN B 330 7.61 27.16 -30.96
C ASN B 330 6.89 26.60 -29.73
N CYS B 331 5.57 26.49 -29.84
CA CYS B 331 4.74 26.07 -28.73
C CYS B 331 3.43 25.54 -29.29
N VAL B 332 2.69 24.81 -28.44
CA VAL B 332 1.38 24.30 -28.81
C VAL B 332 0.38 24.77 -27.77
N TYR B 333 -0.78 25.23 -28.24
CA TYR B 333 -1.92 25.57 -27.39
C TYR B 333 -2.91 24.43 -27.49
N ASP B 334 -3.07 23.67 -26.40
CA ASP B 334 -3.91 22.47 -26.39
C ASP B 334 -5.34 22.88 -26.06
N ASP B 335 -6.09 23.25 -27.09
CA ASP B 335 -7.47 23.72 -26.95
C ASP B 335 -8.49 22.61 -27.19
N ARG B 336 -8.07 21.34 -27.13
CA ARG B 336 -8.99 20.23 -27.35
C ARG B 336 -10.11 20.25 -26.32
N ALA B 337 -11.35 20.28 -26.80
CA ALA B 337 -12.49 20.40 -25.89
C ALA B 337 -12.81 19.10 -25.18
N SER B 338 -12.30 17.97 -25.67
CA SER B 338 -12.70 16.67 -25.15
C SER B 338 -11.83 16.19 -23.98
N TYR B 339 -10.86 16.98 -23.52
CA TYR B 339 -9.97 16.55 -22.45
C TYR B 339 -9.86 17.62 -21.38
N SER B 340 -9.82 17.18 -20.13
CA SER B 340 -9.71 18.08 -18.98
C SER B 340 -8.31 18.68 -18.91
N PRO B 341 -8.14 19.76 -18.13
CA PRO B 341 -6.77 20.27 -17.92
C PRO B 341 -5.87 19.23 -17.27
N GLY B 342 -6.42 18.41 -16.37
CA GLY B 342 -5.62 17.39 -15.73
C GLY B 342 -5.14 16.34 -16.72
N TYR B 343 -6.00 15.96 -17.67
CA TYR B 343 -5.56 15.07 -18.74
C TYR B 343 -4.40 15.69 -19.53
N LYS B 344 -4.51 16.97 -19.87
CA LYS B 344 -3.46 17.59 -20.66
C LYS B 344 -2.17 17.74 -19.88
N PHE B 345 -2.25 18.03 -18.58
CA PHE B 345 -1.04 18.06 -17.76
C PHE B 345 -0.24 16.78 -17.91
N ASN B 346 -0.89 15.64 -17.65
CA ASN B 346 -0.20 14.36 -17.76
C ASN B 346 0.28 14.11 -19.17
N HIS B 347 -0.57 14.43 -20.16
CA HIS B 347 -0.25 14.16 -21.55
C HIS B 347 1.06 14.82 -21.98
N TRP B 348 1.22 16.10 -21.69
CA TRP B 348 2.42 16.81 -22.12
C TRP B 348 3.59 16.64 -21.17
N GLU B 349 3.34 16.32 -19.89
CA GLU B 349 4.45 16.04 -18.99
C GLU B 349 5.13 14.73 -19.39
N LEU B 350 4.33 13.72 -19.74
CA LEU B 350 4.91 12.44 -20.11
C LEU B 350 5.66 12.52 -21.43
N ARG B 351 5.33 13.50 -22.28
CA ARG B 351 5.98 13.66 -23.57
C ARG B 351 7.13 14.67 -23.53
N GLY B 352 7.49 15.18 -22.36
CA GLY B 352 8.75 15.88 -22.20
C GLY B 352 8.74 17.36 -22.48
N ILE B 353 7.58 17.99 -22.64
CA ILE B 353 7.58 19.42 -22.93
C ILE B 353 8.23 20.17 -21.77
N PRO B 354 9.20 21.06 -22.02
CA PRO B 354 9.90 21.72 -20.90
C PRO B 354 9.02 22.60 -20.03
N ILE B 355 8.21 23.48 -20.62
CA ILE B 355 7.42 24.45 -19.86
C ILE B 355 5.94 24.27 -20.16
N ARG B 356 5.11 24.39 -19.12
CA ARG B 356 3.65 24.46 -19.26
C ARG B 356 3.17 25.81 -18.75
N ILE B 357 2.26 26.42 -19.50
CA ILE B 357 1.58 27.65 -19.10
C ILE B 357 0.10 27.32 -18.89
N GLU B 358 -0.39 27.60 -17.69
CA GLU B 358 -1.79 27.39 -17.32
C GLU B 358 -2.50 28.74 -17.28
N VAL B 359 -3.69 28.81 -17.87
CA VAL B 359 -4.51 30.03 -17.90
C VAL B 359 -5.92 29.67 -17.44
N GLY B 360 -6.36 30.27 -16.34
CA GLY B 360 -7.71 30.08 -15.84
C GLY B 360 -8.43 31.40 -15.66
N PRO B 361 -9.63 31.35 -15.08
CA PRO B 361 -10.38 32.60 -14.88
C PRO B 361 -9.72 33.55 -13.88
N LYS B 362 -9.18 33.03 -12.77
CA LYS B 362 -8.50 33.90 -11.82
C LYS B 362 -7.21 34.48 -12.39
N ASP B 363 -6.56 33.76 -13.31
CA ASP B 363 -5.39 34.32 -13.98
C ASP B 363 -5.78 35.47 -14.89
N LEU B 364 -6.84 35.30 -15.67
CA LEU B 364 -7.25 36.35 -16.61
C LEU B 364 -7.62 37.63 -15.87
N GLN B 365 -8.40 37.52 -14.79
CA GLN B 365 -8.80 38.69 -14.03
C GLN B 365 -7.59 39.39 -13.39
N ASN B 366 -6.52 38.63 -13.11
CA ASN B 366 -5.28 39.17 -12.56
C ASN B 366 -4.27 39.51 -13.64
N ASN B 367 -4.59 39.25 -14.90
CA ASN B 367 -3.71 39.49 -16.03
C ASN B 367 -2.33 38.84 -15.81
N SER B 368 -2.36 37.55 -15.53
CA SER B 368 -1.16 36.78 -15.28
C SER B 368 -1.37 35.37 -15.82
N CYS B 369 -0.45 34.47 -15.50
CA CYS B 369 -0.60 33.06 -15.81
C CYS B 369 0.39 32.28 -14.96
N VAL B 370 0.18 30.96 -14.89
CA VAL B 370 1.02 30.07 -14.11
C VAL B 370 1.97 29.33 -15.06
N ILE B 371 3.27 29.37 -14.73
CA ILE B 371 4.32 28.74 -15.53
C ILE B 371 4.96 27.63 -14.70
N VAL B 372 4.99 26.42 -15.24
CA VAL B 372 5.40 25.22 -14.51
C VAL B 372 6.54 24.55 -15.25
N ARG B 373 7.65 24.33 -14.55
CA ARG B 373 8.83 23.67 -15.10
C ARG B 373 8.67 22.16 -15.09
N ARG B 374 9.11 21.51 -16.17
CA ARG B 374 8.98 20.06 -16.26
C ARG B 374 10.04 19.32 -15.45
N ASP B 375 11.18 19.94 -15.20
CA ASP B 375 12.24 19.21 -14.52
C ASP B 375 11.98 19.09 -13.04
N ASN B 376 11.50 20.16 -12.40
CA ASN B 376 11.28 20.18 -10.95
C ASN B 376 9.86 20.57 -10.54
N ASN B 377 8.93 20.70 -11.50
CA ASN B 377 7.49 20.94 -11.24
C ASN B 377 7.24 22.21 -10.46
N GLU B 378 8.18 23.15 -10.47
CA GLU B 378 8.00 24.39 -9.74
C GLU B 378 7.14 25.36 -10.52
N LYS B 379 6.25 26.05 -9.82
CA LYS B 379 5.27 26.94 -10.41
C LYS B 379 5.56 28.38 -9.99
N CYS B 380 5.08 29.33 -10.78
CA CYS B 380 5.24 30.75 -10.48
C CYS B 380 4.24 31.57 -11.29
N ASN B 381 3.72 32.63 -10.68
CA ASN B 381 2.81 33.55 -11.36
C ASN B 381 3.60 34.63 -12.10
N VAL B 382 3.28 34.80 -13.38
CA VAL B 382 3.99 35.73 -14.24
C VAL B 382 2.97 36.65 -14.91
N LYS B 383 3.22 37.96 -14.86
CA LYS B 383 2.36 38.91 -15.56
C LYS B 383 2.45 38.69 -17.07
N LYS B 384 1.38 39.04 -17.77
CA LYS B 384 1.32 38.77 -19.21
C LYS B 384 2.46 39.46 -19.96
N GLU B 385 2.82 40.68 -19.56
CA GLU B 385 3.89 41.41 -20.22
C GLU B 385 5.25 40.80 -19.95
N SER B 386 5.36 39.98 -18.91
CA SER B 386 6.63 39.38 -18.52
C SER B 386 6.77 37.95 -19.01
N VAL B 387 5.77 37.41 -19.72
CA VAL B 387 5.77 35.99 -20.06
C VAL B 387 6.92 35.66 -21.00
N LEU B 388 7.15 36.49 -22.04
CA LEU B 388 8.20 36.19 -22.99
C LEU B 388 9.58 36.18 -22.34
N LEU B 389 9.86 37.18 -21.49
CA LEU B 389 11.18 37.25 -20.87
C LEU B 389 11.36 36.12 -19.86
N GLU B 390 10.35 35.87 -19.02
CA GLU B 390 10.47 34.80 -18.03
C GLU B 390 10.58 33.44 -18.72
N THR B 391 9.87 33.25 -19.84
CA THR B 391 9.92 31.97 -20.55
C THR B 391 11.31 31.69 -21.10
N GLN B 392 11.96 32.72 -21.66
CA GLN B 392 13.29 32.55 -22.26
C GLN B 392 14.33 32.22 -21.19
N GLN B 393 14.30 32.97 -20.09
CA GLN B 393 15.25 32.71 -19.00
C GLN B 393 15.02 31.33 -18.39
N MET B 394 13.77 30.88 -18.37
CA MET B 394 13.46 29.59 -17.76
C MET B 394 13.91 28.43 -18.64
N LEU B 395 13.73 28.54 -19.96
CA LEU B 395 14.25 27.51 -20.86
C LEU B 395 15.76 27.33 -20.67
N VAL B 396 16.49 28.45 -20.52
CA VAL B 396 17.92 28.36 -20.24
C VAL B 396 18.17 27.76 -18.87
N ASP B 397 17.33 28.10 -17.89
CA ASP B 397 17.56 27.61 -16.54
C ASP B 397 17.23 26.12 -16.42
N ILE B 398 16.22 25.66 -17.15
CA ILE B 398 15.88 24.24 -17.15
C ILE B 398 17.05 23.43 -17.71
N HIS B 399 17.72 23.95 -18.73
CA HIS B 399 18.83 23.22 -19.32
C HIS B 399 20.04 23.22 -18.38
N LYS B 400 20.39 24.37 -17.84
CA LYS B 400 21.47 24.42 -16.86
C LYS B 400 21.18 23.49 -15.68
N ASN B 401 19.91 23.39 -15.27
CA ASN B 401 19.59 22.57 -14.11
C ASN B 401 19.65 21.08 -14.44
N LEU B 402 19.12 20.69 -15.60
CA LEU B 402 19.23 19.30 -16.03
C LEU B 402 20.68 18.84 -16.11
N PHE B 403 21.59 19.74 -16.52
CA PHE B 403 22.99 19.35 -16.68
C PHE B 403 23.71 19.27 -15.35
N LEU B 404 23.47 20.22 -14.44
CA LEU B 404 24.16 20.20 -13.16
C LEU B 404 23.69 19.03 -12.29
N LYS B 405 22.40 18.71 -12.33
CA LYS B 405 21.91 17.54 -11.60
C LYS B 405 22.53 16.25 -12.14
N ALA B 406 22.73 16.18 -13.45
CA ALA B 406 23.36 14.99 -14.05
C ALA B 406 24.86 14.96 -13.82
N LYS B 407 25.52 16.12 -13.73
CA LYS B 407 26.94 16.13 -13.40
C LYS B 407 27.18 15.71 -11.95
N LYS B 408 26.33 16.16 -11.02
CA LYS B 408 26.47 15.70 -9.64
C LYS B 408 26.28 14.20 -9.54
N LYS B 409 25.28 13.66 -10.26
CA LYS B 409 25.09 12.21 -10.26
C LYS B 409 26.28 11.49 -10.87
N LEU B 410 26.95 12.12 -11.85
CA LEU B 410 28.12 11.52 -12.49
C LEU B 410 29.31 11.52 -11.55
N ASP B 411 29.66 12.70 -11.01
CA ASP B 411 30.78 12.80 -10.09
C ASP B 411 30.62 11.84 -8.92
N ASP B 412 29.42 11.77 -8.33
CA ASP B 412 29.15 10.90 -7.18
C ASP B 412 29.15 9.42 -7.54
N SER B 413 29.30 9.06 -8.82
CA SER B 413 29.32 7.66 -9.21
C SER B 413 30.72 7.09 -9.27
N ILE B 414 31.74 7.90 -9.02
CA ILE B 414 33.15 7.51 -9.17
C ILE B 414 33.75 7.35 -7.78
N VAL B 415 34.25 6.15 -7.51
CA VAL B 415 34.89 5.83 -6.24
C VAL B 415 36.37 5.57 -6.50
N GLN B 416 37.23 6.41 -5.92
CA GLN B 416 38.67 6.24 -6.09
C GLN B 416 39.19 5.19 -5.11
N VAL B 417 39.78 4.12 -5.65
CA VAL B 417 40.26 3.00 -4.85
C VAL B 417 41.73 2.77 -5.14
N THR B 418 42.38 2.02 -4.25
CA THR B 418 43.76 1.63 -4.45
C THR B 418 43.98 0.12 -4.42
N SER B 419 42.98 -0.66 -4.03
CA SER B 419 43.11 -2.10 -3.92
C SER B 419 41.91 -2.75 -4.59
N PHE B 420 42.05 -4.05 -4.89
CA PHE B 420 40.94 -4.77 -5.50
C PHE B 420 39.89 -5.15 -4.47
N SER B 421 40.28 -5.25 -3.20
CA SER B 421 39.35 -5.69 -2.17
C SER B 421 38.18 -4.73 -1.99
N GLU B 422 38.33 -3.49 -2.44
CA GLU B 422 37.26 -2.50 -2.32
C GLU B 422 36.50 -2.30 -3.61
N VAL B 423 36.79 -3.10 -4.64
CA VAL B 423 36.17 -2.90 -5.95
C VAL B 423 34.73 -3.40 -5.96
N MET B 424 34.52 -4.63 -5.50
CA MET B 424 33.18 -5.23 -5.57
C MET B 424 32.17 -4.44 -4.76
N ASN B 425 32.59 -3.85 -3.64
CA ASN B 425 31.66 -3.04 -2.85
C ASN B 425 31.21 -1.81 -3.61
N ALA B 426 32.07 -1.24 -4.45
CA ALA B 426 31.71 -0.06 -5.23
C ALA B 426 30.86 -0.43 -6.43
N LEU B 427 31.10 -1.60 -7.03
CA LEU B 427 30.25 -2.04 -8.13
C LEU B 427 28.84 -2.38 -7.65
N ASN B 428 28.73 -3.09 -6.51
CA ASN B 428 27.42 -3.45 -6.00
C ASN B 428 26.59 -2.24 -5.58
N LYS B 429 27.23 -1.11 -5.27
CA LYS B 429 26.55 0.15 -5.02
C LYS B 429 26.35 0.97 -6.30
N LYS B 430 26.49 0.34 -7.47
CA LYS B 430 26.20 0.95 -8.78
C LYS B 430 27.12 2.14 -9.07
N LYS B 431 28.40 1.97 -8.77
CA LYS B 431 29.41 3.01 -8.93
C LYS B 431 30.51 2.56 -9.88
N MET B 432 31.35 3.51 -10.27
CA MET B 432 32.60 3.29 -10.98
C MET B 432 33.78 3.37 -10.02
N VAL B 433 34.87 2.71 -10.41
CA VAL B 433 36.11 2.74 -9.63
C VAL B 433 37.19 3.43 -10.46
N LEU B 434 37.86 4.40 -9.84
CA LEU B 434 39.05 5.02 -10.39
C LEU B 434 40.24 4.44 -9.62
N ALA B 435 41.00 3.55 -10.28
CA ALA B 435 42.04 2.79 -9.62
C ALA B 435 43.37 2.92 -10.35
N PRO B 436 44.48 2.80 -9.63
CA PRO B 436 45.79 2.77 -10.30
C PRO B 436 45.98 1.44 -11.00
N TRP B 437 46.39 1.48 -12.26
CA TRP B 437 46.45 0.30 -13.11
C TRP B 437 47.79 0.24 -13.81
N CYS B 438 48.31 -0.98 -13.98
CA CYS B 438 49.56 -1.15 -14.71
C CYS B 438 49.36 -1.17 -16.22
N GLU B 439 48.11 -1.11 -16.70
CA GLU B 439 47.78 -0.96 -18.12
C GLU B 439 48.27 -2.13 -18.96
N ASP B 440 48.42 -3.31 -18.37
CA ASP B 440 48.76 -4.51 -19.11
C ASP B 440 47.52 -5.09 -19.77
N ILE B 441 47.60 -5.31 -21.09
CA ILE B 441 46.43 -5.81 -21.82
C ILE B 441 46.04 -7.20 -21.32
N ALA B 442 46.99 -7.97 -20.80
CA ALA B 442 46.69 -9.31 -20.32
C ALA B 442 45.78 -9.26 -19.09
N THR B 443 45.89 -8.22 -18.26
CA THR B 443 45.07 -8.13 -17.06
C THR B 443 43.65 -7.71 -17.34
N GLU B 444 43.33 -7.25 -18.56
CA GLU B 444 41.97 -6.83 -18.84
C GLU B 444 41.00 -7.99 -18.75
N GLU B 445 41.38 -9.14 -19.31
CA GLU B 445 40.52 -10.32 -19.19
C GLU B 445 40.55 -10.88 -17.76
N GLU B 446 41.71 -10.81 -17.11
CA GLU B 446 41.80 -11.23 -15.71
C GLU B 446 40.82 -10.46 -14.84
N ILE B 447 40.76 -9.14 -15.02
CA ILE B 447 39.83 -8.34 -14.23
C ILE B 447 38.39 -8.61 -14.65
N LYS B 448 38.16 -8.80 -15.96
CA LYS B 448 36.80 -9.06 -16.44
C LYS B 448 36.30 -10.40 -15.94
N LYS B 449 37.15 -11.43 -15.99
CA LYS B 449 36.72 -12.77 -15.58
C LYS B 449 36.43 -12.83 -14.08
N GLU B 450 37.27 -12.18 -13.26
CA GLU B 450 37.11 -12.28 -11.82
C GLU B 450 35.95 -11.42 -11.31
N THR B 451 35.74 -10.25 -11.90
CA THR B 451 34.65 -9.40 -11.43
C THR B 451 33.29 -10.01 -11.70
N GLN B 452 33.14 -10.74 -12.81
CA GLN B 452 31.87 -11.41 -13.07
C GLN B 452 31.67 -12.60 -12.14
N ARG B 453 32.76 -13.32 -11.86
CA ARG B 453 32.68 -14.46 -10.94
C ARG B 453 32.12 -14.03 -9.59
N LEU B 454 32.67 -12.97 -9.01
CA LEU B 454 32.19 -12.45 -7.74
C LEU B 454 30.81 -11.80 -7.84
N SER B 455 30.26 -11.64 -9.04
CA SER B 455 28.94 -11.06 -9.19
C SER B 455 27.82 -12.10 -9.14
N LEU B 456 28.15 -13.37 -9.33
CA LEU B 456 27.16 -14.45 -9.29
C LEU B 456 26.63 -14.68 -7.87
N THR B 464 20.49 -10.74 -17.65
CA THR B 464 20.54 -10.28 -19.03
C THR B 464 21.93 -9.73 -19.39
N LEU B 465 22.23 -8.53 -18.92
CA LEU B 465 23.55 -7.93 -19.15
C LEU B 465 24.58 -8.54 -18.20
N SER B 466 25.84 -8.52 -18.63
CA SER B 466 26.92 -9.15 -17.88
C SER B 466 27.26 -8.34 -16.64
N GLY B 467 27.85 -9.02 -15.65
CA GLY B 467 28.28 -8.41 -14.41
C GLY B 467 29.77 -8.10 -14.33
N ALA B 468 30.52 -8.39 -15.39
CA ALA B 468 31.95 -8.15 -15.39
C ALA B 468 32.26 -6.66 -15.42
N MET B 469 33.49 -6.32 -15.04
CA MET B 469 33.98 -4.95 -15.01
C MET B 469 35.08 -4.79 -16.05
N LYS B 470 34.89 -3.83 -16.97
CA LYS B 470 35.89 -3.61 -17.99
C LYS B 470 36.53 -2.23 -17.83
N PRO B 471 37.75 -2.04 -18.31
CA PRO B 471 38.32 -0.68 -18.39
C PRO B 471 37.53 0.17 -19.36
N LEU B 472 37.08 1.33 -18.87
CA LEU B 472 36.26 2.25 -19.66
C LEU B 472 37.15 3.24 -20.41
N CYS B 473 37.97 3.99 -19.69
CA CYS B 473 38.90 4.92 -20.31
C CYS B 473 39.89 5.40 -19.26
N ILE B 474 41.09 5.75 -19.72
CA ILE B 474 42.10 6.41 -18.91
C ILE B 474 41.81 7.92 -19.00
N PRO B 475 41.36 8.55 -17.92
CA PRO B 475 40.92 9.95 -18.02
C PRO B 475 42.06 10.88 -18.43
N LEU B 476 41.75 11.83 -19.30
CA LEU B 476 42.71 12.87 -19.65
C LEU B 476 43.10 13.70 -18.43
N ASP B 477 42.13 14.02 -17.58
CA ASP B 477 42.39 14.76 -16.35
C ASP B 477 42.89 13.77 -15.29
N GLN B 478 44.20 13.79 -15.02
CA GLN B 478 44.78 12.73 -14.18
C GLN B 478 45.11 13.24 -12.78
N PRO B 479 44.78 12.45 -11.76
CA PRO B 479 45.15 12.81 -10.38
C PRO B 479 46.62 12.50 -10.13
N PRO B 480 47.19 13.02 -9.04
CA PRO B 480 48.56 12.64 -8.70
C PRO B 480 48.67 11.15 -8.41
N MET B 481 49.78 10.57 -8.83
CA MET B 481 50.08 9.18 -8.53
C MET B 481 51.08 9.14 -7.39
N PRO B 482 50.70 8.71 -6.19
CA PRO B 482 51.61 8.82 -5.05
C PRO B 482 52.83 7.93 -5.25
N PRO B 483 53.96 8.29 -4.66
CA PRO B 483 55.18 7.48 -4.81
C PRO B 483 54.95 6.04 -4.41
N ASN B 484 55.40 5.12 -5.27
CA ASN B 484 55.38 3.68 -5.03
C ASN B 484 53.98 3.08 -5.10
N MET B 485 53.01 3.79 -5.66
CA MET B 485 51.67 3.22 -5.84
C MET B 485 51.72 2.01 -6.76
N LYS B 486 51.19 0.90 -6.29
CA LYS B 486 51.17 -0.34 -7.05
C LYS B 486 49.84 -0.49 -7.79
N CYS B 487 49.86 -1.38 -8.78
CA CYS B 487 48.64 -1.71 -9.52
C CYS B 487 47.60 -2.28 -8.55
N PHE B 488 46.36 -1.79 -8.66
CA PHE B 488 45.30 -2.27 -7.78
C PHE B 488 44.94 -3.71 -8.03
N TRP B 489 45.44 -4.31 -9.10
CA TRP B 489 45.11 -5.69 -9.45
C TRP B 489 46.30 -6.63 -9.40
N SER B 490 47.42 -6.28 -10.03
CA SER B 490 48.55 -7.19 -10.18
C SER B 490 49.71 -6.90 -9.24
N GLY B 491 49.69 -5.76 -8.54
CA GLY B 491 50.79 -5.40 -7.67
C GLY B 491 51.99 -4.81 -8.37
N LYS B 492 52.01 -4.78 -9.70
CA LYS B 492 53.10 -4.17 -10.43
C LYS B 492 53.02 -2.65 -10.28
N PRO B 493 54.10 -1.93 -10.60
CA PRO B 493 54.03 -0.46 -10.55
C PRO B 493 52.90 0.06 -11.42
N ALA B 494 52.14 1.00 -10.87
CA ALA B 494 50.98 1.54 -11.57
C ALA B 494 51.40 2.70 -12.47
N LYS B 495 50.80 2.77 -13.65
CA LYS B 495 51.12 3.82 -14.62
C LYS B 495 50.20 5.02 -14.41
N ARG B 496 48.94 4.90 -14.84
CA ARG B 496 47.98 5.99 -14.71
C ARG B 496 46.69 5.50 -14.09
N TRP B 497 45.89 6.44 -13.59
CA TRP B 497 44.57 6.10 -13.07
C TRP B 497 43.63 5.74 -14.21
N CYS B 498 42.83 4.70 -14.01
CA CYS B 498 41.91 4.23 -15.03
C CYS B 498 40.52 4.02 -14.43
N LEU B 499 39.49 4.40 -15.19
CA LEU B 499 38.11 4.21 -14.78
C LEU B 499 37.64 2.83 -15.19
N PHE B 500 37.17 2.04 -14.23
CA PHE B 500 36.60 0.73 -14.49
C PHE B 500 35.14 0.72 -14.06
N GLY B 501 34.38 -0.18 -14.67
CA GLY B 501 32.98 -0.33 -14.30
C GLY B 501 32.27 -1.29 -15.22
N ARG B 502 31.06 -1.62 -14.82
CA ARG B 502 30.16 -2.37 -15.68
C ARG B 502 29.59 -1.44 -16.76
N SER B 503 29.44 -1.96 -17.96
CA SER B 503 29.06 -1.13 -19.09
C SER B 503 27.93 -1.76 -19.88
N TYR B 504 27.28 -0.91 -20.67
CA TYR B 504 26.29 -1.35 -21.64
C TYR B 504 27.00 -1.99 -22.84
N LEU C 10 -32.36 23.89 11.46
CA LEU C 10 -30.99 23.60 11.04
C LEU C 10 -30.18 22.96 12.17
N GLY C 11 -30.37 23.47 13.37
CA GLY C 11 -29.76 22.97 14.59
C GLY C 11 -30.69 22.07 15.38
N ILE C 12 -30.45 21.97 16.68
CA ILE C 12 -31.31 21.17 17.55
C ILE C 12 -32.50 22.04 17.96
N THR C 13 -33.71 21.56 17.66
CA THR C 13 -34.93 22.30 17.94
C THR C 13 -35.75 21.70 19.06
N SER C 14 -35.18 20.75 19.81
CA SER C 14 -35.83 20.19 21.00
C SER C 14 -34.84 20.25 22.15
N LYS C 15 -35.26 20.86 23.25
CA LYS C 15 -34.40 21.00 24.43
C LYS C 15 -34.28 19.66 25.14
N LYS C 16 -33.08 19.40 25.69
CA LYS C 16 -32.81 18.10 26.30
C LYS C 16 -33.73 17.84 27.49
N ILE C 17 -34.13 18.88 28.21
CA ILE C 17 -34.98 18.69 29.38
C ILE C 17 -36.45 18.55 28.97
N GLU C 18 -36.89 19.34 27.99
CA GLU C 18 -38.32 19.36 27.64
C GLU C 18 -38.75 18.08 26.93
N ASN C 19 -37.95 17.61 25.96
CA ASN C 19 -38.31 16.43 25.17
C ASN C 19 -37.04 15.62 24.94
N PHE C 20 -36.75 14.73 25.89
CA PHE C 20 -35.50 13.97 25.82
C PHE C 20 -35.47 13.03 24.62
N SER C 21 -36.59 12.38 24.31
CA SER C 21 -36.63 11.47 23.17
C SER C 21 -36.29 12.19 21.87
N ASP C 22 -36.98 13.28 21.58
CA ASP C 22 -36.77 13.97 20.32
C ASP C 22 -35.40 14.62 20.25
N TRP C 23 -34.92 15.14 21.40
CA TRP C 23 -33.58 15.72 21.43
C TRP C 23 -32.54 14.70 21.01
N TYR C 24 -32.58 13.52 21.62
CA TYR C 24 -31.64 12.44 21.30
C TYR C 24 -31.67 12.10 19.82
N THR C 25 -32.86 11.91 19.26
CA THR C 25 -32.95 11.60 17.84
C THR C 25 -32.32 12.68 17.00
N GLN C 26 -32.61 13.94 17.30
CA GLN C 26 -32.02 15.03 16.54
C GLN C 26 -30.50 15.06 16.67
N VAL C 27 -29.97 14.78 17.86
CA VAL C 27 -28.52 14.83 18.04
C VAL C 27 -27.83 13.75 17.22
N ILE C 28 -28.32 12.51 17.32
CA ILE C 28 -27.60 11.41 16.68
C ILE C 28 -27.69 11.46 15.17
N VAL C 29 -28.67 12.17 14.61
CA VAL C 29 -28.79 12.29 13.17
C VAL C 29 -28.10 13.56 12.66
N LYS C 30 -28.25 14.67 13.38
CA LYS C 30 -27.70 15.92 12.89
C LYS C 30 -26.20 16.06 13.13
N SER C 31 -25.64 15.34 14.10
CA SER C 31 -24.19 15.31 14.28
C SER C 31 -23.53 14.23 13.44
N GLU C 32 -24.30 13.54 12.60
CA GLU C 32 -23.83 12.54 11.66
C GLU C 32 -23.22 11.32 12.36
N LEU C 33 -23.86 10.88 13.45
CA LEU C 33 -23.50 9.62 14.09
C LEU C 33 -24.28 8.44 13.53
N ILE C 34 -25.57 8.62 13.28
CA ILE C 34 -26.49 7.53 12.98
C ILE C 34 -27.21 7.84 11.68
N GLU C 35 -27.57 6.77 10.97
CA GLU C 35 -28.51 6.86 9.86
C GLU C 35 -29.50 5.71 10.00
N TYR C 36 -30.75 5.96 9.64
CA TYR C 36 -31.79 4.97 9.87
C TYR C 36 -31.86 3.98 8.70
N TYR C 37 -32.59 2.89 8.93
CA TYR C 37 -32.53 1.73 8.05
C TYR C 37 -33.94 1.13 7.92
N ASP C 38 -34.15 0.36 6.86
CA ASP C 38 -35.48 -0.21 6.61
C ASP C 38 -35.70 -1.52 7.37
N ILE C 39 -34.90 -1.80 8.39
CA ILE C 39 -35.18 -2.87 9.34
C ILE C 39 -35.08 -2.23 10.71
N SER C 40 -36.20 -2.14 11.42
CA SER C 40 -36.21 -1.45 12.71
C SER C 40 -35.29 -2.16 13.69
N GLY C 41 -34.68 -1.38 14.57
CA GLY C 41 -33.67 -1.91 15.47
C GLY C 41 -32.31 -2.12 14.85
N CYS C 42 -32.12 -1.78 13.58
CA CYS C 42 -30.83 -1.83 12.91
C CYS C 42 -30.47 -0.44 12.43
N TYR C 43 -29.21 -0.06 12.61
CA TYR C 43 -28.81 1.30 12.31
C TYR C 43 -27.44 1.32 11.63
N ILE C 44 -27.17 2.42 10.95
CA ILE C 44 -25.90 2.64 10.28
C ILE C 44 -25.03 3.50 11.18
N LEU C 45 -23.82 3.01 11.46
CA LEU C 45 -22.82 3.79 12.17
C LEU C 45 -22.02 4.58 11.14
N ARG C 46 -22.25 5.89 11.10
CA ARG C 46 -21.49 6.78 10.23
C ARG C 46 -20.09 6.99 10.82
N PRO C 47 -19.17 7.56 10.03
CA PRO C 47 -17.77 7.71 10.52
C PRO C 47 -17.61 8.30 11.91
N ALA C 48 -18.41 9.30 12.29
CA ALA C 48 -18.21 9.93 13.60
C ALA C 48 -18.51 8.93 14.73
N ALA C 49 -19.52 8.09 14.53
CA ALA C 49 -19.87 7.08 15.52
C ALA C 49 -18.85 5.95 15.54
N TYR C 50 -18.50 5.41 14.36
CA TYR C 50 -17.55 4.31 14.28
C TYR C 50 -16.16 4.71 14.78
N TYR C 51 -15.81 5.99 14.66
CA TYR C 51 -14.54 6.46 15.18
C TYR C 51 -14.48 6.27 16.70
N ILE C 52 -15.58 6.59 17.40
CA ILE C 52 -15.63 6.35 18.85
C ILE C 52 -15.39 4.89 19.15
N TRP C 53 -16.02 4.00 18.38
CA TRP C 53 -15.84 2.56 18.58
C TRP C 53 -14.38 2.15 18.37
N GLU C 54 -13.72 2.71 17.35
CA GLU C 54 -12.32 2.34 17.11
C GLU C 54 -11.42 2.84 18.22
N CYS C 55 -11.76 3.97 18.84
CA CYS C 55 -10.94 4.49 19.92
C CYS C 55 -10.97 3.57 21.13
N VAL C 56 -12.16 3.30 21.66
CA VAL C 56 -12.28 2.39 22.81
C VAL C 56 -11.79 1.00 22.43
N GLN C 57 -11.90 0.63 21.16
CA GLN C 57 -11.36 -0.65 20.71
C GLN C 57 -9.85 -0.71 20.88
N ALA C 58 -9.16 0.39 20.57
CA ALA C 58 -7.70 0.41 20.70
C ALA C 58 -7.29 0.31 22.16
N PHE C 59 -8.01 1.03 23.03
CA PHE C 59 -7.69 1.00 24.44
C PHE C 59 -7.90 -0.38 25.03
N PHE C 60 -9.08 -0.98 24.79
CA PHE C 60 -9.36 -2.28 25.36
C PHE C 60 -8.37 -3.33 24.89
N ASN C 61 -8.07 -3.35 23.59
CA ASN C 61 -7.08 -4.29 23.05
C ASN C 61 -5.75 -4.14 23.77
N LYS C 62 -5.28 -2.90 23.94
CA LYS C 62 -3.99 -2.70 24.59
C LYS C 62 -4.00 -3.22 26.03
N GLU C 63 -5.14 -3.12 26.71
CA GLU C 63 -5.21 -3.54 28.11
C GLU C 63 -5.47 -5.03 28.31
N ILE C 64 -6.25 -5.68 27.44
CA ILE C 64 -6.43 -7.13 27.62
C ILE C 64 -5.25 -7.93 27.10
N LYS C 65 -4.40 -7.35 26.24
CA LYS C 65 -3.15 -8.02 25.92
C LYS C 65 -2.27 -8.13 27.16
N LYS C 66 -2.32 -7.13 28.04
CA LYS C 66 -1.55 -7.22 29.27
C LYS C 66 -2.00 -8.38 30.13
N LEU C 67 -3.27 -8.78 30.00
CA LEU C 67 -3.80 -9.94 30.70
C LEU C 67 -3.64 -11.22 29.90
N ASN C 68 -2.92 -11.17 28.77
CA ASN C 68 -2.66 -12.32 27.90
C ASN C 68 -3.94 -12.85 27.27
N VAL C 69 -4.88 -11.96 27.00
CA VAL C 69 -6.05 -12.29 26.21
C VAL C 69 -5.68 -12.10 24.74
N GLU C 70 -6.12 -13.01 23.88
CA GLU C 70 -5.78 -12.97 22.47
C GLU C 70 -7.04 -12.91 21.62
N ASN C 71 -7.05 -11.99 20.65
CA ASN C 71 -8.19 -11.85 19.78
C ASN C 71 -8.31 -13.05 18.84
N SER C 72 -9.51 -13.25 18.31
CA SER C 72 -9.83 -14.39 17.46
C SER C 72 -11.16 -14.10 16.77
N TYR C 73 -11.55 -14.99 15.87
CA TYR C 73 -12.84 -14.84 15.20
C TYR C 73 -13.44 -16.22 14.97
N PHE C 74 -14.69 -16.39 15.41
CA PHE C 74 -15.46 -17.61 15.30
C PHE C 74 -16.63 -17.42 14.34
N PRO C 75 -17.23 -18.51 13.83
CA PRO C 75 -18.25 -18.36 12.80
C PRO C 75 -19.49 -17.59 13.28
N LEU C 76 -20.12 -16.91 12.33
CA LEU C 76 -21.37 -16.19 12.58
C LEU C 76 -22.53 -17.12 12.87
N PHE C 77 -22.43 -18.37 12.48
CA PHE C 77 -23.57 -19.28 12.50
C PHE C 77 -23.35 -20.40 13.52
N VAL C 78 -24.45 -20.82 14.14
CA VAL C 78 -24.46 -21.97 15.05
C VAL C 78 -25.59 -22.90 14.62
N THR C 79 -25.34 -24.21 14.67
CA THR C 79 -26.34 -25.19 14.27
C THR C 79 -27.41 -25.35 15.36
N LYS C 80 -28.57 -25.88 14.95
CA LYS C 80 -29.62 -26.13 15.93
C LYS C 80 -29.20 -27.19 16.94
N ASN C 81 -28.34 -28.13 16.53
CA ASN C 81 -27.87 -29.15 17.46
C ASN C 81 -27.05 -28.52 18.59
N LYS C 82 -26.06 -27.70 18.25
CA LYS C 82 -25.18 -27.15 19.28
C LYS C 82 -25.90 -26.13 20.16
N LEU C 83 -26.90 -25.43 19.62
CA LEU C 83 -27.58 -24.39 20.40
C LEU C 83 -28.47 -24.97 21.48
N GLU C 84 -29.03 -26.17 21.28
CA GLU C 84 -29.97 -26.77 22.22
C GLU C 84 -29.25 -27.39 23.43
N LYS C 85 -28.02 -26.99 23.67
CA LYS C 85 -27.26 -27.51 24.81
C LYS C 85 -27.35 -26.55 26.00
N SER C 94 -34.73 -17.86 22.87
CA SER C 94 -35.12 -18.69 21.72
C SER C 94 -35.98 -17.92 20.70
N PRO C 95 -37.10 -17.33 21.13
CA PRO C 95 -37.93 -16.59 20.15
C PRO C 95 -37.27 -15.33 19.62
N GLU C 96 -36.08 -14.97 20.10
CA GLU C 96 -35.35 -13.84 19.57
C GLU C 96 -34.14 -14.28 18.74
N VAL C 97 -34.15 -15.51 18.24
CA VAL C 97 -33.05 -16.08 17.48
C VAL C 97 -33.38 -16.02 15.99
N ALA C 98 -32.48 -15.43 15.21
CA ALA C 98 -32.64 -15.36 13.76
C ALA C 98 -32.14 -16.65 13.12
N TRP C 99 -32.96 -17.24 12.24
CA TRP C 99 -32.66 -18.54 11.64
C TRP C 99 -32.49 -18.41 10.13
N VAL C 100 -31.35 -18.90 9.62
CA VAL C 100 -31.12 -19.03 8.18
C VAL C 100 -31.66 -20.38 7.74
N THR C 101 -32.59 -20.39 6.77
CA THR C 101 -33.23 -21.63 6.35
C THR C 101 -33.03 -21.98 4.88
N LYS C 102 -32.64 -21.03 4.02
CA LYS C 102 -32.46 -21.37 2.62
C LYS C 102 -31.35 -20.52 2.03
N TYR C 103 -30.69 -21.07 1.01
CA TYR C 103 -29.74 -20.37 0.18
C TYR C 103 -30.34 -20.21 -1.21
N GLY C 104 -30.35 -18.99 -1.73
CA GLY C 104 -31.05 -18.71 -2.97
C GLY C 104 -32.50 -19.11 -2.92
N ASP C 105 -32.87 -20.13 -3.70
CA ASP C 105 -34.24 -20.64 -3.71
C ASP C 105 -34.33 -22.05 -3.14
N SER C 106 -33.27 -22.56 -2.53
CA SER C 106 -33.21 -23.93 -2.04
C SER C 106 -33.05 -23.95 -0.52
N ASN C 107 -33.77 -24.85 0.14
CA ASN C 107 -33.73 -24.91 1.60
C ASN C 107 -32.46 -25.56 2.08
N LEU C 108 -31.92 -25.06 3.19
CA LEU C 108 -30.73 -25.65 3.78
C LEU C 108 -31.06 -27.05 4.31
N PRO C 109 -30.08 -27.96 4.29
CA PRO C 109 -30.32 -29.27 4.92
C PRO C 109 -30.65 -29.16 6.40
N GLU C 110 -29.93 -28.32 7.13
CA GLU C 110 -30.23 -28.02 8.53
C GLU C 110 -30.25 -26.52 8.72
N GLU C 111 -31.22 -26.03 9.49
CA GLU C 111 -31.29 -24.62 9.81
C GLU C 111 -30.14 -24.21 10.72
N ILE C 112 -29.63 -23.00 10.51
CA ILE C 112 -28.54 -22.48 11.32
C ILE C 112 -28.93 -21.12 11.87
N ALA C 113 -28.41 -20.80 13.04
CA ALA C 113 -28.76 -19.57 13.74
C ALA C 113 -27.63 -18.56 13.65
N ILE C 114 -28.00 -17.30 13.56
CA ILE C 114 -27.04 -16.22 13.71
C ILE C 114 -26.73 -16.02 15.18
N ARG C 115 -25.45 -15.87 15.51
CA ARG C 115 -25.02 -15.79 16.90
C ARG C 115 -25.67 -14.62 17.62
N PRO C 116 -26.33 -14.85 18.76
CA PRO C 116 -26.64 -13.76 19.69
C PRO C 116 -25.56 -13.55 20.72
N THR C 117 -24.60 -14.47 20.79
CA THR C 117 -23.46 -14.55 21.68
C THR C 117 -22.79 -15.87 21.31
N SER C 118 -21.51 -16.02 21.63
CA SER C 118 -20.75 -17.13 21.07
C SER C 118 -20.43 -18.22 22.09
N GLU C 119 -21.26 -18.37 23.13
CA GLU C 119 -21.03 -19.41 24.13
C GLU C 119 -20.98 -20.80 23.49
N THR C 120 -22.05 -21.21 22.81
CA THR C 120 -22.08 -22.57 22.29
C THR C 120 -21.23 -22.75 21.04
N ILE C 121 -20.83 -21.65 20.40
CA ILE C 121 -19.96 -21.74 19.24
C ILE C 121 -18.52 -22.01 19.66
N MET C 122 -18.04 -21.26 20.66
CA MET C 122 -16.67 -21.42 21.13
C MET C 122 -16.51 -22.62 22.07
N TYR C 123 -17.40 -22.76 23.05
CA TYR C 123 -17.19 -23.75 24.11
C TYR C 123 -17.27 -25.19 23.61
N SER C 124 -17.91 -25.44 22.47
CA SER C 124 -17.89 -26.78 21.89
C SER C 124 -16.53 -27.13 21.30
N VAL C 125 -15.66 -26.14 21.08
CA VAL C 125 -14.29 -26.38 20.62
C VAL C 125 -13.27 -26.41 21.77
N PHE C 126 -13.60 -25.84 22.93
CA PHE C 126 -12.66 -25.83 24.04
C PHE C 126 -12.17 -27.20 24.50
N PRO C 127 -12.96 -28.28 24.48
CA PRO C 127 -12.39 -29.58 24.88
C PRO C 127 -11.24 -30.04 23.98
N LYS C 128 -11.24 -29.64 22.71
CA LYS C 128 -10.15 -30.01 21.80
C LYS C 128 -8.89 -29.20 22.08
N TRP C 129 -9.03 -28.03 22.69
CA TRP C 129 -7.89 -27.17 22.98
C TRP C 129 -7.36 -27.32 24.40
N ILE C 130 -8.15 -27.86 25.32
CA ILE C 130 -7.74 -27.97 26.73
C ILE C 130 -7.60 -29.45 27.03
N ARG C 131 -6.35 -29.92 27.08
CA ARG C 131 -6.05 -31.30 27.41
C ARG C 131 -5.56 -31.44 28.84
N SER C 132 -4.54 -30.70 29.23
CA SER C 132 -3.94 -30.80 30.54
C SER C 132 -3.76 -29.40 31.13
N TYR C 133 -3.28 -29.36 32.38
CA TYR C 133 -2.98 -28.09 33.05
C TYR C 133 -2.08 -27.21 32.20
N ARG C 134 -1.26 -27.82 31.34
CA ARG C 134 -0.32 -27.05 30.53
C ARG C 134 -1.02 -26.14 29.51
N ASP C 135 -2.31 -26.36 29.27
CA ASP C 135 -3.07 -25.58 28.30
C ASP C 135 -3.87 -24.46 28.97
N LEU C 136 -3.71 -24.27 30.28
CA LEU C 136 -4.49 -23.27 30.99
C LEU C 136 -3.60 -22.16 31.54
N PRO C 137 -4.07 -20.90 31.54
CA PRO C 137 -5.44 -20.56 31.16
C PRO C 137 -5.59 -20.34 29.66
N LEU C 138 -6.82 -20.46 29.19
CA LEU C 138 -7.17 -20.11 27.82
C LEU C 138 -7.92 -18.78 27.85
N LYS C 139 -7.45 -17.80 27.07
CA LYS C 139 -7.96 -16.44 27.12
C LYS C 139 -8.22 -15.94 25.71
N LEU C 140 -9.49 -15.81 25.34
CA LEU C 140 -9.88 -15.43 23.99
C LEU C 140 -10.86 -14.27 24.04
N ASN C 141 -10.83 -13.48 22.96
CA ASN C 141 -11.75 -12.36 22.78
C ASN C 141 -12.16 -12.29 21.32
N GLN C 142 -13.34 -11.71 21.06
CA GLN C 142 -13.80 -11.42 19.71
C GLN C 142 -14.33 -10.00 19.64
N TRP C 143 -14.05 -9.32 18.53
CA TRP C 143 -14.76 -8.11 18.15
C TRP C 143 -15.70 -8.48 17.00
N ASN C 144 -17.00 -8.51 17.28
CA ASN C 144 -17.97 -8.97 16.27
C ASN C 144 -19.31 -8.27 16.50
N THR C 145 -20.31 -8.66 15.71
CA THR C 145 -21.68 -8.26 15.94
C THR C 145 -22.52 -9.49 16.22
N VAL C 146 -23.55 -9.30 17.04
CA VAL C 146 -24.54 -10.32 17.34
C VAL C 146 -25.91 -9.76 17.01
N VAL C 147 -26.87 -10.67 16.87
CA VAL C 147 -28.24 -10.33 16.52
C VAL C 147 -29.17 -10.95 17.55
N ARG C 148 -30.10 -10.15 18.05
CA ARG C 148 -31.15 -10.58 18.98
C ARG C 148 -32.46 -10.01 18.49
N TRP C 149 -33.36 -10.87 18.02
CA TRP C 149 -34.57 -10.42 17.34
C TRP C 149 -35.72 -10.23 18.33
N GLU C 150 -35.57 -9.21 19.16
CA GLU C 150 -36.60 -8.80 20.09
C GLU C 150 -37.49 -7.74 19.45
N PHE C 151 -38.67 -7.56 20.02
CA PHE C 151 -39.63 -6.60 19.50
C PHE C 151 -39.93 -5.47 20.47
N LYS C 152 -39.15 -5.34 21.54
CA LYS C 152 -39.28 -4.17 22.40
C LYS C 152 -38.91 -2.91 21.63
N GLN C 153 -39.20 -1.76 22.22
CA GLN C 153 -38.91 -0.47 21.59
C GLN C 153 -37.40 -0.31 21.41
N PRO C 154 -36.92 -0.28 20.17
CA PRO C 154 -35.49 -0.09 19.94
C PRO C 154 -35.09 1.36 20.10
N THR C 155 -33.88 1.55 20.58
CA THR C 155 -33.32 2.87 20.75
C THR C 155 -31.92 2.80 20.14
N PRO C 156 -31.53 3.75 19.30
CA PRO C 156 -30.19 3.70 18.71
C PRO C 156 -29.12 3.65 19.78
N PHE C 157 -28.06 2.88 19.48
CA PHE C 157 -26.88 2.64 20.31
C PHE C 157 -27.17 1.74 21.50
N ILE C 158 -28.20 2.05 22.29
CA ILE C 158 -28.33 1.38 23.58
C ILE C 158 -29.18 0.10 23.53
N ARG C 159 -30.13 -0.01 22.58
CA ARG C 159 -31.04 -1.15 22.54
C ARG C 159 -31.44 -1.42 21.08
N THR C 160 -30.65 -2.28 20.41
CA THR C 160 -30.80 -2.52 18.97
C THR C 160 -30.74 -4.01 18.66
N ARG C 161 -31.37 -4.39 17.54
CA ARG C 161 -31.45 -5.80 17.15
C ARG C 161 -30.09 -6.37 16.79
N GLU C 162 -29.24 -5.55 16.15
CA GLU C 162 -27.85 -5.87 15.88
C GLU C 162 -26.96 -4.80 16.52
N PHE C 163 -25.87 -5.23 17.15
CA PHE C 163 -24.93 -4.27 17.73
C PHE C 163 -23.52 -4.84 17.69
N LEU C 164 -22.54 -3.93 17.65
CA LEU C 164 -21.14 -4.29 17.77
C LEU C 164 -20.77 -4.42 19.25
N TRP C 165 -19.94 -5.39 19.56
CA TRP C 165 -19.42 -5.50 20.91
C TRP C 165 -18.08 -6.23 20.86
N GLN C 166 -17.52 -6.46 22.04
CA GLN C 166 -16.50 -7.48 22.24
C GLN C 166 -17.04 -8.47 23.26
N GLU C 167 -16.76 -9.75 23.04
CA GLU C 167 -17.09 -10.78 24.00
C GLU C 167 -15.81 -11.53 24.31
N GLY C 168 -15.41 -11.53 25.57
CA GLY C 168 -14.23 -12.23 26.01
C GLY C 168 -14.64 -13.48 26.75
N HIS C 169 -13.90 -14.56 26.54
CA HIS C 169 -14.16 -15.82 27.23
C HIS C 169 -12.84 -16.41 27.69
N THR C 170 -12.74 -16.76 28.97
CA THR C 170 -11.53 -17.38 29.51
C THR C 170 -11.88 -18.65 30.27
N ALA C 171 -10.88 -19.52 30.39
CA ALA C 171 -10.97 -20.75 31.15
C ALA C 171 -9.70 -20.92 31.99
N HIS C 172 -9.88 -21.35 33.23
CA HIS C 172 -8.82 -21.38 34.23
C HIS C 172 -8.86 -22.70 34.97
N LYS C 173 -7.78 -22.99 35.70
CA LYS C 173 -7.66 -24.25 36.41
C LYS C 173 -8.42 -24.28 37.73
N ASN C 174 -8.75 -23.13 38.31
CA ASN C 174 -9.44 -23.10 39.59
C ASN C 174 -10.36 -21.88 39.65
N GLU C 175 -11.03 -21.71 40.79
CA GLU C 175 -12.01 -20.64 40.93
C GLU C 175 -11.35 -19.29 41.20
N GLU C 176 -10.40 -19.24 42.14
CA GLU C 176 -9.84 -17.94 42.52
C GLU C 176 -9.19 -17.24 41.34
N GLU C 177 -8.62 -17.99 40.40
CA GLU C 177 -7.96 -17.36 39.27
C GLU C 177 -8.98 -16.81 38.26
N ALA C 178 -10.08 -17.55 38.05
CA ALA C 178 -11.16 -17.04 37.21
C ALA C 178 -11.87 -15.86 37.85
N VAL C 179 -12.15 -15.94 39.16
CA VAL C 179 -12.85 -14.86 39.84
C VAL C 179 -12.00 -13.59 39.84
N LYS C 180 -10.69 -13.73 40.02
CA LYS C 180 -9.83 -12.55 39.98
C LYS C 180 -9.88 -11.90 38.61
N LEU C 181 -9.87 -12.68 37.54
CA LEU C 181 -9.95 -12.09 36.21
C LEU C 181 -11.26 -11.36 36.01
N VAL C 182 -12.34 -11.87 36.58
CA VAL C 182 -13.65 -11.25 36.41
C VAL C 182 -13.60 -9.79 36.85
N PHE C 183 -12.99 -9.53 38.01
CA PHE C 183 -12.95 -8.17 38.52
C PHE C 183 -11.87 -7.32 37.86
N ASP C 184 -10.78 -7.93 37.38
CA ASP C 184 -9.80 -7.19 36.60
C ASP C 184 -10.41 -6.68 35.29
N ILE C 185 -11.18 -7.53 34.61
CA ILE C 185 -11.91 -7.08 33.42
C ILE C 185 -12.91 -6.00 33.78
N LEU C 186 -13.57 -6.10 34.94
CA LEU C 186 -14.59 -5.12 35.28
C LEU C 186 -14.00 -3.73 35.41
N ASP C 187 -12.79 -3.62 35.96
CA ASP C 187 -12.19 -2.31 36.12
C ASP C 187 -11.71 -1.74 34.79
N LEU C 188 -11.32 -2.61 33.85
CA LEU C 188 -11.05 -2.12 32.50
C LEU C 188 -12.27 -1.43 31.91
N TYR C 189 -13.47 -1.96 32.17
CA TYR C 189 -14.69 -1.31 31.70
C TYR C 189 -14.88 0.06 32.37
N ARG C 190 -14.56 0.16 33.67
CA ARG C 190 -14.63 1.46 34.32
C ARG C 190 -13.71 2.47 33.62
N ARG C 191 -12.48 2.07 33.30
CA ARG C 191 -11.56 2.98 32.62
C ARG C 191 -12.03 3.27 31.20
N TRP C 192 -12.57 2.26 30.52
CA TRP C 192 -13.23 2.46 29.23
C TRP C 192 -14.25 3.60 29.31
N TYR C 193 -15.13 3.58 30.31
CA TYR C 193 -16.15 4.62 30.40
C TYR C 193 -15.58 5.95 30.92
N GLU C 194 -14.71 5.89 31.92
CA GLU C 194 -14.22 7.12 32.54
C GLU C 194 -13.15 7.79 31.69
N GLU C 195 -12.11 7.05 31.31
CA GLU C 195 -10.96 7.66 30.68
C GLU C 195 -11.22 8.04 29.23
N TYR C 196 -12.22 7.45 28.57
CA TYR C 196 -12.45 7.73 27.16
C TYR C 196 -13.80 8.36 26.88
N LEU C 197 -14.85 7.96 27.59
CA LEU C 197 -16.18 8.51 27.38
C LEU C 197 -16.55 9.55 28.44
N ALA C 198 -15.71 9.73 29.46
CA ALA C 198 -15.97 10.67 30.55
C ALA C 198 -17.28 10.35 31.28
N VAL C 199 -17.59 9.07 31.38
CA VAL C 199 -18.84 8.61 32.00
C VAL C 199 -18.50 7.88 33.29
N PRO C 200 -19.10 8.25 34.42
CA PRO C 200 -18.91 7.47 35.64
C PRO C 200 -19.86 6.28 35.68
N ILE C 201 -19.37 5.19 36.27
CA ILE C 201 -20.16 3.98 36.46
C ILE C 201 -20.05 3.55 37.91
N ILE C 202 -20.95 2.65 38.29
CA ILE C 202 -20.97 2.06 39.63
C ILE C 202 -20.73 0.56 39.48
N LYS C 203 -19.71 0.06 40.17
CA LYS C 203 -19.39 -1.36 40.10
C LYS C 203 -20.17 -2.13 41.16
N GLY C 204 -20.72 -3.28 40.78
CA GLY C 204 -21.46 -4.06 41.75
C GLY C 204 -21.77 -5.44 41.23
N ILE C 205 -22.55 -6.17 42.03
CA ILE C 205 -22.95 -7.55 41.75
C ILE C 205 -24.45 -7.57 41.43
N LYS C 206 -24.81 -8.21 40.32
CA LYS C 206 -26.21 -8.38 39.98
C LYS C 206 -26.92 -9.22 41.03
N SER C 207 -28.22 -8.97 41.19
CA SER C 207 -29.02 -9.83 42.05
C SER C 207 -29.22 -11.19 41.39
N GLU C 208 -29.72 -12.14 42.19
CA GLU C 208 -29.93 -13.49 41.68
C GLU C 208 -30.97 -13.49 40.56
N GLY C 209 -32.00 -12.65 40.67
CA GLY C 209 -32.99 -12.55 39.63
C GLY C 209 -32.54 -11.80 38.38
N GLU C 210 -31.43 -11.06 38.48
CA GLU C 210 -30.94 -10.24 37.37
C GLU C 210 -29.66 -10.78 36.73
N LYS C 211 -29.00 -11.75 37.34
CA LYS C 211 -27.72 -12.21 36.80
C LYS C 211 -27.93 -13.02 35.53
N PHE C 212 -26.83 -13.27 34.84
CA PHE C 212 -26.83 -14.15 33.67
C PHE C 212 -27.04 -15.59 34.13
N GLY C 213 -28.05 -16.25 33.56
CA GLY C 213 -28.41 -17.60 33.95
C GLY C 213 -27.28 -18.60 33.94
N GLY C 214 -26.25 -18.36 33.14
CA GLY C 214 -25.16 -19.31 33.11
C GLY C 214 -24.06 -19.09 34.12
N ALA C 215 -24.20 -18.10 35.00
CA ALA C 215 -23.12 -17.65 35.85
C ALA C 215 -23.38 -18.01 37.30
N ASN C 216 -22.30 -18.25 38.05
CA ASN C 216 -22.41 -18.27 39.50
C ASN C 216 -22.78 -16.90 40.02
N PHE C 217 -22.14 -15.87 39.47
CA PHE C 217 -22.53 -14.50 39.79
C PHE C 217 -22.16 -13.61 38.62
N THR C 218 -22.80 -12.43 38.58
CA THR C 218 -22.60 -11.45 37.52
C THR C 218 -22.19 -10.13 38.17
N SER C 219 -20.94 -9.71 37.93
CA SER C 219 -20.54 -8.35 38.24
C SER C 219 -20.96 -7.44 37.10
N THR C 220 -21.16 -6.18 37.41
CA THR C 220 -21.69 -5.27 36.42
C THR C 220 -21.20 -3.85 36.69
N ALA C 221 -21.20 -3.04 35.64
CA ALA C 221 -20.98 -1.60 35.74
C ALA C 221 -22.28 -0.91 35.31
N GLU C 222 -22.92 -0.22 36.26
CA GLU C 222 -24.20 0.44 36.04
C GLU C 222 -23.99 1.93 35.77
N ALA C 223 -24.74 2.46 34.80
CA ALA C 223 -24.81 3.88 34.51
C ALA C 223 -26.25 4.38 34.67
N PHE C 224 -26.41 5.70 34.71
CA PHE C 224 -27.72 6.26 35.01
C PHE C 224 -27.98 7.49 34.14
N ILE C 225 -29.02 7.41 33.32
CA ILE C 225 -29.45 8.55 32.50
C ILE C 225 -30.30 9.46 33.38
N SER C 226 -29.79 10.64 33.71
CA SER C 226 -30.49 11.50 34.66
C SER C 226 -31.78 12.04 34.08
N GLU C 227 -31.78 12.41 32.79
CA GLU C 227 -32.91 13.17 32.25
C GLU C 227 -34.22 12.39 32.30
N ASN C 228 -34.15 11.06 32.25
CA ASN C 228 -35.37 10.26 32.27
C ASN C 228 -35.43 9.34 33.49
N GLY C 229 -34.45 9.44 34.40
CA GLY C 229 -34.46 8.61 35.60
C GLY C 229 -34.33 7.13 35.31
N ARG C 230 -33.58 6.77 34.27
CA ARG C 230 -33.46 5.39 33.82
C ARG C 230 -32.04 4.88 34.05
N ALA C 231 -31.91 3.78 34.78
CA ALA C 231 -30.64 3.10 34.89
C ALA C 231 -30.46 2.16 33.71
N ILE C 232 -29.19 1.84 33.44
CA ILE C 232 -28.85 1.02 32.29
C ILE C 232 -27.50 0.36 32.52
N GLN C 233 -27.44 -0.93 32.24
CA GLN C 233 -26.21 -1.70 32.44
C GLN C 233 -25.19 -1.30 31.37
N ALA C 234 -24.03 -0.83 31.81
CA ALA C 234 -22.99 -0.31 30.92
C ALA C 234 -22.06 -1.41 30.40
N ALA C 235 -21.74 -2.40 31.23
CA ALA C 235 -20.87 -3.50 30.84
C ALA C 235 -21.03 -4.60 31.87
N THR C 236 -20.58 -5.79 31.51
CA THR C 236 -20.85 -6.97 32.35
C THR C 236 -19.66 -7.92 32.30
N SER C 237 -19.44 -8.62 33.42
CA SER C 237 -18.32 -9.55 33.56
C SER C 237 -18.78 -10.69 34.46
N HIS C 238 -18.96 -11.89 33.88
CA HIS C 238 -19.50 -13.03 34.62
C HIS C 238 -18.40 -13.97 35.09
N TYR C 239 -18.61 -14.58 36.25
CA TYR C 239 -17.90 -15.77 36.67
C TYR C 239 -18.83 -16.96 36.44
N LEU C 240 -18.41 -17.88 35.57
CA LEU C 240 -19.31 -18.94 35.15
C LEU C 240 -19.11 -20.25 35.92
N GLY C 241 -18.13 -20.32 36.81
CA GLY C 241 -17.90 -21.55 37.55
C GLY C 241 -17.65 -22.71 36.60
N THR C 242 -18.17 -23.88 36.95
CA THR C 242 -17.99 -25.06 36.12
C THR C 242 -19.23 -25.41 35.32
N ASN C 243 -20.20 -24.50 35.24
CA ASN C 243 -21.50 -24.82 34.65
C ASN C 243 -21.36 -25.17 33.17
N PHE C 244 -20.65 -24.33 32.43
CA PHE C 244 -20.45 -24.62 31.02
C PHE C 244 -19.42 -25.72 30.82
N ALA C 245 -18.48 -25.88 31.75
CA ALA C 245 -17.50 -26.95 31.65
C ALA C 245 -18.20 -28.31 31.74
N LYS C 246 -19.22 -28.42 32.58
CA LYS C 246 -20.00 -29.65 32.64
C LYS C 246 -20.83 -29.83 31.37
N MET C 247 -21.39 -28.74 30.86
CA MET C 247 -22.27 -28.83 29.70
C MET C 247 -21.52 -29.25 28.45
N PHE C 248 -20.27 -28.80 28.28
CA PHE C 248 -19.52 -29.10 27.08
C PHE C 248 -18.36 -30.05 27.33
N LYS C 249 -18.32 -30.70 28.49
CA LYS C 249 -17.26 -31.65 28.85
C LYS C 249 -15.87 -31.03 28.67
N ILE C 250 -15.72 -29.81 29.17
CA ILE C 250 -14.44 -29.10 29.12
C ILE C 250 -13.67 -29.53 30.36
N GLU C 251 -12.93 -30.64 30.24
CA GLU C 251 -12.16 -31.20 31.34
C GLU C 251 -10.67 -31.10 31.05
N PHE C 252 -9.89 -31.12 32.13
CA PHE C 252 -8.43 -31.11 32.00
C PHE C 252 -7.83 -31.95 33.10
N GLU C 253 -6.57 -32.36 32.88
CA GLU C 253 -5.81 -33.15 33.83
C GLU C 253 -4.85 -32.24 34.58
N ASP C 254 -4.98 -32.19 35.91
CA ASP C 254 -4.15 -31.33 36.75
C ASP C 254 -2.82 -32.01 37.05
N GLU C 255 -2.03 -31.42 37.97
CA GLU C 255 -0.71 -31.96 38.29
C GLU C 255 -0.78 -33.30 39.02
N ASN C 256 -1.95 -33.72 39.48
CA ASN C 256 -2.09 -34.98 40.18
C ASN C 256 -2.72 -36.07 39.29
N GLU C 257 -2.77 -35.84 37.98
CA GLU C 257 -3.40 -36.76 37.03
C GLU C 257 -4.86 -37.03 37.41
N VAL C 258 -5.57 -35.97 37.79
CA VAL C 258 -6.99 -36.03 38.16
C VAL C 258 -7.76 -35.15 37.19
N LYS C 259 -8.84 -35.69 36.63
CA LYS C 259 -9.66 -34.92 35.69
C LYS C 259 -10.51 -33.92 36.48
N GLN C 260 -10.38 -32.64 36.12
CA GLN C 260 -11.12 -31.56 36.76
C GLN C 260 -11.92 -30.80 35.71
N TYR C 261 -12.86 -29.99 36.18
CA TYR C 261 -13.60 -29.08 35.32
C TYR C 261 -12.94 -27.71 35.34
N VAL C 262 -12.86 -27.06 34.17
CA VAL C 262 -12.31 -25.71 34.11
C VAL C 262 -13.29 -24.72 34.71
N HIS C 263 -12.77 -23.61 35.20
CA HIS C 263 -13.58 -22.50 35.67
C HIS C 263 -13.53 -21.41 34.60
N GLN C 264 -14.69 -20.99 34.12
CA GLN C 264 -14.75 -20.10 32.98
C GLN C 264 -15.26 -18.72 33.39
N THR C 265 -14.94 -17.73 32.56
CA THR C 265 -15.48 -16.38 32.69
C THR C 265 -15.92 -15.90 31.32
N SER C 266 -16.86 -14.95 31.31
CA SER C 266 -17.19 -14.26 30.07
C SER C 266 -17.64 -12.84 30.41
N TRP C 267 -17.33 -11.92 29.49
CA TRP C 267 -17.49 -10.49 29.73
C TRP C 267 -17.73 -9.78 28.41
N GLY C 268 -18.57 -8.74 28.44
CA GLY C 268 -18.90 -8.01 27.24
C GLY C 268 -19.12 -6.53 27.50
N CYS C 269 -18.95 -5.74 26.42
CA CYS C 269 -19.30 -4.33 26.39
C CYS C 269 -19.60 -3.95 24.95
N THR C 270 -20.59 -3.08 24.75
CA THR C 270 -21.17 -2.86 23.43
C THR C 270 -21.14 -1.37 23.04
N THR C 271 -21.65 -1.11 21.84
CA THR C 271 -21.86 0.25 21.36
C THR C 271 -22.84 1.03 22.23
N ARG C 272 -23.55 0.35 23.14
CA ARG C 272 -24.38 1.06 24.10
C ARG C 272 -23.56 2.10 24.88
N SER C 273 -22.25 1.84 25.03
CA SER C 273 -21.37 2.81 25.66
C SER C 273 -21.41 4.15 24.94
N ILE C 274 -21.49 4.14 23.61
CA ILE C 274 -21.54 5.39 22.84
C ILE C 274 -22.84 6.13 23.12
N GLY C 275 -23.96 5.42 23.20
CA GLY C 275 -25.22 6.06 23.54
C GLY C 275 -25.22 6.68 24.93
N ILE C 276 -24.69 5.96 25.92
CA ILE C 276 -24.61 6.51 27.27
C ILE C 276 -23.80 7.81 27.26
N MET C 277 -22.71 7.84 26.48
CA MET C 277 -21.90 9.05 26.41
C MET C 277 -22.69 10.22 25.82
N ILE C 278 -23.42 9.96 24.74
CA ILE C 278 -24.25 11.01 24.13
C ILE C 278 -25.26 11.54 25.13
N MET C 279 -26.03 10.64 25.75
CA MET C 279 -27.05 11.05 26.70
C MET C 279 -26.45 11.79 27.89
N THR C 280 -25.23 11.44 28.28
CA THR C 280 -24.63 12.10 29.42
C THR C 280 -24.20 13.53 29.09
N HIS C 281 -23.37 13.70 28.06
CA HIS C 281 -22.69 14.96 27.83
C HIS C 281 -23.37 15.87 26.81
N GLY C 282 -24.21 15.34 25.92
CA GLY C 282 -24.82 16.18 24.91
C GLY C 282 -25.70 17.26 25.52
N ASP C 283 -25.82 18.38 24.82
CA ASP C 283 -26.60 19.51 25.32
C ASP C 283 -27.56 20.05 24.26
N ASP C 284 -28.15 21.23 24.51
CA ASP C 284 -29.10 21.79 23.56
C ASP C 284 -28.45 22.30 22.29
N LYS C 285 -27.13 22.43 22.25
CA LYS C 285 -26.43 22.82 21.03
C LYS C 285 -26.06 21.63 20.16
N GLY C 286 -26.03 20.43 20.73
CA GLY C 286 -25.77 19.23 19.97
C GLY C 286 -24.78 18.33 20.67
N LEU C 287 -24.10 17.52 19.86
CA LEU C 287 -23.17 16.51 20.40
C LEU C 287 -22.02 17.18 21.16
N VAL C 288 -21.50 16.48 22.16
CA VAL C 288 -20.35 16.94 22.93
C VAL C 288 -19.39 15.76 23.08
N LEU C 289 -18.24 15.84 22.42
CA LEU C 289 -17.32 14.71 22.42
C LEU C 289 -16.18 14.93 23.41
N PRO C 290 -15.89 13.96 24.27
CA PRO C 290 -14.62 14.00 24.98
C PRO C 290 -13.48 13.91 23.99
N PRO C 291 -12.41 14.69 24.20
CA PRO C 291 -11.33 14.74 23.19
C PRO C 291 -10.85 13.36 22.73
N ASN C 292 -10.75 12.38 23.64
CA ASN C 292 -10.18 11.08 23.28
C ASN C 292 -10.97 10.33 22.21
N VAL C 293 -12.21 10.72 21.91
CA VAL C 293 -13.01 10.01 20.92
C VAL C 293 -13.48 10.92 19.80
N SER C 294 -12.89 12.11 19.68
CA SER C 294 -13.23 13.03 18.61
C SER C 294 -12.10 13.05 17.59
N LYS C 295 -12.45 12.86 16.31
CA LYS C 295 -11.41 12.86 15.26
C LYS C 295 -10.68 14.19 15.21
N TYR C 296 -11.42 15.29 15.14
CA TYR C 296 -10.85 16.64 15.19
C TYR C 296 -10.89 17.14 16.63
N LYS C 297 -9.70 17.37 17.21
CA LYS C 297 -9.64 17.99 18.52
C LYS C 297 -9.96 19.49 18.44
N VAL C 298 -9.54 20.15 17.36
CA VAL C 298 -9.64 21.60 17.22
C VAL C 298 -10.26 21.90 15.86
N VAL C 299 -11.09 22.94 15.82
CA VAL C 299 -11.53 23.54 14.55
C VAL C 299 -11.07 24.98 14.54
N ILE C 300 -10.53 25.42 13.41
CA ILE C 300 -10.06 26.79 13.24
C ILE C 300 -11.02 27.49 12.27
N VAL C 301 -11.61 28.59 12.72
CA VAL C 301 -12.59 29.33 11.95
C VAL C 301 -12.05 30.73 11.70
N PRO C 302 -11.82 31.13 10.44
CA PRO C 302 -11.38 32.50 10.17
C PRO C 302 -12.55 33.47 10.19
N ILE C 303 -12.26 34.70 10.60
CA ILE C 303 -13.25 35.75 10.70
C ILE C 303 -12.75 36.92 9.87
N PHE C 304 -13.35 37.13 8.69
CA PHE C 304 -13.00 38.26 7.86
C PHE C 304 -14.12 38.58 6.86
N THR C 307 -14.14 43.87 8.37
CA THR C 307 -14.61 42.62 7.79
C THR C 307 -14.03 42.42 6.39
N THR C 308 -12.93 43.12 6.11
CA THR C 308 -12.18 42.97 4.86
C THR C 308 -10.83 42.32 5.14
N ASP C 309 -9.87 43.08 5.66
CA ASP C 309 -8.52 42.59 6.00
C ASP C 309 -7.89 42.05 4.72
N GLU C 310 -7.36 40.84 4.72
CA GLU C 310 -6.78 40.24 3.52
C GLU C 310 -6.77 38.73 3.70
N ASN C 311 -5.96 38.05 2.90
CA ASN C 311 -5.76 36.61 3.03
C ASN C 311 -4.56 36.28 3.89
N ALA C 312 -4.11 37.22 4.72
CA ALA C 312 -3.13 36.92 5.74
C ALA C 312 -3.70 36.07 6.86
N ILE C 313 -5.02 36.07 7.02
CA ILE C 313 -5.66 35.20 8.00
C ILE C 313 -5.53 33.75 7.56
N HIS C 314 -5.61 33.50 6.25
CA HIS C 314 -5.43 32.13 5.75
C HIS C 314 -4.06 31.59 6.12
N SER C 315 -3.01 32.41 5.91
CA SER C 315 -1.67 31.97 6.25
C SER C 315 -1.49 31.87 7.76
N TYR C 316 -2.12 32.77 8.52
CA TYR C 316 -2.04 32.71 9.98
C TYR C 316 -2.76 31.47 10.51
N CYS C 317 -3.92 31.14 9.93
CA CYS C 317 -4.64 29.96 10.37
C CYS C 317 -3.92 28.67 9.96
N LYS C 318 -3.36 28.65 8.75
CA LYS C 318 -2.63 27.46 8.32
C LYS C 318 -1.37 27.27 9.15
N ASP C 319 -0.81 28.36 9.71
CA ASP C 319 0.27 28.21 10.67
C ASP C 319 -0.21 27.51 11.93
N ILE C 320 -1.39 27.89 12.44
CA ILE C 320 -1.93 27.24 13.61
C ILE C 320 -2.26 25.77 13.33
N GLU C 321 -2.84 25.50 12.16
CA GLU C 321 -3.11 24.11 11.77
C GLU C 321 -1.83 23.30 11.76
N LYS C 322 -0.75 23.86 11.21
CA LYS C 322 0.53 23.17 11.16
C LYS C 322 1.10 22.95 12.57
N ILE C 323 0.90 23.91 13.46
CA ILE C 323 1.41 23.75 14.83
C ILE C 323 0.73 22.57 15.51
N LEU C 324 -0.60 22.48 15.39
CA LEU C 324 -1.31 21.40 16.04
C LEU C 324 -1.00 20.06 15.38
N LYS C 325 -0.96 20.01 14.06
CA LYS C 325 -0.73 18.73 13.39
C LYS C 325 0.69 18.24 13.56
N ASN C 326 1.64 19.17 13.73
CA ASN C 326 3.02 18.76 14.00
C ASN C 326 3.15 18.15 15.39
N ALA C 327 2.29 18.54 16.32
CA ALA C 327 2.28 17.97 17.66
C ALA C 327 1.30 16.82 17.80
N GLN C 328 0.91 16.20 16.67
CA GLN C 328 0.03 15.03 16.67
C GLN C 328 -1.33 15.36 17.28
N ILE C 329 -1.86 16.54 16.96
CA ILE C 329 -3.18 16.96 17.40
C ILE C 329 -3.98 17.27 16.14
N ASN C 330 -4.76 16.29 15.68
CA ASN C 330 -5.52 16.44 14.45
C ASN C 330 -6.54 17.57 14.58
N CYS C 331 -6.63 18.40 13.55
CA CYS C 331 -7.57 19.51 13.56
C CYS C 331 -8.07 19.73 12.13
N VAL C 332 -8.99 20.69 11.99
CA VAL C 332 -9.55 21.05 10.68
C VAL C 332 -9.68 22.56 10.59
N TYR C 333 -9.20 23.13 9.48
CA TYR C 333 -9.32 24.56 9.21
C TYR C 333 -10.46 24.76 8.22
N ASP C 334 -11.55 25.38 8.70
CA ASP C 334 -12.77 25.55 7.90
C ASP C 334 -12.60 26.81 7.04
N ASP C 335 -12.07 26.61 5.83
CA ASP C 335 -11.76 27.73 4.94
C ASP C 335 -12.77 27.92 3.81
N ARG C 336 -13.86 27.15 3.80
CA ARG C 336 -14.87 27.31 2.76
C ARG C 336 -15.51 28.69 2.90
N ALA C 337 -15.22 29.58 1.97
CA ALA C 337 -15.61 30.96 2.11
C ALA C 337 -17.08 31.22 1.78
N SER C 338 -17.81 30.19 1.34
CA SER C 338 -19.22 30.36 1.00
C SER C 338 -20.14 30.33 2.22
N TYR C 339 -19.61 30.11 3.42
CA TYR C 339 -20.40 30.09 4.64
C TYR C 339 -19.88 31.12 5.62
N SER C 340 -20.81 31.74 6.34
CA SER C 340 -20.45 32.75 7.34
C SER C 340 -19.75 32.10 8.52
N PRO C 341 -18.99 32.87 9.30
CA PRO C 341 -18.38 32.31 10.50
C PRO C 341 -19.40 31.84 11.53
N GLY C 342 -20.54 32.52 11.64
CA GLY C 342 -21.58 32.04 12.54
C GLY C 342 -22.13 30.69 12.12
N TYR C 343 -22.28 30.48 10.81
CA TYR C 343 -22.67 29.16 10.31
C TYR C 343 -21.65 28.11 10.71
N LYS C 344 -20.36 28.44 10.57
CA LYS C 344 -19.31 27.50 10.93
C LYS C 344 -19.30 27.19 12.42
N PHE C 345 -19.63 28.17 13.26
CA PHE C 345 -19.71 27.94 14.70
C PHE C 345 -20.71 26.83 15.03
N ASN C 346 -21.95 26.98 14.55
CA ASN C 346 -22.97 25.97 14.82
C ASN C 346 -22.65 24.65 14.15
N HIS C 347 -22.04 24.70 12.96
CA HIS C 347 -21.74 23.48 12.23
C HIS C 347 -20.82 22.56 13.03
N TRP C 348 -19.80 23.12 13.68
CA TRP C 348 -18.87 22.28 14.42
C TRP C 348 -19.27 22.10 15.87
N GLU C 349 -20.02 23.03 16.45
CA GLU C 349 -20.56 22.81 17.77
C GLU C 349 -21.55 21.65 17.75
N LEU C 350 -22.36 21.57 16.70
CA LEU C 350 -23.34 20.49 16.56
C LEU C 350 -22.65 19.13 16.42
N ARG C 351 -21.47 19.09 15.83
CA ARG C 351 -20.78 17.84 15.59
C ARG C 351 -19.83 17.47 16.72
N GLY C 352 -19.72 18.31 17.73
CA GLY C 352 -19.02 17.95 18.95
C GLY C 352 -17.53 18.22 18.98
N ILE C 353 -17.03 19.16 18.20
CA ILE C 353 -15.59 19.45 18.21
C ILE C 353 -15.23 20.07 19.56
N PRO C 354 -14.26 19.52 20.28
CA PRO C 354 -14.02 19.98 21.66
C PRO C 354 -13.58 21.42 21.76
N ILE C 355 -12.86 21.93 20.77
CA ILE C 355 -12.25 23.25 20.85
C ILE C 355 -12.37 23.96 19.50
N ARG C 356 -12.74 25.24 19.54
CA ARG C 356 -12.74 26.09 18.37
C ARG C 356 -11.76 27.24 18.59
N ILE C 357 -10.95 27.53 17.57
CA ILE C 357 -10.02 28.64 17.57
C ILE C 357 -10.47 29.62 16.49
N GLU C 358 -10.74 30.85 16.91
CA GLU C 358 -11.17 31.92 16.01
C GLU C 358 -10.01 32.88 15.78
N VAL C 359 -9.77 33.23 14.51
CA VAL C 359 -8.69 34.12 14.13
C VAL C 359 -9.26 35.24 13.29
N GLY C 360 -9.12 36.47 13.77
CA GLY C 360 -9.60 37.63 13.05
C GLY C 360 -8.50 38.66 12.83
N PRO C 361 -8.88 39.85 12.36
CA PRO C 361 -7.87 40.90 12.16
C PRO C 361 -7.33 41.44 13.47
N LYS C 362 -8.19 41.66 14.46
CA LYS C 362 -7.72 42.11 15.77
C LYS C 362 -6.80 41.08 16.41
N ASP C 363 -7.08 39.79 16.21
CA ASP C 363 -6.20 38.75 16.72
C ASP C 363 -4.92 38.65 15.91
N LEU C 364 -5.00 38.86 14.59
CA LEU C 364 -3.80 38.83 13.76
C LEU C 364 -2.90 40.02 14.06
N GLN C 365 -3.49 41.20 14.31
CA GLN C 365 -2.68 42.37 14.66
C GLN C 365 -2.11 42.24 16.07
N ASN C 366 -2.73 41.46 16.94
CA ASN C 366 -2.25 41.22 18.29
C ASN C 366 -1.40 39.96 18.41
N ASN C 367 -1.25 39.20 17.32
CA ASN C 367 -0.51 37.93 17.33
C ASN C 367 -1.08 36.98 18.38
N SER C 368 -2.39 36.79 18.32
CA SER C 368 -3.08 35.93 19.27
C SER C 368 -4.34 35.39 18.60
N CYS C 369 -5.27 34.88 19.40
CA CYS C 369 -6.53 34.30 18.95
C CYS C 369 -7.36 33.98 20.18
N VAL C 370 -8.66 33.82 19.96
CA VAL C 370 -9.58 33.44 21.02
C VAL C 370 -9.87 31.95 20.90
N ILE C 371 -9.84 31.25 22.02
CA ILE C 371 -10.04 29.81 22.07
C ILE C 371 -11.30 29.55 22.89
N VAL C 372 -12.25 28.82 22.29
CA VAL C 372 -13.57 28.60 22.87
C VAL C 372 -13.73 27.12 23.20
N ARG C 373 -14.18 26.83 24.42
CA ARG C 373 -14.42 25.46 24.86
C ARG C 373 -15.83 25.02 24.49
N ARG C 374 -15.97 23.73 24.16
CA ARG C 374 -17.27 23.24 23.73
C ARG C 374 -18.16 22.91 24.92
N ASP C 375 -17.57 22.49 26.04
CA ASP C 375 -18.35 22.09 27.20
C ASP C 375 -19.04 23.29 27.85
N ASN C 376 -18.30 24.37 28.14
CA ASN C 376 -18.85 25.51 28.87
C ASN C 376 -18.80 26.82 28.08
N ASN C 377 -18.44 26.78 26.80
CA ASN C 377 -18.44 27.94 25.91
C ASN C 377 -17.56 29.08 26.41
N GLU C 378 -16.57 28.79 27.24
CA GLU C 378 -15.71 29.84 27.78
C GLU C 378 -14.63 30.20 26.77
N LYS C 379 -14.35 31.50 26.65
CA LYS C 379 -13.38 32.02 25.72
C LYS C 379 -12.21 32.63 26.47
N CYS C 380 -11.02 32.60 25.85
CA CYS C 380 -9.84 33.23 26.43
C CYS C 380 -8.82 33.52 25.33
N ASN C 381 -8.08 34.61 25.50
CA ASN C 381 -7.07 35.00 24.53
C ASN C 381 -5.75 34.30 24.84
N VAL C 382 -5.08 33.84 23.79
CA VAL C 382 -3.82 33.10 23.91
C VAL C 382 -2.86 33.62 22.84
N LYS C 383 -1.62 33.92 23.24
CA LYS C 383 -0.62 34.33 22.28
C LYS C 383 -0.33 33.18 21.32
N LYS C 384 0.10 33.53 20.10
CA LYS C 384 0.31 32.53 19.06
C LYS C 384 1.30 31.47 19.51
N GLU C 385 2.42 31.89 20.10
CA GLU C 385 3.46 30.96 20.51
C GLU C 385 3.02 30.03 21.64
N SER C 386 1.94 30.37 22.34
CA SER C 386 1.46 29.58 23.45
C SER C 386 0.21 28.77 23.09
N VAL C 387 -0.18 28.73 21.82
CA VAL C 387 -1.41 28.05 21.44
C VAL C 387 -1.30 26.54 21.67
N LEU C 388 -0.14 25.96 21.32
CA LEU C 388 0.02 24.51 21.46
C LEU C 388 -0.11 24.06 22.91
N LEU C 389 0.60 24.73 23.82
CA LEU C 389 0.54 24.33 25.22
C LEU C 389 -0.84 24.58 25.82
N GLU C 390 -1.46 25.71 25.46
CA GLU C 390 -2.81 25.98 25.97
C GLU C 390 -3.81 24.98 25.43
N THR C 391 -3.64 24.56 24.17
CA THR C 391 -4.58 23.58 23.59
C THR C 391 -4.45 22.22 24.27
N GLN C 392 -3.21 21.79 24.51
CA GLN C 392 -3.00 20.51 25.16
C GLN C 392 -3.58 20.51 26.57
N GLN C 393 -3.29 21.55 27.35
CA GLN C 393 -3.80 21.60 28.71
C GLN C 393 -5.31 21.70 28.70
N MET C 394 -5.87 22.44 27.74
CA MET C 394 -7.31 22.64 27.71
C MET C 394 -8.04 21.36 27.33
N LEU C 395 -7.50 20.58 26.39
CA LEU C 395 -8.14 19.32 26.03
C LEU C 395 -8.25 18.38 27.23
N VAL C 396 -7.22 18.38 28.08
CA VAL C 396 -7.28 17.58 29.31
C VAL C 396 -8.32 18.16 30.26
N ASP C 397 -8.37 19.49 30.38
CA ASP C 397 -9.30 20.11 31.31
C ASP C 397 -10.74 19.89 30.90
N ILE C 398 -11.01 19.81 29.59
CA ILE C 398 -12.38 19.58 29.14
C ILE C 398 -12.85 18.20 29.57
N HIS C 399 -12.00 17.18 29.37
CA HIS C 399 -12.38 15.83 29.76
C HIS C 399 -12.59 15.72 31.26
N LYS C 400 -11.72 16.35 32.05
CA LYS C 400 -11.93 16.30 33.50
C LYS C 400 -13.24 16.98 33.88
N ASN C 401 -13.56 18.10 33.22
CA ASN C 401 -14.79 18.80 33.53
C ASN C 401 -16.02 17.98 33.16
N LEU C 402 -16.00 17.36 31.97
CA LEU C 402 -17.14 16.55 31.55
C LEU C 402 -17.38 15.41 32.51
N PHE C 403 -16.30 14.77 32.96
CA PHE C 403 -16.45 13.64 33.88
C PHE C 403 -16.93 14.10 35.25
N LEU C 404 -16.33 15.16 35.79
CA LEU C 404 -16.74 15.61 37.12
C LEU C 404 -18.19 16.04 37.15
N LYS C 405 -18.63 16.80 36.14
CA LYS C 405 -20.04 17.19 36.11
C LYS C 405 -20.95 15.97 36.02
N ALA C 406 -20.55 14.97 35.24
CA ALA C 406 -21.33 13.74 35.15
C ALA C 406 -21.31 12.99 36.47
N LYS C 407 -20.14 12.93 37.11
CA LYS C 407 -20.02 12.26 38.40
C LYS C 407 -20.90 12.92 39.46
N LYS C 408 -20.93 14.26 39.48
CA LYS C 408 -21.80 14.97 40.42
C LYS C 408 -23.27 14.67 40.13
N LYS C 409 -23.67 14.66 38.86
CA LYS C 409 -25.04 14.32 38.51
C LYS C 409 -25.39 12.91 38.98
N LEU C 410 -24.46 11.97 38.83
CA LEU C 410 -24.76 10.59 39.25
C LEU C 410 -24.91 10.51 40.76
N ASP C 411 -24.06 11.23 41.50
CA ASP C 411 -24.18 11.23 42.96
C ASP C 411 -25.52 11.82 43.40
N ASP C 412 -25.94 12.93 42.79
CA ASP C 412 -27.21 13.54 43.13
C ASP C 412 -28.40 12.72 42.66
N SER C 413 -28.18 11.65 41.91
CA SER C 413 -29.26 10.79 41.44
C SER C 413 -29.56 9.63 42.37
N ILE C 414 -28.80 9.50 43.46
CA ILE C 414 -28.96 8.39 44.40
C ILE C 414 -29.44 8.96 45.73
N VAL C 415 -30.60 8.47 46.18
CA VAL C 415 -31.15 8.82 47.48
C VAL C 415 -31.17 7.57 48.35
N GLN C 416 -30.56 7.66 49.52
CA GLN C 416 -30.45 6.55 50.45
C GLN C 416 -31.74 6.48 51.26
N VAL C 417 -32.45 5.36 51.17
CA VAL C 417 -33.71 5.19 51.88
C VAL C 417 -33.60 3.98 52.80
N THR C 418 -34.42 3.98 53.84
CA THR C 418 -34.49 2.89 54.79
C THR C 418 -35.84 2.21 54.84
N SER C 419 -36.88 2.78 54.22
CA SER C 419 -38.21 2.22 54.21
C SER C 419 -38.81 2.34 52.82
N PHE C 420 -39.74 1.43 52.52
CA PHE C 420 -40.42 1.50 51.24
C PHE C 420 -41.28 2.75 51.08
N SER C 421 -41.67 3.39 52.19
CA SER C 421 -42.50 4.60 52.13
C SER C 421 -41.75 5.79 51.56
N GLU C 422 -40.43 5.69 51.39
CA GLU C 422 -39.64 6.72 50.75
C GLU C 422 -39.41 6.48 49.28
N VAL C 423 -39.76 5.29 48.77
CA VAL C 423 -39.28 4.85 47.46
C VAL C 423 -39.97 5.63 46.34
N MET C 424 -41.31 5.62 46.30
CA MET C 424 -42.03 6.21 45.17
C MET C 424 -41.72 7.69 44.99
N ASN C 425 -41.48 8.41 46.09
CA ASN C 425 -41.12 9.83 45.98
C ASN C 425 -39.78 10.00 45.28
N ALA C 426 -38.88 9.02 45.41
CA ALA C 426 -37.59 9.11 44.76
C ALA C 426 -37.69 8.78 43.28
N LEU C 427 -38.44 7.73 42.93
CA LEU C 427 -38.60 7.39 41.52
C LEU C 427 -39.25 8.53 40.74
N ASN C 428 -40.24 9.19 41.33
CA ASN C 428 -40.91 10.30 40.65
C ASN C 428 -40.02 11.52 40.53
N LYS C 429 -38.96 11.63 41.34
CA LYS C 429 -37.94 12.66 41.15
C LYS C 429 -36.79 12.18 40.25
N LYS C 430 -37.01 11.12 39.47
CA LYS C 430 -36.02 10.56 38.54
C LYS C 430 -34.73 10.16 39.26
N LYS C 431 -34.87 9.60 40.46
CA LYS C 431 -33.74 9.17 41.27
C LYS C 431 -33.69 7.65 41.37
N MET C 432 -32.53 7.15 41.77
CA MET C 432 -32.33 5.78 42.24
C MET C 432 -32.41 5.74 43.76
N VAL C 433 -32.74 4.56 44.30
CA VAL C 433 -32.73 4.35 45.75
C VAL C 433 -31.65 3.34 46.09
N LEU C 434 -30.84 3.68 47.10
CA LEU C 434 -29.92 2.73 47.74
C LEU C 434 -30.60 2.31 49.04
N ALA C 435 -30.96 1.04 49.13
CA ALA C 435 -31.76 0.55 50.25
C ALA C 435 -31.14 -0.69 50.86
N PRO C 436 -31.23 -0.84 52.19
CA PRO C 436 -30.81 -2.10 52.81
C PRO C 436 -31.79 -3.22 52.45
N TRP C 437 -31.25 -4.32 51.94
CA TRP C 437 -32.07 -5.36 51.34
C TRP C 437 -31.64 -6.73 51.86
N CYS C 438 -32.61 -7.63 52.03
CA CYS C 438 -32.33 -8.98 52.49
C CYS C 438 -31.83 -9.91 51.37
N GLU C 439 -31.96 -9.49 50.11
CA GLU C 439 -31.49 -10.18 48.92
C GLU C 439 -32.22 -11.51 48.64
N ASP C 440 -33.44 -11.67 49.15
CA ASP C 440 -34.26 -12.84 48.81
C ASP C 440 -34.81 -12.68 47.40
N ILE C 441 -34.62 -13.71 46.57
CA ILE C 441 -35.00 -13.58 45.16
C ILE C 441 -36.52 -13.49 45.03
N ALA C 442 -37.26 -14.02 46.00
CA ALA C 442 -38.71 -13.96 45.96
C ALA C 442 -39.21 -12.51 46.03
N THR C 443 -38.45 -11.63 46.67
CA THR C 443 -38.84 -10.24 46.83
C THR C 443 -38.55 -9.39 45.59
N GLU C 444 -37.81 -9.92 44.62
CA GLU C 444 -37.47 -9.11 43.45
C GLU C 444 -38.71 -8.84 42.61
N GLU C 445 -39.52 -9.88 42.37
CA GLU C 445 -40.78 -9.66 41.67
C GLU C 445 -41.77 -8.88 42.53
N GLU C 446 -41.78 -9.13 43.84
CA GLU C 446 -42.70 -8.40 44.71
C GLU C 446 -42.45 -6.90 44.61
N ILE C 447 -41.18 -6.51 44.64
CA ILE C 447 -40.85 -5.08 44.59
C ILE C 447 -41.22 -4.49 43.24
N LYS C 448 -41.04 -5.26 42.16
CA LYS C 448 -41.43 -4.82 40.82
C LYS C 448 -42.93 -4.60 40.74
N LYS C 449 -43.72 -5.57 41.23
CA LYS C 449 -45.17 -5.47 41.13
C LYS C 449 -45.69 -4.23 41.82
N GLU C 450 -45.18 -3.93 43.01
CA GLU C 450 -45.75 -2.83 43.78
C GLU C 450 -45.34 -1.48 43.23
N THR C 451 -44.07 -1.29 42.90
CA THR C 451 -43.66 -0.02 42.32
C THR C 451 -44.34 0.20 40.97
N GLN C 452 -44.60 -0.87 40.22
CA GLN C 452 -45.35 -0.75 38.98
C GLN C 452 -46.78 -0.30 39.24
N ARG C 453 -47.42 -0.93 40.23
CA ARG C 453 -48.81 -0.60 40.54
C ARG C 453 -48.96 0.83 41.02
N LEU C 454 -48.00 1.31 41.82
CA LEU C 454 -48.02 2.67 42.36
C LEU C 454 -47.60 3.72 41.32
N SER C 455 -47.21 3.32 40.12
CA SER C 455 -46.89 4.28 39.08
C SER C 455 -48.12 4.75 38.33
N LEU C 456 -49.25 4.08 38.49
CA LEU C 456 -50.48 4.40 37.78
C LEU C 456 -51.35 5.38 38.58
N THR C 464 -44.81 4.61 27.80
CA THR C 464 -44.16 3.66 26.91
C THR C 464 -43.42 2.61 27.74
N LEU C 465 -42.36 3.06 28.42
CA LEU C 465 -41.55 2.15 29.21
C LEU C 465 -42.27 1.80 30.51
N SER C 466 -41.61 0.97 31.33
CA SER C 466 -42.21 0.43 32.54
C SER C 466 -41.86 1.28 33.75
N GLY C 467 -42.85 1.53 34.61
CA GLY C 467 -42.66 2.20 35.87
C GLY C 467 -42.18 1.30 36.99
N ALA C 468 -41.95 0.02 36.70
CA ALA C 468 -41.47 -0.90 37.71
C ALA C 468 -40.04 -0.59 38.12
N MET C 469 -39.69 -0.96 39.34
CA MET C 469 -38.37 -0.76 39.90
C MET C 469 -37.73 -2.13 40.11
N LYS C 470 -36.50 -2.29 39.66
CA LYS C 470 -35.83 -3.58 39.78
C LYS C 470 -34.48 -3.40 40.45
N PRO C 471 -33.92 -4.47 41.00
CA PRO C 471 -32.56 -4.41 41.55
C PRO C 471 -31.54 -4.19 40.44
N LEU C 472 -30.75 -3.13 40.57
CA LEU C 472 -29.75 -2.78 39.55
C LEU C 472 -28.42 -3.49 39.81
N CYS C 473 -27.80 -3.22 40.97
CA CYS C 473 -26.62 -3.93 41.41
C CYS C 473 -26.42 -3.68 42.89
N ILE C 474 -25.82 -4.67 43.55
CA ILE C 474 -25.34 -4.51 44.93
C ILE C 474 -23.94 -3.89 44.85
N PRO C 475 -23.78 -2.61 45.20
CA PRO C 475 -22.50 -1.93 44.92
C PRO C 475 -21.34 -2.50 45.72
N LEU C 476 -20.17 -2.51 45.09
CA LEU C 476 -18.96 -2.97 45.76
C LEU C 476 -18.55 -2.01 46.88
N ASP C 477 -18.67 -0.70 46.64
CA ASP C 477 -18.40 0.29 47.68
C ASP C 477 -19.60 0.33 48.60
N GLN C 478 -19.59 -0.51 49.63
CA GLN C 478 -20.73 -0.67 50.53
C GLN C 478 -20.64 0.33 51.68
N PRO C 479 -21.73 1.02 52.02
CA PRO C 479 -21.75 1.81 53.25
C PRO C 479 -21.87 0.89 54.46
N PRO C 480 -21.58 1.39 55.65
CA PRO C 480 -21.75 0.56 56.86
C PRO C 480 -23.19 0.09 57.00
N MET C 481 -23.35 -1.21 57.28
CA MET C 481 -24.64 -1.83 57.54
C MET C 481 -24.75 -2.09 59.03
N PRO C 482 -25.33 -1.18 59.81
CA PRO C 482 -25.36 -1.37 61.26
C PRO C 482 -26.15 -2.62 61.63
N PRO C 483 -25.77 -3.29 62.72
CA PRO C 483 -26.53 -4.46 63.17
C PRO C 483 -28.02 -4.15 63.32
N ASN C 484 -28.84 -5.17 63.05
CA ASN C 484 -30.29 -5.13 63.18
C ASN C 484 -30.95 -4.22 62.14
N MET C 485 -30.21 -3.75 61.14
CA MET C 485 -30.81 -2.98 60.07
C MET C 485 -31.77 -3.85 59.27
N LYS C 486 -33.01 -3.41 59.15
CA LYS C 486 -34.04 -4.23 58.55
C LYS C 486 -34.17 -3.94 57.05
N CYS C 487 -34.58 -4.97 56.30
CA CYS C 487 -34.82 -4.85 54.87
C CYS C 487 -35.97 -3.88 54.61
N PHE C 488 -35.75 -2.93 53.70
CA PHE C 488 -36.75 -1.89 53.45
C PHE C 488 -38.06 -2.45 52.91
N TRP C 489 -38.06 -3.69 52.39
CA TRP C 489 -39.26 -4.29 51.84
C TRP C 489 -39.85 -5.38 52.73
N SER C 490 -39.06 -6.37 53.13
CA SER C 490 -39.59 -7.53 53.84
C SER C 490 -39.58 -7.38 55.35
N GLY C 491 -38.80 -6.44 55.89
CA GLY C 491 -38.62 -6.36 57.33
C GLY C 491 -37.61 -7.33 57.89
N LYS C 492 -37.14 -8.29 57.09
CA LYS C 492 -36.14 -9.26 57.54
C LYS C 492 -34.78 -8.56 57.68
N PRO C 493 -33.80 -9.21 58.30
CA PRO C 493 -32.48 -8.60 58.42
C PRO C 493 -31.90 -8.26 57.04
N ALA C 494 -31.38 -7.04 56.93
CA ALA C 494 -30.73 -6.64 55.69
C ALA C 494 -29.30 -7.17 55.64
N LYS C 495 -28.89 -7.64 54.47
CA LYS C 495 -27.53 -8.13 54.27
C LYS C 495 -26.60 -7.03 53.77
N ARG C 496 -26.94 -6.41 52.64
CA ARG C 496 -26.14 -5.32 52.08
C ARG C 496 -27.07 -4.26 51.53
N TRP C 497 -26.51 -3.08 51.28
CA TRP C 497 -27.23 -2.06 50.53
C TRP C 497 -27.32 -2.46 49.06
N CYS C 498 -28.41 -2.07 48.43
CA CYS C 498 -28.63 -2.40 47.03
C CYS C 498 -29.22 -1.19 46.30
N LEU C 499 -28.86 -1.04 45.03
CA LEU C 499 -29.37 0.03 44.19
C LEU C 499 -30.60 -0.46 43.44
N PHE C 500 -31.73 0.24 43.63
CA PHE C 500 -32.95 -0.03 42.89
C PHE C 500 -33.33 1.19 42.07
N GLY C 501 -33.92 0.96 40.91
CA GLY C 501 -34.40 2.06 40.09
C GLY C 501 -35.13 1.53 38.87
N ARG C 502 -35.68 2.47 38.11
CA ARG C 502 -36.31 2.13 36.84
C ARG C 502 -35.25 1.99 35.75
N SER C 503 -35.44 1.04 34.84
CA SER C 503 -34.40 0.72 33.88
C SER C 503 -34.91 0.80 32.45
N TYR C 504 -33.97 0.78 31.51
CA TYR C 504 -34.31 0.72 30.10
C TYR C 504 -34.77 -0.67 29.77
N1 9XM D . -19.78 -9.79 -5.92
N3 9XM D . -15.02 -8.85 -4.78
C4 9XM D . -19.31 -11.04 -5.64
C5 9XM D . -18.86 -8.74 -6.38
C6 9XM D . -18.55 -7.73 -5.27
C7 9XM D . -18.11 -6.37 -5.74
C8 9XM D . -17.26 -5.59 -4.72
C10 9XM D . -15.92 -4.26 -2.88
C13 9XM D . -15.14 -7.88 -5.74
C15 9XM D . -11.50 -11.58 -4.19
C17 9XM D . -13.50 -12.45 -5.63
C20 9XM D . -13.41 -16.10 -0.67
C21 9XM D . -12.45 -16.56 1.35
C22 9XM D . -11.65 -15.44 1.23
C24 9XM D . -16.43 -17.81 -2.17
C26 9XM D . -17.17 -19.96 -1.48
C28 9XM D . -15.98 -18.85 -3.20
N 9XM D . -20.00 -12.02 -5.18
C 9XM D . -24.07 -11.39 -4.53
O 9XM D . -18.63 -8.01 -4.10
C1 9XM D . -23.48 -12.62 -4.23
C11 9XM D . -15.42 -5.68 -3.00
C12 9XM D . -16.12 -6.41 -4.12
C14 9XM D . -12.62 -10.57 -4.28
C16 9XM D . -13.31 -13.22 -4.33
C18 9XM D . -11.72 -13.30 -2.47
C19 9XM D . -12.56 -14.98 -0.79
C2 9XM D . -22.13 -12.82 -4.45
C23 9XM D . -14.44 -16.46 -1.69
C25 9XM D . -17.57 -18.51 -1.41
C27 9XM D . -16.25 -20.15 -2.49
C29 9XM D . -15.69 -21.42 -2.70
C3 9XM D . -21.35 -11.78 -4.96
C30 9XM D . -16.08 -22.47 -1.90
C31 9XM D . -17.01 -22.28 -0.89
C32 9XM D . -17.56 -21.03 -0.69
C33 9XM D . -21.12 -9.45 -5.76
C34 9XM D . -21.94 -10.55 -5.24
C35 9XM D . -23.30 -10.36 -5.03
C9 9XM D . -17.40 -4.24 -2.65
N2 9XM D . -18.10 -5.09 -3.62
N4 9XM D . -13.59 -11.01 -5.32
N5 9XM D . -12.01 -12.87 -3.73
N6 9XM D . -12.60 -14.20 -1.94
N7 9XM D . -13.34 -16.90 0.41
N8 9XM D . -11.69 -14.64 0.16
N9 9XM D . -15.34 -17.36 -1.31
O1 9XM D . -15.13 -6.66 -5.16
O2 9XM D . -15.31 -8.08 -6.92
O3 9XM D . -15.67 -10.67 -6.43
O4 9XM D . -15.63 -11.08 -3.99
O5 9XM D . -10.76 -12.87 -1.86
O6 9XM D . -14.44 -15.95 -2.81
O7 9XM D . -21.52 -8.33 -6.00
S 9XM D . -15.07 -10.48 -5.15
BR 9XM D . -24.49 -14.01 -3.44
CL 9XM D . -25.77 -11.14 -4.31
C1 EDO E . 3.06 -16.23 16.36
O1 EDO E . 4.22 -15.39 16.48
C2 EDO E . 1.77 -15.40 16.33
O2 EDO E . 1.66 -14.62 15.13
C1 EDO F . -13.18 -16.90 -6.59
O1 EDO F . -11.97 -17.65 -6.36
C2 EDO F . -12.95 -15.90 -7.72
O2 EDO F . -11.69 -15.25 -7.50
C1 EDO G . -22.73 -29.20 4.36
O1 EDO G . -22.71 -28.70 5.71
C2 EDO G . -23.54 -28.26 3.47
O2 EDO G . -23.12 -28.47 2.12
C1 EDO H . -11.62 -17.63 6.66
O1 EDO H . -11.19 -19.01 6.70
C2 EDO H . -12.59 -17.28 7.80
O2 EDO H . -12.70 -15.84 7.85
C1 EDO I . -17.63 -5.48 12.77
O1 EDO I . -16.62 -4.90 11.93
C2 EDO I . -16.94 -6.26 13.90
O2 EDO I . -15.90 -5.47 14.51
N1 9XM J . 34.28 -1.01 -35.73
N3 9XM J . 33.84 2.66 -32.60
C4 9XM J . 33.25 -1.43 -34.93
C5 9XM J . 35.01 0.21 -35.41
C6 9XM J . 34.64 1.32 -36.35
C7 9XM J . 35.72 2.34 -36.62
C8 9XM J . 35.22 3.78 -36.75
C10 9XM J . 34.24 6.29 -37.03
C13 9XM J . 34.04 3.85 -33.29
C15 9XM J . 30.31 4.00 -30.05
C17 9XM J . 31.20 1.48 -30.30
C20 9XM J . 25.24 0.74 -31.23
C21 9XM J . 23.21 1.73 -31.57
C22 9XM J . 23.78 2.97 -31.35
C24 9XM J . 25.99 -2.94 -31.76
C26 9XM J . 24.35 -4.65 -31.58
C28 9XM J . 26.10 -3.60 -30.38
N 9XM J . 32.49 -2.45 -35.14
C 9XM J . 33.20 -4.67 -38.59
O 9XM J . 33.55 1.37 -36.88
C1 9XM J . 32.14 -4.98 -37.75
C11 9XM J . 34.00 5.65 -35.66
C12 9XM J . 34.17 4.15 -35.71
C14 9XM J . 31.40 3.78 -31.10
C16 9XM J . 29.75 1.62 -29.88
C18 9XM J . 27.93 3.23 -30.40
C19 9XM J . 25.80 2.00 -31.00
C2 9XM J . 31.93 -4.27 -36.59
C23 9XM J . 26.01 -0.54 -31.22
C25 9XM J . 25.17 -3.92 -32.61
C27 9XM J . 24.89 -4.47 -30.32
C29 9XM J . 24.27 -5.06 -29.22
C3 9XM J . 32.76 -3.18 -36.29
C30 9XM J . 23.13 -5.83 -29.39
C31 9XM J . 22.59 -6.00 -30.64
C32 9XM J . 23.19 -5.41 -31.75
C33 9XM J . 34.63 -1.68 -36.89
C34 9XM J . 33.80 -2.86 -37.17
C35 9XM J . 34.03 -3.60 -38.31
C9 9XM J . 33.91 5.32 -38.15
N2 9XM J . 34.69 4.08 -38.09
N4 9XM J . 31.43 2.35 -31.46
N5 9XM J . 29.27 2.97 -30.18
N6 9XM J . 27.15 2.13 -30.65
N7 9XM J . 23.92 0.59 -31.51
N8 9XM J . 25.08 3.12 -31.05
N9 9XM J . 25.36 -1.62 -31.69
O1 9XM J . 34.68 3.59 -34.46
O2 9XM J . 33.66 4.95 -32.93
O3 9XM J . 31.68 2.09 -33.83
O4 9XM J . 32.73 0.43 -32.33
O5 9XM J . 27.49 4.38 -30.38
O6 9XM J . 27.17 -0.58 -30.81
O7 9XM J . 35.50 -1.27 -37.62
S 9XM J . 32.39 1.79 -32.63
BR 9XM J . 30.93 -6.36 -38.19
CL 9XM J . 33.49 -5.58 -40.04
C1 EDO K . 54.65 6.20 -37.93
O1 EDO K . 55.05 5.63 -39.19
C2 EDO K . 55.53 7.41 -37.59
O2 EDO K . 55.41 8.39 -38.62
C1 EDO L . 9.73 16.73 -30.00
O1 EDO L . 11.13 16.53 -29.69
C2 EDO L . 8.80 16.64 -28.77
O2 EDO L . 7.89 17.77 -28.72
N1 9XM M . -27.18 -13.55 26.72
N3 9XM M . -24.25 -9.42 28.45
C4 9XM M . -27.93 -12.49 26.31
C5 9XM M . -26.13 -13.37 27.72
C6 9XM M . -24.73 -13.43 27.13
C7 9XM M . -23.63 -13.80 28.09
C8 9XM M . -22.27 -13.17 27.78
C10 9XM M . -19.91 -12.24 27.08
C13 9XM M . -23.82 -10.63 28.96
C15 9XM M . -27.51 -5.75 27.42
C17 9XM M . -24.84 -6.75 28.26
C20 9XM M . -28.29 -4.05 23.19
C21 9XM M . -27.58 -2.54 21.64
C22 9XM M . -26.41 -2.33 22.36
C24 9XM M . -31.40 -6.21 22.92
C26 9XM M . -33.16 -5.51 21.49
C28 9XM M . -32.47 -5.50 23.75
N 9XM M . -28.85 -12.51 25.42
C 9XM M . -29.59 -16.13 23.49
O 9XM M . -24.51 -13.19 25.95
C1 9XM M . -30.29 -14.99 23.13
C11 9XM M . -21.02 -11.24 26.79
C12 9XM M . -22.32 -11.70 27.40
C14 9XM M . -27.28 -6.97 28.28
C16 9XM M . -25.26 -5.29 28.29
C18 9XM M . -26.05 -4.29 26.13
C19 9XM M . -27.12 -3.83 23.92
C2 9XM M . -30.07 -13.79 23.79
C23 9XM M . -29.31 -5.08 23.58
C25 9XM M . -32.11 -6.58 21.61
C27 9XM M . -33.37 -4.90 22.71
C29 9XM M . -34.30 -3.86 22.82
C3 9XM M . -29.10 -13.73 24.80
C30 9XM M . -35.01 -3.45 21.70
C31 9XM M . -34.81 -4.06 20.49
C32 9XM M . -33.89 -5.10 20.37
C33 9XM M . -27.35 -14.82 26.18
C34 9XM M . -28.39 -14.89 25.14
C35 9XM M . -28.64 -16.08 24.48
C9 9XM M . -20.23 -13.58 26.49
N2 9XM M . -21.65 -13.92 26.68
N4 9XM M . -26.00 -7.57 27.88
N5 9XM M . -26.25 -5.02 27.24
N6 9XM M . -26.92 -4.51 25.11
N7 9XM M . -28.54 -3.39 22.05
N8 9XM M . -26.17 -2.97 23.51
N9 9XM M . -30.24 -5.33 22.65
O1 9XM M . -22.54 -10.85 28.57
O2 9XM M . -24.51 -11.41 29.59
O3 9XM M . -26.65 -9.47 29.23
O4 9XM M . -26.14 -9.77 26.83
O5 9XM M . -25.12 -3.49 26.05
O6 9XM M . -29.27 -5.64 24.67
O7 9XM M . -26.69 -15.77 26.56
S 9XM M . -25.87 -9.13 28.08
BR 9XM M . -31.53 -15.00 21.70
CL 9XM M . -29.87 -17.64 22.67
C1 EDO N . -15.75 13.08 14.76
O1 EDO N . -15.50 12.23 15.89
C2 EDO N . -15.49 14.55 15.12
O2 EDO N . -14.18 14.96 14.71
C1 EDO O . -30.86 -5.06 29.26
O1 EDO O . -31.38 -4.15 28.27
C2 EDO O . -29.69 -4.46 30.04
O2 EDO O . -30.08 -3.28 30.77
C1 EDO P . -0.90 -16.31 32.62
O1 EDO P . -1.97 -15.69 31.89
C2 EDO P . -1.04 -16.01 34.11
O2 EDO P . -2.29 -16.51 34.63
#